data_6J9U
#
_entry.id   6J9U
#
_cell.length_a   165.320
_cell.length_b   82.800
_cell.length_c   180.150
_cell.angle_alpha   90.00
_cell.angle_beta   91.52
_cell.angle_gamma   90.00
#
_symmetry.space_group_name_H-M   'C 1 2 1'
#
loop_
_entity.id
_entity.type
_entity.pdbx_description
1 polymer 'L-lactate dehydrogenase'
2 non-polymer 'PYRUVIC ACID'
3 non-polymer 'SULFATE ION'
4 water water
#
_entity_poly.entity_id   1
_entity_poly.type   'polypeptide(L)'
_entity_poly.pdbx_seq_one_letter_code
;MASITDKDHQKVILVGDGAVGSSYAYAMVLQGIAQEIGIVDIFKDKTKGDAIDLEDALPFTSPKKIYSAEYSDAKDADLV
VITAGAPQKPGETRLDLVNKNLKILKSIVDPIVDSGFNGIFLVAANPVDILTYATWKLSGFPKNRVVGSGTSLDTARFRQ
SIAKMVNVDARSVHAYIMGEHGDTEFPVWSHANIGGVTIAEWVKAHPEIKEDKLVKMFEDVRNKAYEIIKLKGATFYGIA
TALARISKAILNDENAVLPLSVYMDGQYGLNDIYIGTPAVINRNGIQNILEIPLTDHEEESMQKSASQLKKVLTDAFAKN
DIETRQ
;
_entity_poly.pdbx_strand_id   A,B,C,D,E,F
#
# COMPACT_ATOMS: atom_id res chain seq x y z
N ILE A 4 23.45 -43.92 37.41
CA ILE A 4 24.70 -43.58 36.63
C ILE A 4 24.42 -43.51 35.14
N THR A 5 23.55 -44.38 34.64
CA THR A 5 23.14 -44.36 33.25
C THR A 5 22.36 -43.09 32.88
N ASP A 6 21.99 -42.28 33.88
CA ASP A 6 21.36 -40.98 33.63
C ASP A 6 22.27 -40.07 32.79
N LYS A 7 23.56 -40.31 32.89
CA LYS A 7 24.54 -39.64 32.07
C LYS A 7 24.68 -40.18 30.63
N ASP A 8 23.93 -41.19 30.23
CA ASP A 8 24.00 -41.69 28.84
C ASP A 8 23.01 -40.92 27.97
N HIS A 9 23.12 -39.61 27.98
CA HIS A 9 22.34 -38.78 27.10
C HIS A 9 23.29 -37.74 26.57
N GLN A 10 23.53 -37.74 25.27
CA GLN A 10 24.49 -36.84 24.67
C GLN A 10 23.81 -35.69 23.95
N LYS A 11 24.37 -34.50 24.19
CA LYS A 11 23.73 -33.27 23.77
C LYS A 11 24.69 -32.35 23.01
N VAL A 12 24.26 -31.90 21.86
CA VAL A 12 25.06 -30.99 21.07
C VAL A 12 24.28 -29.70 20.90
N ILE A 13 24.94 -28.57 21.14
CA ILE A 13 24.41 -27.27 20.79
C ILE A 13 25.16 -26.81 19.55
N LEU A 14 24.41 -26.54 18.50
CA LEU A 14 24.95 -26.10 17.24
C LEU A 14 24.67 -24.62 17.13
N VAL A 15 25.71 -23.84 16.89
CA VAL A 15 25.55 -22.40 16.75
C VAL A 15 25.83 -22.02 15.32
N GLY A 16 24.82 -21.47 14.66
CA GLY A 16 24.93 -21.16 13.23
C GLY A 16 24.16 -22.16 12.40
N ASP A 17 23.10 -21.68 11.77
CA ASP A 17 22.20 -22.54 11.02
C ASP A 17 22.19 -22.19 9.56
N GLY A 18 23.37 -21.92 9.03
CA GLY A 18 23.50 -21.79 7.58
C GLY A 18 23.44 -23.16 6.94
N ALA A 19 23.93 -23.25 5.72
CA ALA A 19 23.98 -24.52 5.04
C ALA A 19 24.89 -25.53 5.77
N VAL A 20 26.02 -25.07 6.27
CA VAL A 20 26.93 -25.96 6.98
C VAL A 20 26.28 -26.55 8.22
N GLY A 21 25.78 -25.69 9.09
CA GLY A 21 25.23 -26.14 10.37
C GLY A 21 24.04 -27.03 10.14
N SER A 22 23.20 -26.62 9.20
CA SER A 22 22.01 -27.39 8.87
C SER A 22 22.38 -28.80 8.37
N SER A 23 23.37 -28.87 7.48
CA SER A 23 23.86 -30.14 6.96
C SER A 23 24.52 -30.98 8.01
N TYR A 24 25.22 -30.32 8.93
CA TYR A 24 25.84 -31.03 10.02
C TYR A 24 24.76 -31.71 10.85
N ALA A 25 23.68 -30.97 11.11
CA ALA A 25 22.60 -31.50 11.90
C ALA A 25 21.99 -32.71 11.22
N TYR A 26 21.80 -32.60 9.92
CA TYR A 26 21.23 -33.68 9.17
C TYR A 26 22.14 -34.88 9.25
N ALA A 27 23.44 -34.66 9.13
CA ALA A 27 24.37 -35.79 9.16
C ALA A 27 24.29 -36.51 10.48
N MET A 28 24.19 -35.73 11.55
CA MET A 28 24.11 -36.28 12.89
C MET A 28 22.84 -37.09 13.06
N VAL A 29 21.76 -36.59 12.51
CA VAL A 29 20.47 -37.31 12.52
C VAL A 29 20.53 -38.63 11.75
N LEU A 30 20.99 -38.57 10.50
CA LEU A 30 21.10 -39.75 9.69
C LEU A 30 21.99 -40.83 10.27
N GLN A 31 23.08 -40.46 10.91
CA GLN A 31 23.98 -41.46 11.44
C GLN A 31 23.74 -41.73 12.92
N GLY A 32 22.71 -41.15 13.49
CA GLY A 32 22.35 -41.47 14.85
C GLY A 32 23.44 -41.14 15.86
N ILE A 33 24.12 -40.03 15.67
CA ILE A 33 25.12 -39.53 16.61
C ILE A 33 24.46 -38.52 17.53
N ALA A 34 24.58 -38.77 18.85
CA ALA A 34 23.98 -37.94 19.90
C ALA A 34 22.48 -38.06 19.98
N GLN A 35 21.93 -37.75 21.15
CA GLN A 35 20.51 -37.89 21.36
C GLN A 35 19.77 -36.56 21.42
N GLU A 36 20.49 -35.43 21.42
CA GLU A 36 19.82 -34.12 21.49
C GLU A 36 20.59 -33.08 20.73
N ILE A 37 19.89 -32.31 19.92
CA ILE A 37 20.52 -31.23 19.17
C ILE A 37 19.71 -29.97 19.35
N GLY A 38 20.36 -28.96 19.91
CA GLY A 38 19.79 -27.63 19.99
C GLY A 38 20.43 -26.77 18.93
N ILE A 39 19.60 -26.00 18.22
CA ILE A 39 20.08 -25.15 17.15
C ILE A 39 19.90 -23.69 17.47
N VAL A 40 20.98 -22.94 17.47
CA VAL A 40 20.98 -21.54 17.88
C VAL A 40 21.41 -20.67 16.73
N ASP A 41 20.61 -19.66 16.43
CA ASP A 41 20.95 -18.70 15.36
C ASP A 41 20.12 -17.44 15.57
N ILE A 42 20.70 -16.32 15.18
CA ILE A 42 20.08 -15.01 15.02
C ILE A 42 18.64 -15.14 14.49
N PHE A 43 18.49 -15.87 13.39
CA PHE A 43 17.20 -16.10 12.72
C PHE A 43 16.42 -17.21 13.39
N LYS A 44 15.63 -16.83 14.38
CA LYS A 44 14.89 -17.76 15.21
C LYS A 44 13.83 -18.56 14.37
N ASP A 45 13.22 -17.91 13.38
CA ASP A 45 12.33 -18.64 12.46
C ASP A 45 13.03 -19.73 11.64
N LYS A 46 14.19 -19.42 11.09
CA LYS A 46 14.89 -20.38 10.30
C LYS A 46 15.25 -21.60 11.16
N THR A 47 15.69 -21.39 12.40
CA THR A 47 16.07 -22.54 13.24
C THR A 47 14.86 -23.41 13.65
N LYS A 48 13.71 -22.81 13.88
CA LYS A 48 12.50 -23.55 14.10
C LYS A 48 12.18 -24.37 12.86
N GLY A 49 12.32 -23.74 11.69
CA GLY A 49 12.08 -24.39 10.42
C GLY A 49 12.92 -25.62 10.19
N ASP A 50 14.21 -25.54 10.48
CA ASP A 50 15.10 -26.69 10.32
C ASP A 50 14.80 -27.77 11.35
N ALA A 51 14.66 -27.38 12.61
CA ALA A 51 14.33 -28.32 13.67
C ALA A 51 13.15 -29.20 13.30
N ILE A 52 12.06 -28.63 12.82
CA ILE A 52 10.91 -29.45 12.57
C ILE A 52 10.98 -30.16 11.21
N ASP A 53 11.82 -29.69 10.31
CA ASP A 53 12.03 -30.41 9.05
C ASP A 53 12.91 -31.64 9.35
N LEU A 54 13.94 -31.48 10.16
CA LEU A 54 14.78 -32.58 10.59
C LEU A 54 14.04 -33.64 11.41
N GLU A 55 13.09 -33.22 12.23
CA GLU A 55 12.30 -34.17 13.02
C GLU A 55 11.59 -35.18 12.16
N ASP A 56 11.19 -34.79 10.96
CA ASP A 56 10.51 -35.68 10.06
C ASP A 56 11.38 -36.86 9.63
N ALA A 57 12.69 -36.74 9.76
CA ALA A 57 13.61 -37.83 9.41
C ALA A 57 13.71 -38.89 10.50
N LEU A 58 13.34 -38.55 11.72
CA LEU A 58 13.61 -39.42 12.88
C LEU A 58 12.93 -40.77 12.90
N PRO A 59 11.70 -40.86 12.39
CA PRO A 59 11.11 -42.19 12.30
C PRO A 59 11.87 -43.17 11.41
N PHE A 60 12.78 -42.69 10.58
CA PHE A 60 13.60 -43.54 9.74
C PHE A 60 15.02 -43.70 10.29
N THR A 61 15.29 -43.23 11.52
CA THR A 61 16.66 -43.25 12.08
C THR A 61 16.54 -43.50 13.60
N SER A 62 17.53 -43.20 14.40
CA SER A 62 17.33 -43.27 15.86
C SER A 62 16.70 -41.98 16.41
N PRO A 63 16.11 -42.03 17.62
CA PRO A 63 15.46 -40.86 18.20
C PRO A 63 16.41 -39.74 18.67
N LYS A 64 15.88 -38.53 18.73
CA LYS A 64 16.62 -37.37 19.10
C LYS A 64 15.62 -36.32 19.53
N LYS A 65 16.04 -35.52 20.50
CA LYS A 65 15.34 -34.31 20.80
C LYS A 65 16.00 -33.21 19.93
N ILE A 66 15.25 -32.60 19.02
CA ILE A 66 15.77 -31.55 18.16
C ILE A 66 14.90 -30.31 18.30
N TYR A 67 15.52 -29.16 18.54
CA TYR A 67 14.75 -27.96 18.78
C TYR A 67 15.56 -26.70 18.52
N SER A 68 14.83 -25.61 18.28
CA SER A 68 15.39 -24.26 18.23
C SER A 68 15.83 -23.86 19.63
N ALA A 69 17.09 -23.51 19.79
CA ALA A 69 17.65 -23.32 21.12
C ALA A 69 18.21 -21.93 21.38
N GLU A 70 18.50 -21.68 22.66
CA GLU A 70 19.15 -20.48 23.13
C GLU A 70 20.51 -20.83 23.71
N TYR A 71 21.40 -19.85 23.81
CA TYR A 71 22.75 -20.08 24.35
C TYR A 71 22.68 -20.70 25.74
N SER A 72 21.65 -20.36 26.50
CA SER A 72 21.48 -20.89 27.86
C SER A 72 21.26 -22.42 27.88
N ASP A 73 20.75 -22.96 26.77
CA ASP A 73 20.57 -24.42 26.62
C ASP A 73 21.89 -25.18 26.59
N ALA A 74 23.03 -24.49 26.53
CA ALA A 74 24.33 -25.17 26.53
C ALA A 74 24.82 -25.58 27.92
N LYS A 75 24.07 -25.24 28.96
CA LYS A 75 24.49 -25.51 30.34
C LYS A 75 25.05 -26.91 30.49
N ASP A 76 24.32 -27.88 29.97
CA ASP A 76 24.65 -29.31 30.14
C ASP A 76 25.02 -30.02 28.83
N ALA A 77 25.41 -29.26 27.83
CA ALA A 77 25.77 -29.84 26.56
C ALA A 77 27.13 -30.50 26.64
N ASP A 78 27.30 -31.55 25.87
CA ASP A 78 28.60 -32.21 25.71
C ASP A 78 29.46 -31.45 24.75
N LEU A 79 28.81 -30.78 23.81
CA LEU A 79 29.48 -30.33 22.61
C LEU A 79 28.85 -29.02 22.12
N VAL A 80 29.68 -28.02 21.86
CA VAL A 80 29.22 -26.80 21.22
C VAL A 80 29.97 -26.64 19.92
N VAL A 81 29.22 -26.60 18.83
CA VAL A 81 29.77 -26.55 17.48
C VAL A 81 29.46 -25.20 16.85
N ILE A 82 30.51 -24.48 16.47
CA ILE A 82 30.34 -23.11 16.01
C ILE A 82 30.59 -23.05 14.53
N THR A 83 29.53 -22.77 13.79
CA THR A 83 29.59 -22.67 12.32
C THR A 83 29.20 -21.29 11.84
N ALA A 84 28.76 -20.42 12.75
CA ALA A 84 28.26 -19.07 12.39
C ALA A 84 29.39 -18.20 11.82
N GLY A 85 29.35 -17.99 10.52
CA GLY A 85 30.27 -17.10 9.83
C GLY A 85 29.53 -16.04 9.01
N ALA A 86 30.26 -15.03 8.54
CA ALA A 86 29.78 -14.20 7.44
C ALA A 86 29.95 -15.02 6.13
N PRO A 87 29.10 -14.82 5.07
CA PRO A 87 29.24 -15.54 3.76
C PRO A 87 30.36 -15.00 2.81
N THR A 93 38.69 -14.59 0.12
CA THR A 93 39.59 -15.49 0.86
C THR A 93 39.00 -15.80 2.21
N ARG A 94 39.33 -16.95 2.78
CA ARG A 94 38.84 -17.19 4.14
C ARG A 94 39.42 -16.16 5.17
N LEU A 95 40.61 -15.61 4.94
CA LEU A 95 41.14 -14.53 5.80
C LEU A 95 40.33 -13.20 5.71
N ASP A 96 39.85 -12.86 4.52
CA ASP A 96 39.06 -11.63 4.37
C ASP A 96 37.79 -11.60 5.24
N LEU A 97 37.43 -12.71 5.88
CA LEU A 97 36.30 -12.80 6.84
C LEU A 97 36.70 -12.62 8.32
N VAL A 98 37.99 -12.45 8.66
CA VAL A 98 38.44 -12.50 10.07
C VAL A 98 37.74 -11.54 11.05
N ASN A 99 37.65 -10.26 10.70
CA ASN A 99 37.06 -9.31 11.66
C ASN A 99 35.57 -9.46 11.74
N LYS A 100 34.93 -9.67 10.60
CA LYS A 100 33.50 -9.87 10.61
C LYS A 100 33.14 -11.09 11.55
N ASN A 101 33.93 -12.17 11.46
CA ASN A 101 33.65 -13.38 12.25
C ASN A 101 34.09 -13.37 13.72
N LEU A 102 35.15 -12.65 14.05
CA LEU A 102 35.46 -12.38 15.45
C LEU A 102 34.35 -11.63 16.16
N LYS A 103 33.76 -10.64 15.50
CA LYS A 103 32.64 -9.90 16.10
C LYS A 103 31.49 -10.85 16.48
N ILE A 104 31.13 -11.72 15.55
CA ILE A 104 30.11 -12.72 15.79
C ILE A 104 30.58 -13.67 16.91
N LEU A 105 31.82 -14.18 16.84
CA LEU A 105 32.38 -15.03 17.93
C LEU A 105 32.22 -14.56 19.36
N LYS A 106 32.56 -13.31 19.46
CA LYS A 106 32.52 -12.61 20.72
C LYS A 106 31.14 -12.72 21.35
N SER A 107 30.11 -12.55 20.51
CA SER A 107 28.73 -12.57 20.98
C SER A 107 28.20 -13.97 21.31
N ILE A 108 29.00 -15.00 21.04
CA ILE A 108 28.59 -16.37 21.22
C ILE A 108 29.26 -16.99 22.42
N VAL A 109 30.58 -16.94 22.44
CA VAL A 109 31.32 -17.66 23.47
C VAL A 109 30.98 -17.21 24.88
N ASP A 110 30.83 -15.90 25.08
CA ASP A 110 30.52 -15.39 26.40
C ASP A 110 29.19 -15.95 26.97
N PRO A 111 28.08 -15.81 26.24
CA PRO A 111 26.84 -16.37 26.79
C PRO A 111 26.86 -17.89 26.98
N ILE A 112 27.64 -18.58 26.14
CA ILE A 112 27.75 -20.05 26.23
C ILE A 112 28.44 -20.40 27.56
N VAL A 113 29.56 -19.75 27.85
CA VAL A 113 30.32 -20.02 29.07
C VAL A 113 29.50 -19.64 30.27
N ASP A 114 28.85 -18.49 30.20
CA ASP A 114 27.96 -18.02 31.24
C ASP A 114 26.80 -18.99 31.53
N SER A 115 26.36 -19.76 30.54
CA SER A 115 25.33 -20.79 30.79
C SER A 115 25.76 -21.91 31.73
N GLY A 116 27.07 -22.09 31.87
CA GLY A 116 27.61 -23.19 32.65
C GLY A 116 28.23 -24.27 31.80
N PHE A 117 28.24 -24.06 30.48
CA PHE A 117 28.75 -25.06 29.55
C PHE A 117 30.12 -25.56 29.99
N ASN A 118 30.29 -26.87 30.06
CA ASN A 118 31.52 -27.43 30.58
C ASN A 118 31.96 -28.63 29.73
N GLY A 119 31.80 -28.48 28.40
CA GLY A 119 32.10 -29.53 27.45
C GLY A 119 33.28 -29.24 26.55
N ILE A 120 33.12 -29.51 25.25
CA ILE A 120 34.17 -29.28 24.26
C ILE A 120 33.64 -28.32 23.21
N PHE A 121 34.46 -27.38 22.78
CA PHE A 121 34.11 -26.49 21.67
C PHE A 121 34.66 -27.12 20.42
N LEU A 122 33.80 -27.27 19.43
CA LEU A 122 34.25 -27.64 18.10
C LEU A 122 33.97 -26.48 17.16
N VAL A 123 35.03 -25.94 16.55
CA VAL A 123 34.95 -24.72 15.76
C VAL A 123 35.14 -25.01 14.29
N ALA A 124 34.22 -24.50 13.48
CA ALA A 124 34.32 -24.66 12.02
C ALA A 124 34.15 -23.37 11.21
N ALA A 125 33.74 -22.29 11.84
CA ALA A 125 33.66 -20.99 11.18
C ALA A 125 35.02 -20.57 10.62
N ASN A 126 35.03 -19.92 9.47
CA ASN A 126 36.29 -19.44 8.87
C ASN A 126 36.66 -18.00 9.26
N PRO A 127 37.98 -17.69 9.36
CA PRO A 127 39.17 -18.55 9.22
C PRO A 127 39.37 -19.38 10.48
N VAL A 128 39.39 -20.70 10.30
CA VAL A 128 39.11 -21.61 11.39
C VAL A 128 40.23 -21.64 12.44
N ASP A 129 41.48 -21.61 12.02
CA ASP A 129 42.57 -21.75 12.97
C ASP A 129 42.64 -20.48 13.83
N ILE A 130 42.31 -19.35 13.25
CA ILE A 130 42.26 -18.10 14.00
C ILE A 130 41.09 -18.09 14.97
N LEU A 131 39.91 -18.44 14.49
CA LEU A 131 38.73 -18.46 15.34
C LEU A 131 38.80 -19.52 16.43
N THR A 132 39.53 -20.59 16.19
CA THR A 132 39.76 -21.59 17.20
C THR A 132 40.57 -20.97 18.35
N TYR A 133 41.70 -20.32 18.00
CA TYR A 133 42.52 -19.60 18.99
C TYR A 133 41.66 -18.61 19.75
N ALA A 134 40.92 -17.80 19.00
CA ALA A 134 40.02 -16.82 19.60
C ALA A 134 39.09 -17.48 20.63
N THR A 135 38.56 -18.64 20.25
CA THR A 135 37.58 -19.32 21.07
C THR A 135 38.24 -19.78 22.37
N TRP A 136 39.48 -20.27 22.27
CA TRP A 136 40.24 -20.65 23.45
C TRP A 136 40.45 -19.44 24.35
N LYS A 137 40.98 -18.36 23.78
CA LYS A 137 41.20 -17.09 24.51
C LYS A 137 39.91 -16.61 25.18
N LEU A 138 38.82 -16.46 24.43
CA LEU A 138 37.59 -15.92 24.99
C LEU A 138 36.94 -16.82 26.02
N SER A 139 37.12 -18.14 25.89
CA SER A 139 36.37 -19.08 26.74
C SER A 139 37.10 -19.37 28.04
N GLY A 140 38.43 -19.33 28.01
CA GLY A 140 39.24 -19.75 29.14
C GLY A 140 39.26 -21.24 29.35
N PHE A 141 38.75 -22.02 28.39
CA PHE A 141 38.77 -23.49 28.46
C PHE A 141 40.17 -24.01 28.25
N PRO A 142 40.44 -25.22 28.69
CA PRO A 142 41.74 -25.80 28.37
C PRO A 142 41.98 -25.95 26.87
N LYS A 143 43.26 -25.88 26.50
CA LYS A 143 43.72 -25.98 25.12
C LYS A 143 43.11 -27.16 24.38
N ASN A 144 43.08 -28.29 25.06
CA ASN A 144 42.73 -29.52 24.42
C ASN A 144 41.22 -29.73 24.32
N ARG A 145 40.43 -28.85 24.93
CA ARG A 145 38.97 -28.91 24.80
C ARG A 145 38.46 -27.83 23.85
N VAL A 146 39.34 -27.28 23.03
CA VAL A 146 38.91 -26.36 22.00
C VAL A 146 39.56 -26.84 20.72
N VAL A 147 38.71 -27.25 19.79
CA VAL A 147 39.16 -28.01 18.65
C VAL A 147 38.61 -27.38 17.39
N GLY A 148 39.46 -27.22 16.38
CA GLY A 148 38.99 -26.69 15.12
C GLY A 148 39.02 -27.76 14.08
N SER A 149 38.16 -27.64 13.10
CA SER A 149 38.12 -28.62 12.02
C SER A 149 39.42 -28.60 11.23
N GLY A 150 40.07 -27.44 11.16
CA GLY A 150 41.39 -27.32 10.55
C GLY A 150 41.41 -27.91 9.16
N THR A 151 42.35 -28.79 8.91
CA THR A 151 42.57 -29.31 7.57
C THR A 151 41.96 -30.68 7.39
N SER A 152 40.97 -31.03 8.21
CA SER A 152 40.28 -32.33 8.06
C SER A 152 39.60 -32.42 6.68
N LEU A 153 38.94 -31.34 6.29
CA LEU A 153 38.25 -31.31 5.02
C LEU A 153 39.21 -31.33 3.83
N ASP A 154 40.30 -30.55 3.91
CA ASP A 154 41.29 -30.53 2.82
C ASP A 154 41.93 -31.90 2.68
N THR A 155 42.21 -32.53 3.83
CA THR A 155 42.74 -33.86 3.83
C THR A 155 41.76 -34.82 3.16
N ALA A 156 40.47 -34.69 3.47
CA ALA A 156 39.48 -35.57 2.85
C ALA A 156 39.46 -35.37 1.35
N ARG A 157 39.47 -34.10 0.93
CA ARG A 157 39.53 -33.74 -0.48
C ARG A 157 40.75 -34.35 -1.16
N PHE A 158 41.88 -34.28 -0.46
CA PHE A 158 43.15 -34.77 -0.97
C PHE A 158 43.07 -36.27 -1.13
N ARG A 159 42.53 -36.94 -0.12
CA ARG A 159 42.44 -38.40 -0.17
C ARG A 159 41.53 -38.83 -1.31
N GLN A 160 40.40 -38.15 -1.44
CA GLN A 160 39.43 -38.51 -2.45
C GLN A 160 39.99 -38.27 -3.83
N SER A 161 40.76 -37.20 -3.95
CA SER A 161 41.38 -36.85 -5.19
C SER A 161 42.32 -37.95 -5.66
N ILE A 162 43.19 -38.40 -4.76
CA ILE A 162 44.10 -39.50 -4.99
C ILE A 162 43.34 -40.78 -5.29
N ALA A 163 42.34 -41.04 -4.48
CA ALA A 163 41.52 -42.23 -4.59
C ALA A 163 40.94 -42.38 -6.01
N LYS A 164 40.42 -41.29 -6.55
CA LYS A 164 39.85 -41.28 -7.90
C LYS A 164 40.89 -41.57 -8.95
N MET A 165 42.06 -41.01 -8.74
CA MET A 165 43.13 -41.19 -9.67
C MET A 165 43.58 -42.62 -9.75
N VAL A 166 43.77 -43.26 -8.59
CA VAL A 166 44.30 -44.62 -8.58
C VAL A 166 43.21 -45.67 -8.53
N ASN A 167 41.95 -45.22 -8.51
CA ASN A 167 40.79 -46.11 -8.47
C ASN A 167 40.75 -47.07 -7.24
N VAL A 168 40.76 -46.45 -6.06
CA VAL A 168 40.80 -47.13 -4.79
C VAL A 168 39.92 -46.42 -3.78
N ASP A 169 39.27 -47.18 -2.91
CA ASP A 169 38.47 -46.63 -1.81
C ASP A 169 39.28 -45.61 -1.01
N ALA A 170 38.74 -44.41 -0.84
CA ALA A 170 39.48 -43.35 -0.18
C ALA A 170 39.89 -43.72 1.22
N ARG A 171 39.17 -44.63 1.84
CA ARG A 171 39.53 -45.08 3.19
C ARG A 171 40.82 -45.89 3.23
N SER A 172 41.26 -46.39 2.08
CA SER A 172 42.57 -47.01 1.95
C SER A 172 43.68 -46.01 1.51
N VAL A 173 43.39 -44.72 1.48
CA VAL A 173 44.36 -43.71 1.04
C VAL A 173 44.65 -42.83 2.23
N HIS A 174 45.92 -42.65 2.52
CA HIS A 174 46.35 -41.96 3.74
C HIS A 174 47.30 -40.88 3.33
N ALA A 175 46.83 -39.64 3.42
CA ALA A 175 47.61 -38.48 3.02
C ALA A 175 47.08 -37.26 3.77
N TYR A 176 47.95 -36.36 4.20
CA TYR A 176 47.51 -35.18 4.92
C TYR A 176 47.72 -33.86 4.18
N ILE A 177 46.85 -32.92 4.49
CA ILE A 177 47.11 -31.52 4.26
C ILE A 177 47.26 -30.96 5.65
N MET A 178 48.30 -30.20 5.85
CA MET A 178 48.54 -29.55 7.13
C MET A 178 48.79 -28.07 6.91
N GLY A 179 48.78 -27.36 8.04
CA GLY A 179 49.02 -25.93 8.06
C GLY A 179 47.75 -25.20 8.39
N GLU A 180 47.74 -23.91 8.10
CA GLU A 180 46.52 -23.16 8.23
C GLU A 180 45.62 -23.56 7.10
N HIS A 181 44.36 -23.82 7.42
CA HIS A 181 43.33 -24.08 6.41
C HIS A 181 43.16 -22.82 5.59
N GLY A 182 43.44 -22.91 4.30
CA GLY A 182 43.49 -21.72 3.45
C GLY A 182 44.69 -21.79 2.55
N ASP A 183 45.12 -20.64 2.05
CA ASP A 183 46.08 -20.58 0.93
C ASP A 183 47.48 -21.12 1.25
N THR A 184 47.88 -21.06 2.51
CA THR A 184 49.24 -21.46 2.86
C THR A 184 49.33 -22.91 3.31
N GLU A 185 48.23 -23.65 3.20
CA GLU A 185 48.25 -25.08 3.54
C GLU A 185 49.12 -25.84 2.54
N PHE A 186 49.53 -27.05 2.89
CA PHE A 186 50.42 -27.82 2.02
C PHE A 186 50.24 -29.32 2.20
N PRO A 187 50.54 -30.09 1.15
CA PRO A 187 50.45 -31.53 1.23
C PRO A 187 51.68 -32.15 1.83
N VAL A 188 51.51 -33.28 2.51
CA VAL A 188 52.63 -33.98 3.13
C VAL A 188 52.88 -35.22 2.30
N TRP A 189 53.41 -35.00 1.10
CA TRP A 189 53.67 -36.08 0.14
C TRP A 189 54.63 -37.12 0.67
N SER A 190 55.53 -36.70 1.55
CA SER A 190 56.56 -37.60 2.08
C SER A 190 55.95 -38.82 2.76
N HIS A 191 54.79 -38.67 3.43
CA HIS A 191 54.14 -39.74 4.17
C HIS A 191 52.83 -40.21 3.56
N ALA A 192 52.45 -39.61 2.44
CA ALA A 192 51.23 -39.99 1.77
C ALA A 192 51.37 -41.39 1.19
N ASN A 193 50.31 -42.16 1.26
CA ASN A 193 50.39 -43.53 0.76
C ASN A 193 49.04 -44.08 0.47
N ILE A 194 49.06 -45.19 -0.23
CA ILE A 194 47.89 -45.94 -0.56
C ILE A 194 48.13 -47.36 -0.08
N GLY A 195 47.37 -47.78 0.92
CA GLY A 195 47.51 -49.12 1.49
C GLY A 195 48.93 -49.41 1.95
N GLY A 196 49.60 -48.38 2.46
CA GLY A 196 50.97 -48.51 2.96
C GLY A 196 52.06 -48.14 1.95
N VAL A 197 51.81 -48.41 0.67
CA VAL A 197 52.72 -48.03 -0.42
C VAL A 197 52.76 -46.53 -0.61
N THR A 198 53.93 -45.91 -0.49
CA THR A 198 54.01 -44.43 -0.55
C THR A 198 53.71 -43.90 -1.94
N ILE A 199 53.43 -42.61 -2.03
CA ILE A 199 53.19 -42.00 -3.35
C ILE A 199 54.43 -42.09 -4.22
N ALA A 200 55.60 -41.82 -3.65
CA ALA A 200 56.86 -42.03 -4.37
C ALA A 200 56.93 -43.45 -4.97
N GLU A 201 56.75 -44.46 -4.13
CA GLU A 201 56.80 -45.87 -4.57
C GLU A 201 55.74 -46.21 -5.60
N TRP A 202 54.56 -45.57 -5.48
CA TRP A 202 53.44 -45.77 -6.41
C TRP A 202 53.73 -45.23 -7.80
N VAL A 203 54.28 -44.02 -7.85
CA VAL A 203 54.64 -43.40 -9.11
C VAL A 203 55.71 -44.19 -9.87
N LYS A 204 56.67 -44.75 -9.12
CA LYS A 204 57.73 -45.59 -9.66
C LYS A 204 57.11 -46.80 -10.36
N ALA A 205 56.07 -47.36 -9.76
CA ALA A 205 55.42 -48.56 -10.32
C ALA A 205 54.45 -48.21 -11.45
N HIS A 206 54.01 -46.96 -11.48
CA HIS A 206 53.00 -46.47 -12.42
C HIS A 206 53.45 -45.12 -12.99
N PRO A 207 54.46 -45.15 -13.87
CA PRO A 207 55.04 -43.89 -14.41
C PRO A 207 54.12 -43.09 -15.37
N GLU A 208 53.00 -43.69 -15.83
CA GLU A 208 51.87 -42.93 -16.42
C GLU A 208 51.50 -41.72 -15.58
N ILE A 209 51.62 -41.85 -14.27
CA ILE A 209 51.34 -40.74 -13.39
C ILE A 209 52.51 -39.76 -13.42
N LYS A 210 52.31 -38.60 -14.04
CA LYS A 210 53.37 -37.61 -14.19
C LYS A 210 53.43 -36.70 -12.97
N GLU A 211 54.61 -36.19 -12.65
CA GLU A 211 54.80 -35.32 -11.49
C GLU A 211 53.93 -34.09 -11.51
N ASP A 212 53.71 -33.52 -12.69
CA ASP A 212 52.90 -32.30 -12.82
C ASP A 212 51.42 -32.59 -12.49
N LYS A 213 50.93 -33.79 -12.79
CA LYS A 213 49.60 -34.20 -12.34
C LYS A 213 49.42 -34.08 -10.82
N LEU A 214 50.38 -34.58 -10.07
CA LEU A 214 50.29 -34.54 -8.62
C LEU A 214 50.30 -33.11 -8.11
N VAL A 215 51.08 -32.25 -8.74
CA VAL A 215 51.11 -30.85 -8.34
C VAL A 215 49.75 -30.22 -8.61
N LYS A 216 49.17 -30.51 -9.76
CA LYS A 216 47.86 -29.96 -10.11
C LYS A 216 46.80 -30.44 -9.13
N MET A 217 46.91 -31.72 -8.76
CA MET A 217 45.98 -32.36 -7.85
C MET A 217 45.90 -31.58 -6.56
N PHE A 218 47.06 -31.21 -6.01
CA PHE A 218 47.10 -30.44 -4.78
C PHE A 218 46.57 -29.02 -4.98
N GLU A 219 47.01 -28.35 -6.04
CA GLU A 219 46.49 -27.01 -6.34
C GLU A 219 44.97 -27.00 -6.45
N ASP A 220 44.42 -27.98 -7.15
CA ASP A 220 42.97 -28.15 -7.24
C ASP A 220 42.34 -28.35 -5.87
N VAL A 221 42.97 -29.15 -5.01
CA VAL A 221 42.48 -29.31 -3.64
C VAL A 221 42.48 -27.98 -2.93
N ARG A 222 43.58 -27.25 -2.96
CA ARG A 222 43.67 -25.95 -2.28
C ARG A 222 42.65 -24.92 -2.77
N ASN A 223 42.29 -24.99 -4.04
CA ASN A 223 41.28 -24.11 -4.61
C ASN A 223 39.87 -24.69 -4.63
N LYS A 224 39.66 -25.86 -4.04
CA LYS A 224 38.38 -26.55 -4.20
C LYS A 224 37.19 -25.74 -3.66
N ALA A 225 37.34 -25.07 -2.53
CA ALA A 225 36.25 -24.26 -2.01
C ALA A 225 35.80 -23.22 -3.02
N TYR A 226 36.78 -22.53 -3.61
CA TYR A 226 36.51 -21.51 -4.59
C TYR A 226 35.79 -22.10 -5.79
N GLU A 227 36.24 -23.26 -6.28
CA GLU A 227 35.58 -23.94 -7.41
C GLU A 227 34.13 -24.25 -7.08
N ILE A 228 33.88 -24.74 -5.87
CA ILE A 228 32.53 -25.11 -5.47
C ILE A 228 31.63 -23.88 -5.36
N ILE A 229 32.16 -22.80 -4.80
CA ILE A 229 31.40 -21.57 -4.67
C ILE A 229 31.07 -20.99 -6.04
N LYS A 230 32.06 -21.02 -6.95
CA LYS A 230 31.83 -20.63 -8.35
C LYS A 230 30.67 -21.40 -8.95
N LEU A 231 30.58 -22.68 -8.65
CA LEU A 231 29.62 -23.54 -9.30
C LEU A 231 28.26 -23.56 -8.67
N LYS A 232 28.18 -23.35 -7.37
CA LYS A 232 26.89 -23.53 -6.70
C LYS A 232 26.67 -22.65 -5.51
N GLY A 233 27.54 -21.68 -5.27
CA GLY A 233 27.25 -20.63 -4.30
C GLY A 233 27.88 -20.79 -2.94
N ALA A 234 27.95 -22.02 -2.47
CA ALA A 234 28.54 -22.31 -1.16
C ALA A 234 29.01 -23.74 -1.11
N THR A 235 29.80 -24.10 -0.10
CA THR A 235 30.24 -25.47 0.11
C THR A 235 29.71 -25.87 1.44
N PHE A 236 29.23 -27.10 1.56
CA PHE A 236 28.76 -27.56 2.87
C PHE A 236 28.79 -29.06 3.17
N TYR A 237 28.59 -29.92 2.19
CA TYR A 237 28.52 -31.34 2.47
C TYR A 237 29.83 -31.89 3.07
N GLY A 238 30.96 -31.47 2.53
CA GLY A 238 32.22 -31.97 2.99
C GLY A 238 32.41 -31.63 4.45
N ILE A 239 32.33 -30.34 4.78
CA ILE A 239 32.67 -29.89 6.15
C ILE A 239 31.65 -30.47 7.14
N ALA A 240 30.39 -30.50 6.74
CA ALA A 240 29.37 -31.09 7.59
C ALA A 240 29.73 -32.54 7.96
N THR A 241 30.08 -33.33 6.95
CA THR A 241 30.48 -34.70 7.15
C THR A 241 31.71 -34.83 8.06
N ALA A 242 32.68 -33.95 7.87
CA ALA A 242 33.88 -33.93 8.74
C ALA A 242 33.52 -33.60 10.18
N LEU A 243 32.69 -32.59 10.37
CA LEU A 243 32.23 -32.25 11.71
C LEU A 243 31.50 -33.40 12.39
N ALA A 244 30.68 -34.14 11.65
CA ALA A 244 30.04 -35.32 12.17
C ALA A 244 31.08 -36.39 12.56
N ARG A 245 32.10 -36.56 11.74
CA ARG A 245 33.15 -37.53 12.03
C ARG A 245 33.88 -37.18 13.33
N ILE A 246 34.17 -35.88 13.52
CA ILE A 246 34.87 -35.42 14.71
C ILE A 246 33.96 -35.57 15.92
N SER A 247 32.70 -35.17 15.79
CA SER A 247 31.75 -35.36 16.85
C SER A 247 31.67 -36.83 17.29
N LYS A 248 31.64 -37.77 16.33
CA LYS A 248 31.52 -39.19 16.66
C LYS A 248 32.76 -39.64 17.44
N ALA A 249 33.92 -39.15 17.05
CA ALA A 249 35.18 -39.53 17.70
C ALA A 249 35.24 -39.08 19.18
N ILE A 250 34.74 -37.89 19.43
CA ILE A 250 34.60 -37.43 20.78
C ILE A 250 33.53 -38.21 21.51
N LEU A 251 32.30 -38.21 21.01
CA LEU A 251 31.18 -38.82 21.75
C LEU A 251 31.30 -40.34 21.96
N ASN A 252 31.99 -41.07 21.09
CA ASN A 252 32.28 -42.49 21.33
C ASN A 252 33.69 -42.78 21.80
N ASP A 253 34.41 -41.73 22.21
CA ASP A 253 35.69 -41.90 22.88
C ASP A 253 36.66 -42.75 22.08
N GLU A 254 36.83 -42.43 20.81
CA GLU A 254 37.48 -43.33 19.87
C GLU A 254 39.01 -43.37 19.95
N ASN A 255 39.64 -42.30 20.41
CA ASN A 255 41.10 -42.12 20.23
C ASN A 255 41.50 -42.24 18.77
N ALA A 256 40.80 -41.50 17.96
CA ALA A 256 40.99 -41.53 16.54
C ALA A 256 42.01 -40.49 16.20
N VAL A 257 42.72 -40.76 15.12
CA VAL A 257 43.64 -39.82 14.55
C VAL A 257 42.97 -39.02 13.44
N LEU A 258 42.96 -37.71 13.56
CA LEU A 258 42.37 -36.84 12.57
C LEU A 258 43.18 -35.56 12.46
N PRO A 259 43.22 -34.94 11.27
CA PRO A 259 43.89 -33.64 11.18
C PRO A 259 42.98 -32.56 11.71
N LEU A 260 43.47 -31.78 12.66
CA LEU A 260 42.62 -30.81 13.35
C LEU A 260 43.38 -29.57 13.73
N SER A 261 42.67 -28.48 13.95
CA SER A 261 43.30 -27.29 14.53
C SER A 261 43.60 -27.55 16.00
N VAL A 262 44.89 -27.64 16.34
CA VAL A 262 45.31 -27.86 17.72
C VAL A 262 46.39 -26.89 18.14
N TYR A 263 46.53 -26.70 19.44
CA TYR A 263 47.47 -25.74 20.02
C TYR A 263 48.89 -26.24 19.91
N MET A 264 49.79 -25.42 19.36
CA MET A 264 51.20 -25.76 19.28
C MET A 264 51.96 -25.36 20.56
N ASP A 265 52.54 -26.36 21.21
CA ASP A 265 53.40 -26.17 22.38
C ASP A 265 54.77 -26.72 22.05
N GLY A 266 55.40 -26.19 21.00
CA GLY A 266 56.71 -26.64 20.59
C GLY A 266 56.78 -27.47 19.34
N GLN A 267 55.69 -28.17 19.01
CA GLN A 267 55.70 -29.08 17.85
C GLN A 267 56.05 -28.31 16.58
N TYR A 268 56.88 -28.93 15.72
CA TYR A 268 57.36 -28.30 14.47
C TYR A 268 58.12 -26.99 14.72
N GLY A 269 58.56 -26.76 15.95
CA GLY A 269 59.15 -25.47 16.31
C GLY A 269 58.14 -24.34 16.42
N LEU A 270 56.87 -24.67 16.71
CA LEU A 270 55.83 -23.66 16.73
C LEU A 270 55.28 -23.46 18.13
N ASN A 271 54.71 -22.28 18.35
CA ASN A 271 54.20 -21.92 19.66
C ASN A 271 53.05 -20.93 19.70
N ASP A 272 52.12 -21.19 20.61
CA ASP A 272 51.04 -20.26 20.90
C ASP A 272 50.25 -19.87 19.66
N ILE A 273 49.95 -20.88 18.84
CA ILE A 273 48.90 -20.79 17.84
C ILE A 273 48.18 -22.12 17.70
N TYR A 274 46.97 -22.06 17.15
CA TYR A 274 46.30 -23.24 16.68
C TYR A 274 46.63 -23.34 15.23
N ILE A 275 46.99 -24.54 14.82
CA ILE A 275 47.25 -24.86 13.42
C ILE A 275 46.94 -26.36 13.15
N GLY A 276 46.75 -26.69 11.88
CA GLY A 276 46.30 -28.01 11.50
C GLY A 276 47.39 -29.04 11.45
N THR A 277 47.19 -30.12 12.22
CA THR A 277 48.10 -31.27 12.25
C THR A 277 47.34 -32.53 12.72
N PRO A 278 47.86 -33.72 12.37
CA PRO A 278 47.24 -34.92 12.91
C PRO A 278 47.27 -34.94 14.41
N ALA A 279 46.16 -35.34 15.02
CA ALA A 279 46.08 -35.41 16.45
C ALA A 279 45.21 -36.58 16.86
N VAL A 280 45.41 -37.07 18.07
CA VAL A 280 44.54 -38.10 18.63
C VAL A 280 43.43 -37.44 19.42
N ILE A 281 42.20 -37.83 19.19
CA ILE A 281 41.07 -37.20 19.86
C ILE A 281 40.16 -38.24 20.51
N ASN A 282 39.60 -37.89 21.66
CA ASN A 282 38.65 -38.74 22.35
C ASN A 282 37.65 -37.93 23.16
N ARG A 283 36.96 -38.56 24.11
CA ARG A 283 35.90 -37.87 24.87
C ARG A 283 36.38 -36.65 25.61
N ASN A 284 37.66 -36.62 25.94
CA ASN A 284 38.25 -35.45 26.63
C ASN A 284 38.96 -34.46 25.71
N GLY A 285 38.71 -34.56 24.41
CA GLY A 285 39.32 -33.67 23.45
C GLY A 285 40.66 -34.21 23.03
N ILE A 286 41.61 -33.32 22.80
CA ILE A 286 42.89 -33.69 22.22
C ILE A 286 43.71 -34.43 23.27
N GLN A 287 44.17 -35.64 22.94
CA GLN A 287 45.07 -36.40 23.83
C GLN A 287 46.51 -36.19 23.40
N ASN A 288 46.82 -36.43 22.14
CA ASN A 288 48.17 -36.32 21.61
C ASN A 288 48.15 -35.45 20.41
N ILE A 289 49.26 -34.83 20.12
CA ILE A 289 49.44 -34.18 18.86
C ILE A 289 50.50 -34.98 18.13
N LEU A 290 50.18 -35.54 16.98
CA LEU A 290 51.21 -36.25 16.22
C LEU A 290 52.06 -35.25 15.50
N GLU A 291 53.36 -35.46 15.55
CA GLU A 291 54.28 -34.58 14.91
C GLU A 291 54.92 -35.36 13.79
N ILE A 292 54.46 -35.11 12.57
CA ILE A 292 54.99 -35.84 11.42
C ILE A 292 56.39 -35.31 11.14
N PRO A 293 57.39 -36.20 10.98
CA PRO A 293 58.71 -35.72 10.57
C PRO A 293 58.69 -35.26 9.11
N LEU A 294 58.76 -33.94 8.90
CA LEU A 294 58.60 -33.39 7.58
C LEU A 294 59.91 -33.33 6.87
N THR A 295 59.88 -33.29 5.54
CA THR A 295 61.07 -32.97 4.75
C THR A 295 61.43 -31.50 4.98
N ASP A 296 62.57 -31.07 4.45
CA ASP A 296 62.96 -29.66 4.57
C ASP A 296 61.90 -28.79 3.88
N HIS A 297 61.55 -29.13 2.64
CA HIS A 297 60.56 -28.39 1.86
C HIS A 297 59.24 -28.29 2.65
N GLU A 298 58.77 -29.44 3.13
CA GLU A 298 57.52 -29.50 3.89
C GLU A 298 57.59 -28.66 5.18
N GLU A 299 58.69 -28.75 5.90
CA GLU A 299 58.85 -27.99 7.15
C GLU A 299 58.85 -26.48 6.87
N GLU A 300 59.49 -26.09 5.77
CA GLU A 300 59.46 -24.70 5.31
C GLU A 300 58.02 -24.24 5.16
N SER A 301 57.23 -25.03 4.41
CA SER A 301 55.82 -24.72 4.20
C SER A 301 55.07 -24.55 5.53
N MET A 302 55.31 -25.45 6.47
CA MET A 302 54.67 -25.36 7.77
C MET A 302 55.02 -24.07 8.50
N GLN A 303 56.31 -23.70 8.45
CA GLN A 303 56.83 -22.47 9.04
C GLN A 303 56.19 -21.21 8.44
N LYS A 304 56.15 -21.15 7.11
CA LYS A 304 55.55 -20.01 6.39
C LYS A 304 54.07 -19.87 6.74
N SER A 305 53.37 -21.00 6.71
CA SER A 305 51.95 -21.05 7.09
C SER A 305 51.74 -20.53 8.50
N ALA A 306 52.56 -21.02 9.43
CA ALA A 306 52.45 -20.61 10.82
C ALA A 306 52.81 -19.14 11.03
N SER A 307 53.85 -18.66 10.33
CA SER A 307 54.32 -17.27 10.45
C SER A 307 53.23 -16.29 10.04
N GLN A 308 52.75 -16.49 8.83
CA GLN A 308 51.70 -15.69 8.26
C GLN A 308 50.42 -15.72 9.14
N LEU A 309 50.10 -16.89 9.66
CA LEU A 309 48.99 -17.06 10.59
C LEU A 309 49.17 -16.24 11.88
N LYS A 310 50.37 -16.27 12.44
CA LYS A 310 50.64 -15.59 13.72
C LYS A 310 50.56 -14.02 13.52
N LYS A 311 51.04 -13.55 12.37
CA LYS A 311 50.91 -12.12 12.00
C LYS A 311 49.44 -11.65 12.02
N VAL A 312 48.59 -12.42 11.35
CA VAL A 312 47.17 -12.10 11.26
C VAL A 312 46.49 -12.12 12.63
N LEU A 313 46.86 -13.09 13.48
CA LEU A 313 46.33 -13.14 14.85
C LEU A 313 46.55 -11.80 15.54
N THR A 314 47.74 -11.26 15.42
CA THR A 314 47.84 -9.86 15.78
C THR A 314 47.23 -8.89 14.76
N SER B 3 31.44 -62.97 -14.90
CA SER B 3 31.08 -63.16 -13.43
C SER B 3 29.75 -62.51 -12.99
N ILE B 4 28.94 -63.29 -12.29
CA ILE B 4 27.62 -62.86 -11.87
C ILE B 4 27.71 -61.71 -10.88
N THR B 5 28.79 -61.67 -10.10
CA THR B 5 29.02 -60.59 -9.15
C THR B 5 29.30 -59.23 -9.83
N ASP B 6 29.50 -59.23 -11.14
CA ASP B 6 29.60 -57.97 -11.88
C ASP B 6 28.33 -57.12 -11.70
N LYS B 7 27.23 -57.79 -11.43
CA LYS B 7 25.96 -57.14 -11.14
C LYS B 7 25.82 -56.63 -9.70
N ASP B 8 26.86 -56.76 -8.86
CA ASP B 8 26.84 -56.14 -7.52
C ASP B 8 27.38 -54.69 -7.54
N HIS B 9 26.81 -53.86 -8.40
CA HIS B 9 27.13 -52.45 -8.46
C HIS B 9 25.82 -51.74 -8.66
N GLN B 10 25.42 -50.93 -7.69
CA GLN B 10 24.12 -50.30 -7.75
C GLN B 10 24.21 -48.84 -8.10
N LYS B 11 23.33 -48.43 -9.00
CA LYS B 11 23.45 -47.13 -9.65
C LYS B 11 22.13 -46.38 -9.63
N VAL B 12 22.19 -45.17 -9.17
CA VAL B 12 21.03 -44.33 -9.11
C VAL B 12 21.26 -43.09 -9.95
N ILE B 13 20.30 -42.78 -10.81
CA ILE B 13 20.27 -41.53 -11.54
C ILE B 13 19.24 -40.65 -10.88
N LEU B 14 19.68 -39.49 -10.43
CA LEU B 14 18.83 -38.55 -9.75
C LEU B 14 18.55 -37.43 -10.72
N VAL B 15 17.27 -37.15 -10.96
CA VAL B 15 16.88 -36.09 -11.86
C VAL B 15 16.28 -34.97 -11.05
N GLY B 16 16.91 -33.81 -11.09
CA GLY B 16 16.50 -32.67 -10.26
C GLY B 16 17.43 -32.45 -9.10
N ASP B 17 18.15 -31.34 -9.12
CA ASP B 17 19.16 -31.07 -8.10
C ASP B 17 18.80 -29.84 -7.28
N GLY B 18 17.52 -29.72 -6.89
CA GLY B 18 17.13 -28.70 -5.95
C GLY B 18 17.56 -29.14 -4.56
N ALA B 19 16.96 -28.54 -3.53
CA ALA B 19 17.29 -28.90 -2.16
C ALA B 19 16.94 -30.34 -1.86
N VAL B 20 15.80 -30.79 -2.39
CA VAL B 20 15.36 -32.18 -2.16
C VAL B 20 16.33 -33.17 -2.78
N GLY B 21 16.62 -33.02 -4.06
CA GLY B 21 17.52 -33.96 -4.75
C GLY B 21 18.89 -33.96 -4.10
N SER B 22 19.37 -32.76 -3.80
CA SER B 22 20.71 -32.60 -3.22
C SER B 22 20.79 -33.29 -1.86
N SER B 23 19.78 -33.09 -1.04
CA SER B 23 19.70 -33.74 0.27
C SER B 23 19.54 -35.22 0.18
N TYR B 24 18.80 -35.68 -0.83
CA TYR B 24 18.64 -37.13 -1.07
C TYR B 24 19.98 -37.74 -1.38
N ALA B 25 20.74 -37.06 -2.22
CA ALA B 25 22.09 -37.54 -2.56
C ALA B 25 22.98 -37.60 -1.34
N TYR B 26 22.90 -36.57 -0.50
CA TYR B 26 23.70 -36.56 0.71
C TYR B 26 23.29 -37.72 1.62
N ALA B 27 21.99 -37.96 1.76
CA ALA B 27 21.53 -39.03 2.63
C ALA B 27 22.02 -40.37 2.15
N MET B 28 22.00 -40.57 0.83
CA MET B 28 22.49 -41.79 0.24
C MET B 28 23.99 -41.98 0.49
N VAL B 29 24.74 -40.89 0.38
CA VAL B 29 26.18 -40.91 0.69
C VAL B 29 26.46 -41.27 2.14
N LEU B 30 25.83 -40.54 3.05
CA LEU B 30 26.02 -40.79 4.48
C LEU B 30 25.66 -42.17 4.92
N GLN B 31 24.62 -42.74 4.39
CA GLN B 31 24.22 -44.08 4.80
C GLN B 31 24.77 -45.17 3.91
N GLY B 32 25.63 -44.81 2.95
CA GLY B 32 26.24 -45.81 2.11
C GLY B 32 25.29 -46.67 1.30
N ILE B 33 24.25 -46.08 0.77
CA ILE B 33 23.30 -46.77 -0.08
C ILE B 33 23.66 -46.51 -1.53
N ALA B 34 23.81 -47.59 -2.27
CA ALA B 34 24.22 -47.57 -3.70
C ALA B 34 25.65 -47.14 -3.89
N GLN B 35 26.23 -47.56 -5.01
CA GLN B 35 27.65 -47.31 -5.25
C GLN B 35 27.88 -46.21 -6.28
N GLU B 36 26.82 -45.77 -6.94
CA GLU B 36 26.98 -44.76 -8.00
C GLU B 36 25.78 -43.83 -8.06
N ILE B 37 26.02 -42.53 -8.05
CA ILE B 37 24.96 -41.55 -8.19
C ILE B 37 25.30 -40.54 -9.28
N GLY B 38 24.44 -40.53 -10.30
CA GLY B 38 24.54 -39.56 -11.38
C GLY B 38 23.48 -38.51 -11.17
N ILE B 39 23.87 -37.25 -11.25
CA ILE B 39 22.96 -36.14 -10.98
C ILE B 39 22.68 -35.37 -12.26
N VAL B 40 21.40 -35.30 -12.63
CA VAL B 40 20.96 -34.68 -13.89
C VAL B 40 20.08 -33.48 -13.61
N ASP B 41 20.42 -32.34 -14.18
CA ASP B 41 19.60 -31.12 -14.01
C ASP B 41 19.94 -30.14 -15.13
N ILE B 42 18.97 -29.35 -15.53
CA ILE B 42 19.19 -28.32 -16.53
C ILE B 42 20.36 -27.37 -16.17
N PHE B 43 20.52 -27.04 -14.89
CA PHE B 43 21.70 -26.28 -14.38
C PHE B 43 22.93 -27.15 -14.20
N LYS B 44 23.69 -27.29 -15.27
CA LYS B 44 24.87 -28.17 -15.26
C LYS B 44 25.91 -27.73 -14.25
N ASP B 45 26.10 -26.44 -14.07
CA ASP B 45 27.06 -25.96 -13.08
C ASP B 45 26.69 -26.34 -11.67
N LYS B 46 25.41 -26.21 -11.33
CA LYS B 46 24.98 -26.56 -10.00
C LYS B 46 25.22 -28.05 -9.75
N THR B 47 24.96 -28.92 -10.73
CA THR B 47 25.14 -30.33 -10.49
C THR B 47 26.61 -30.72 -10.32
N LYS B 48 27.47 -30.09 -11.10
CA LYS B 48 28.92 -30.30 -10.95
C LYS B 48 29.30 -29.89 -9.53
N GLY B 49 28.77 -28.75 -9.09
CA GLY B 49 29.03 -28.20 -7.77
C GLY B 49 28.67 -29.13 -6.65
N ASP B 50 27.50 -29.77 -6.76
CA ASP B 50 27.04 -30.72 -5.73
C ASP B 50 27.85 -32.00 -5.77
N ALA B 51 28.04 -32.53 -6.97
CA ALA B 51 28.84 -33.72 -7.13
C ALA B 51 30.17 -33.62 -6.42
N ILE B 52 30.90 -32.56 -6.64
CA ILE B 52 32.23 -32.49 -6.07
C ILE B 52 32.22 -32.07 -4.59
N ASP B 53 31.13 -31.46 -4.14
CA ASP B 53 31.00 -31.16 -2.70
C ASP B 53 30.68 -32.44 -1.96
N LEU B 54 29.78 -33.24 -2.52
CA LEU B 54 29.48 -34.55 -1.95
C LEU B 54 30.65 -35.54 -1.95
N GLU B 55 31.52 -35.47 -2.96
CA GLU B 55 32.70 -36.33 -3.00
C GLU B 55 33.60 -36.17 -1.80
N ASP B 56 33.67 -34.96 -1.27
CA ASP B 56 34.48 -34.69 -0.09
C ASP B 56 34.01 -35.50 1.12
N ALA B 57 32.76 -35.95 1.14
CA ALA B 57 32.26 -36.74 2.26
C ALA B 57 32.70 -38.19 2.22
N LEU B 58 33.10 -38.68 1.07
CA LEU B 58 33.33 -40.10 0.88
C LEU B 58 34.43 -40.74 1.72
N PRO B 59 35.53 -40.03 1.96
CA PRO B 59 36.56 -40.62 2.83
C PRO B 59 36.08 -40.94 4.23
N PHE B 60 34.92 -40.40 4.63
CA PHE B 60 34.33 -40.67 5.92
C PHE B 60 33.17 -41.66 5.86
N THR B 61 32.94 -42.31 4.73
CA THR B 61 31.74 -43.13 4.52
C THR B 61 32.14 -44.25 3.57
N SER B 62 31.22 -44.92 2.90
CA SER B 62 31.65 -45.90 1.88
C SER B 62 31.88 -45.22 0.53
N PRO B 63 32.62 -45.88 -0.38
CA PRO B 63 32.89 -45.32 -1.71
C PRO B 63 31.69 -45.25 -2.64
N LYS B 64 31.77 -44.30 -3.56
CA LYS B 64 30.73 -44.05 -4.53
C LYS B 64 31.34 -43.31 -5.71
N LYS B 65 30.83 -43.58 -6.89
CA LYS B 65 31.11 -42.78 -8.07
C LYS B 65 29.96 -41.74 -8.11
N ILE B 66 30.30 -40.46 -7.95
CA ILE B 66 29.31 -39.38 -7.99
C ILE B 66 29.71 -38.38 -9.03
N TYR B 67 28.78 -38.00 -9.88
CA TYR B 67 29.10 -37.11 -10.98
C TYR B 67 27.89 -36.42 -11.54
N SER B 68 28.14 -35.32 -12.24
CA SER B 68 27.13 -34.63 -13.04
C SER B 68 26.81 -35.49 -14.25
N ALA B 69 25.54 -35.83 -14.45
CA ALA B 69 25.18 -36.82 -15.43
C ALA B 69 24.21 -36.32 -16.49
N GLU B 70 24.04 -37.14 -17.53
CA GLU B 70 23.12 -36.95 -18.60
C GLU B 70 22.09 -38.05 -18.57
N TYR B 71 20.95 -37.83 -19.22
CA TYR B 71 19.89 -38.85 -19.27
C TYR B 71 20.39 -40.19 -19.86
N SER B 72 21.36 -40.13 -20.77
CA SER B 72 21.93 -41.34 -21.38
C SER B 72 22.69 -42.23 -20.37
N ASP B 73 23.14 -41.62 -19.27
CA ASP B 73 23.76 -42.35 -18.17
C ASP B 73 22.79 -43.28 -17.42
N ALA B 74 21.50 -43.21 -17.70
CA ALA B 74 20.55 -44.13 -17.06
C ALA B 74 20.50 -45.52 -17.68
N LYS B 75 21.22 -45.74 -18.78
CA LYS B 75 21.13 -47.00 -19.51
C LYS B 75 21.11 -48.19 -18.56
N ASP B 76 22.03 -48.20 -17.61
CA ASP B 76 22.25 -49.36 -16.74
C ASP B 76 21.93 -49.05 -15.28
N ALA B 77 21.13 -48.02 -15.05
CA ALA B 77 20.79 -47.63 -13.70
C ALA B 77 19.77 -48.59 -13.12
N ASP B 78 19.85 -48.80 -11.82
CA ASP B 78 18.87 -49.56 -11.11
C ASP B 78 17.66 -48.72 -10.84
N LEU B 79 17.89 -47.42 -10.67
CA LEU B 79 16.92 -46.52 -10.02
C LEU B 79 16.97 -45.15 -10.63
N VAL B 80 15.81 -44.63 -11.02
CA VAL B 80 15.72 -43.24 -11.50
C VAL B 80 14.78 -42.52 -10.59
N VAL B 81 15.30 -41.49 -9.92
CA VAL B 81 14.58 -40.73 -8.93
C VAL B 81 14.31 -39.33 -9.47
N ILE B 82 13.04 -38.97 -9.57
CA ILE B 82 12.62 -37.72 -10.17
C ILE B 82 12.15 -36.76 -9.12
N THR B 83 12.90 -35.67 -8.92
CA THR B 83 12.58 -34.63 -7.95
C THR B 83 12.31 -33.29 -8.64
N ALA B 84 12.44 -33.24 -9.97
CA ALA B 84 12.16 -32.03 -10.86
C ALA B 84 10.68 -31.69 -11.27
N GLY B 85 10.05 -30.88 -10.43
CA GLY B 85 8.69 -30.35 -10.71
C GLY B 85 8.64 -28.84 -10.60
N ALA B 86 7.93 -28.23 -11.54
CA ALA B 86 7.79 -26.80 -11.55
C ALA B 86 6.75 -26.42 -10.49
N PRO B 87 7.04 -25.39 -9.68
CA PRO B 87 6.10 -25.01 -8.62
C PRO B 87 4.86 -24.36 -9.22
N GLN B 88 3.74 -24.44 -8.53
CA GLN B 88 2.52 -23.72 -8.95
C GLN B 88 2.65 -22.22 -8.75
N LYS B 89 2.54 -21.45 -9.82
CA LYS B 89 2.64 -19.99 -9.78
C LYS B 89 1.30 -19.48 -9.34
N PRO B 90 1.25 -18.28 -8.72
CA PRO B 90 -0.07 -17.81 -8.34
C PRO B 90 -0.88 -17.49 -9.56
N GLY B 91 -2.14 -17.89 -9.50
CA GLY B 91 -3.02 -17.68 -10.65
C GLY B 91 -3.09 -18.81 -11.65
N GLU B 92 -2.29 -19.85 -11.45
CA GLU B 92 -2.46 -21.10 -12.21
C GLU B 92 -3.46 -22.00 -11.51
N THR B 93 -4.26 -22.74 -12.29
CA THR B 93 -5.09 -23.85 -11.75
C THR B 93 -4.27 -25.11 -11.56
N ARG B 94 -4.80 -26.05 -10.80
CA ARG B 94 -4.14 -27.34 -10.69
C ARG B 94 -3.98 -28.02 -12.05
N LEU B 95 -4.95 -27.82 -12.92
CA LEU B 95 -4.83 -28.37 -14.24
C LEU B 95 -3.64 -27.79 -14.99
N ASP B 96 -3.40 -26.50 -14.83
CA ASP B 96 -2.25 -25.84 -15.46
C ASP B 96 -0.90 -26.29 -14.88
N LEU B 97 -0.87 -26.45 -13.58
CA LEU B 97 0.33 -26.98 -12.94
C LEU B 97 0.62 -28.35 -13.54
N VAL B 98 -0.40 -29.16 -13.61
CA VAL B 98 -0.27 -30.45 -14.27
C VAL B 98 0.18 -30.43 -15.75
N ASN B 99 -0.31 -29.53 -16.60
CA ASN B 99 0.19 -29.51 -17.97
C ASN B 99 1.62 -29.03 -18.06
N LYS B 100 1.94 -28.00 -17.29
CA LYS B 100 3.28 -27.45 -17.30
C LYS B 100 4.28 -28.56 -16.93
N ASN B 101 3.92 -29.35 -15.93
CA ASN B 101 4.79 -30.43 -15.44
C ASN B 101 4.81 -31.67 -16.32
N LEU B 102 3.70 -32.01 -16.96
CA LEU B 102 3.70 -33.08 -17.97
C LEU B 102 4.62 -32.82 -19.13
N LYS B 103 4.62 -31.59 -19.62
CA LYS B 103 5.57 -31.19 -20.68
C LYS B 103 7.00 -31.50 -20.23
N ILE B 104 7.37 -31.07 -19.03
CA ILE B 104 8.71 -31.29 -18.49
C ILE B 104 8.96 -32.77 -18.28
N LEU B 105 8.06 -33.42 -17.55
CA LEU B 105 8.23 -34.80 -17.20
C LEU B 105 8.44 -35.59 -18.49
N LYS B 106 7.73 -35.32 -19.60
CA LYS B 106 7.95 -35.99 -20.90
C LYS B 106 9.39 -35.92 -21.36
N SER B 107 9.97 -34.72 -21.28
CA SER B 107 11.33 -34.50 -21.74
C SER B 107 12.37 -35.12 -20.83
N ILE B 108 11.94 -35.74 -19.73
CA ILE B 108 12.81 -36.50 -18.87
C ILE B 108 12.57 -37.93 -19.20
N VAL B 109 11.33 -38.37 -19.08
CA VAL B 109 11.06 -39.80 -19.16
C VAL B 109 11.42 -40.36 -20.51
N ASP B 110 11.17 -39.63 -21.58
CA ASP B 110 11.47 -40.12 -22.93
C ASP B 110 12.96 -40.39 -23.17
N PRO B 111 13.83 -39.40 -22.95
CA PRO B 111 15.28 -39.71 -23.06
C PRO B 111 15.81 -40.80 -22.11
N ILE B 112 15.18 -40.94 -20.94
CA ILE B 112 15.57 -41.97 -20.01
C ILE B 112 15.25 -43.35 -20.55
N VAL B 113 14.02 -43.52 -21.02
CA VAL B 113 13.61 -44.80 -21.61
C VAL B 113 14.46 -45.11 -22.85
N ASP B 114 14.67 -44.11 -23.69
CA ASP B 114 15.49 -44.24 -24.88
C ASP B 114 16.91 -44.64 -24.57
N SER B 115 17.44 -44.27 -23.41
CA SER B 115 18.80 -44.68 -23.03
C SER B 115 18.92 -46.20 -22.87
N GLY B 116 17.80 -46.89 -22.67
CA GLY B 116 17.82 -48.31 -22.36
C GLY B 116 17.50 -48.62 -20.89
N PHE B 117 17.21 -47.58 -20.10
CA PHE B 117 16.91 -47.75 -18.67
C PHE B 117 15.88 -48.85 -18.47
N ASN B 118 16.16 -49.77 -17.61
CA ASN B 118 15.26 -50.90 -17.43
C ASN B 118 15.08 -51.21 -15.94
N GLY B 119 14.96 -50.16 -15.13
CA GLY B 119 14.94 -50.26 -13.68
C GLY B 119 13.60 -49.85 -13.07
N ILE B 120 13.66 -49.09 -11.98
CA ILE B 120 12.47 -48.63 -11.27
C ILE B 120 12.49 -47.14 -11.25
N PHE B 121 11.33 -46.53 -11.46
CA PHE B 121 11.17 -45.08 -11.36
C PHE B 121 10.67 -44.78 -9.97
N LEU B 122 11.37 -43.90 -9.27
CA LEU B 122 10.90 -43.40 -8.00
C LEU B 122 10.61 -41.93 -8.17
N VAL B 123 9.37 -41.56 -7.94
CA VAL B 123 8.90 -40.21 -8.21
C VAL B 123 8.60 -39.44 -6.92
N ALA B 124 9.17 -38.24 -6.80
CA ALA B 124 8.91 -37.37 -5.64
C ALA B 124 8.50 -35.95 -5.99
N ALA B 125 8.59 -35.55 -7.25
CA ALA B 125 8.13 -34.24 -7.69
C ALA B 125 6.66 -34.04 -7.42
N ASN B 126 6.26 -32.82 -7.06
CA ASN B 126 4.86 -32.53 -6.79
C ASN B 126 4.10 -32.03 -8.02
N PRO B 127 2.79 -32.37 -8.12
CA PRO B 127 1.96 -33.23 -7.25
C PRO B 127 2.26 -34.69 -7.52
N VAL B 128 2.65 -35.40 -6.47
CA VAL B 128 3.38 -36.64 -6.65
C VAL B 128 2.51 -37.81 -7.19
N ASP B 129 1.28 -37.95 -6.72
CA ASP B 129 0.46 -39.05 -7.18
C ASP B 129 0.09 -38.87 -8.66
N ILE B 130 -0.08 -37.62 -9.09
CA ILE B 130 -0.35 -37.34 -10.49
C ILE B 130 0.86 -37.58 -11.35
N LEU B 131 2.01 -37.06 -10.92
CA LEU B 131 3.23 -37.24 -11.69
C LEU B 131 3.69 -38.69 -11.73
N THR B 132 3.33 -39.45 -10.70
CA THR B 132 3.60 -40.88 -10.71
C THR B 132 2.80 -41.57 -11.81
N TYR B 133 1.49 -41.31 -11.87
CA TYR B 133 0.64 -41.78 -12.98
C TYR B 133 1.21 -41.37 -14.33
N ALA B 134 1.49 -40.09 -14.48
CA ALA B 134 2.09 -39.58 -15.70
C ALA B 134 3.33 -40.37 -16.10
N THR B 135 4.18 -40.66 -15.12
CA THR B 135 5.44 -41.33 -15.37
C THR B 135 5.17 -42.74 -15.89
N TRP B 136 4.18 -43.40 -15.29
CA TRP B 136 3.76 -44.70 -15.76
C TRP B 136 3.28 -44.61 -17.20
N LYS B 137 2.31 -43.71 -17.47
CA LYS B 137 1.76 -43.47 -18.81
C LYS B 137 2.90 -43.18 -19.83
N LEU B 138 3.76 -42.19 -19.56
CA LEU B 138 4.84 -41.85 -20.47
C LEU B 138 5.93 -42.87 -20.65
N SER B 139 6.20 -43.70 -19.64
CA SER B 139 7.32 -44.62 -19.72
C SER B 139 6.93 -45.97 -20.33
N GLY B 140 5.68 -46.37 -20.12
CA GLY B 140 5.22 -47.70 -20.54
C GLY B 140 5.71 -48.81 -19.65
N PHE B 141 6.30 -48.46 -18.51
CA PHE B 141 6.82 -49.45 -17.57
C PHE B 141 5.66 -50.13 -16.87
N PRO B 142 5.91 -51.29 -16.28
CA PRO B 142 4.85 -51.89 -15.50
C PRO B 142 4.45 -51.04 -14.31
N LYS B 143 3.20 -51.21 -13.89
CA LYS B 143 2.60 -50.47 -12.76
C LYS B 143 3.46 -50.51 -11.52
N ASN B 144 3.99 -51.69 -11.25
CA ASN B 144 4.65 -51.92 -10.01
C ASN B 144 6.12 -51.47 -10.01
N ARG B 145 6.63 -51.04 -11.15
CA ARG B 145 7.97 -50.47 -11.22
C ARG B 145 7.94 -48.95 -11.35
N VAL B 146 6.81 -48.35 -11.01
CA VAL B 146 6.74 -46.91 -10.98
C VAL B 146 6.12 -46.56 -9.65
N VAL B 147 6.90 -45.86 -8.83
CA VAL B 147 6.58 -45.72 -7.44
C VAL B 147 6.67 -44.28 -7.04
N GLY B 148 5.69 -43.79 -6.32
CA GLY B 148 5.76 -42.44 -5.83
C GLY B 148 5.96 -42.40 -4.34
N SER B 149 6.55 -41.33 -3.83
CA SER B 149 6.77 -41.23 -2.41
C SER B 149 5.43 -41.17 -1.68
N GLY B 150 4.42 -40.62 -2.35
CA GLY B 150 3.07 -40.55 -1.79
C GLY B 150 3.04 -39.96 -0.40
N THR B 151 2.43 -40.68 0.52
CA THR B 151 2.23 -40.18 1.87
C THR B 151 3.26 -40.72 2.90
N SER B 152 4.43 -41.15 2.41
CA SER B 152 5.48 -41.65 3.32
C SER B 152 5.92 -40.53 4.27
N LEU B 153 6.11 -39.33 3.72
CA LEU B 153 6.54 -38.22 4.52
C LEU B 153 5.48 -37.76 5.51
N ASP B 154 4.23 -37.67 5.07
CA ASP B 154 3.15 -37.30 5.98
C ASP B 154 2.99 -38.31 7.11
N THR B 155 3.11 -39.57 6.76
CA THR B 155 3.10 -40.63 7.74
C THR B 155 4.23 -40.45 8.74
N ALA B 156 5.43 -40.13 8.28
CA ALA B 156 6.55 -39.93 9.19
C ALA B 156 6.25 -38.78 10.12
N ARG B 157 5.73 -37.71 9.56
CA ARG B 157 5.35 -36.53 10.35
C ARG B 157 4.31 -36.87 11.40
N PHE B 158 3.36 -37.70 10.99
CA PHE B 158 2.28 -38.12 11.85
C PHE B 158 2.83 -38.98 12.99
N ARG B 159 3.72 -39.90 12.67
CA ARG B 159 4.30 -40.75 13.69
C ARG B 159 5.14 -39.96 14.68
N GLN B 160 5.96 -39.04 14.19
CA GLN B 160 6.80 -38.23 15.04
C GLN B 160 5.95 -37.35 15.96
N SER B 161 4.85 -36.86 15.41
CA SER B 161 3.96 -36.00 16.15
C SER B 161 3.38 -36.73 17.35
N ILE B 162 2.85 -37.93 17.11
CA ILE B 162 2.33 -38.79 18.16
C ILE B 162 3.43 -39.19 19.15
N ALA B 163 4.58 -39.56 18.59
CA ALA B 163 5.74 -39.93 19.39
C ALA B 163 6.09 -38.88 20.45
N LYS B 164 6.14 -37.62 20.03
CA LYS B 164 6.45 -36.50 20.93
C LYS B 164 5.42 -36.38 22.01
N MET B 165 4.17 -36.55 21.64
CA MET B 165 3.09 -36.41 22.57
C MET B 165 3.18 -37.44 23.67
N VAL B 166 3.43 -38.69 23.30
CA VAL B 166 3.38 -39.78 24.29
C VAL B 166 4.77 -40.09 24.82
N ASN B 167 5.77 -39.39 24.31
CA ASN B 167 7.16 -39.59 24.72
C ASN B 167 7.75 -40.99 24.47
N VAL B 168 7.70 -41.39 23.20
CA VAL B 168 8.13 -42.69 22.75
C VAL B 168 8.88 -42.57 21.44
N ASP B 169 9.90 -43.41 21.23
CA ASP B 169 10.61 -43.53 19.95
C ASP B 169 9.61 -43.71 18.79
N ALA B 170 9.69 -42.84 17.79
CA ALA B 170 8.73 -42.86 16.70
C ALA B 170 8.72 -44.15 15.94
N ARG B 171 9.80 -44.91 16.00
CA ARG B 171 9.81 -46.27 15.42
C ARG B 171 8.87 -47.27 16.11
N SER B 172 8.46 -46.99 17.32
CA SER B 172 7.46 -47.78 18.01
C SER B 172 6.06 -47.23 17.84
N VAL B 173 5.90 -46.26 16.94
CA VAL B 173 4.58 -45.67 16.67
C VAL B 173 4.19 -46.01 15.25
N HIS B 174 2.99 -46.55 15.06
CA HIS B 174 2.55 -47.06 13.79
C HIS B 174 1.23 -46.40 13.47
N ALA B 175 1.24 -45.50 12.51
CA ALA B 175 0.05 -44.75 12.12
C ALA B 175 0.24 -44.26 10.70
N TYR B 176 -0.81 -44.27 9.90
CA TYR B 176 -0.69 -43.87 8.51
C TYR B 176 -1.45 -42.59 8.17
N ILE B 177 -0.93 -41.89 7.18
CA ILE B 177 -1.68 -40.93 6.40
C ILE B 177 -1.80 -41.53 5.02
N MET B 178 -3.00 -41.52 4.48
CA MET B 178 -3.24 -42.06 3.18
C MET B 178 -4.01 -41.07 2.35
N GLY B 179 -4.09 -41.38 1.07
CA GLY B 179 -4.79 -40.56 0.09
C GLY B 179 -3.83 -39.89 -0.85
N GLU B 180 -4.32 -38.88 -1.54
CA GLU B 180 -3.44 -38.04 -2.31
C GLU B 180 -2.64 -37.20 -1.33
N HIS B 181 -1.33 -37.16 -1.53
CA HIS B 181 -0.45 -36.29 -0.77
C HIS B 181 -0.88 -34.88 -1.06
N GLY B 182 -1.27 -34.16 -0.01
CA GLY B 182 -1.81 -32.82 -0.19
C GLY B 182 -3.02 -32.62 0.68
N ASP B 183 -3.87 -31.67 0.33
CA ASP B 183 -4.94 -31.21 1.22
C ASP B 183 -6.02 -32.27 1.52
N THR B 184 -6.22 -33.22 0.62
CA THR B 184 -7.28 -34.21 0.80
C THR B 184 -6.80 -35.49 1.47
N GLU B 185 -5.55 -35.52 1.93
CA GLU B 185 -5.05 -36.67 2.67
C GLU B 185 -5.74 -36.80 4.03
N PHE B 186 -5.67 -37.96 4.66
CA PHE B 186 -6.38 -38.20 5.93
C PHE B 186 -5.71 -39.25 6.80
N PRO B 187 -5.91 -39.18 8.12
CA PRO B 187 -5.25 -40.07 9.05
C PRO B 187 -6.09 -41.31 9.21
N VAL B 188 -5.43 -42.44 9.47
CA VAL B 188 -6.11 -43.70 9.65
C VAL B 188 -6.05 -44.02 11.11
N TRP B 189 -6.80 -43.25 11.89
CA TRP B 189 -6.83 -43.42 13.36
C TRP B 189 -7.24 -44.82 13.80
N SER B 190 -8.09 -45.46 13.00
CA SER B 190 -8.66 -46.75 13.37
C SER B 190 -7.59 -47.79 13.62
N HIS B 191 -6.47 -47.73 12.88
CA HIS B 191 -5.38 -48.71 13.01
C HIS B 191 -4.11 -48.12 13.57
N ALA B 192 -4.14 -46.84 13.92
CA ALA B 192 -2.97 -46.20 14.48
C ALA B 192 -2.72 -46.81 15.86
N ASN B 193 -1.46 -47.02 16.19
CA ASN B 193 -1.14 -47.55 17.51
C ASN B 193 0.26 -47.23 17.93
N ILE B 194 0.50 -47.47 19.21
CA ILE B 194 1.79 -47.28 19.81
C ILE B 194 2.12 -48.62 20.44
N GLY B 195 3.13 -49.30 19.91
CA GLY B 195 3.55 -50.58 20.43
C GLY B 195 2.38 -51.56 20.49
N GLY B 196 1.49 -51.48 19.51
CA GLY B 196 0.36 -52.41 19.42
C GLY B 196 -0.95 -51.91 20.03
N VAL B 197 -0.83 -51.13 21.10
CA VAL B 197 -1.97 -50.47 21.73
C VAL B 197 -2.53 -49.38 20.83
N THR B 198 -3.81 -49.46 20.46
CA THR B 198 -4.40 -48.49 19.52
C THR B 198 -4.56 -47.10 20.13
N ILE B 199 -4.76 -46.10 19.28
CA ILE B 199 -4.92 -44.74 19.78
C ILE B 199 -6.20 -44.65 20.62
N ALA B 200 -7.28 -45.27 20.15
CA ALA B 200 -8.49 -45.36 20.94
C ALA B 200 -8.18 -45.90 22.35
N GLU B 201 -7.52 -47.05 22.42
CA GLU B 201 -7.18 -47.68 23.70
C GLU B 201 -6.28 -46.82 24.54
N TRP B 202 -5.37 -46.09 23.88
CA TRP B 202 -4.39 -45.24 24.58
C TRP B 202 -5.08 -44.04 25.25
N VAL B 203 -6.01 -43.43 24.53
CA VAL B 203 -6.80 -42.31 25.03
C VAL B 203 -7.66 -42.71 26.25
N LYS B 204 -8.23 -43.91 26.17
CA LYS B 204 -9.00 -44.48 27.28
C LYS B 204 -8.14 -44.59 28.53
N ALA B 205 -6.88 -44.99 28.37
CA ALA B 205 -5.97 -45.13 29.51
C ALA B 205 -5.45 -43.78 30.00
N HIS B 206 -5.46 -42.79 29.11
CA HIS B 206 -4.86 -41.47 29.34
C HIS B 206 -5.82 -40.38 28.87
N PRO B 207 -6.92 -40.19 29.62
CA PRO B 207 -7.98 -39.26 29.21
C PRO B 207 -7.58 -37.77 29.26
N GLU B 208 -6.46 -37.43 29.91
CA GLU B 208 -5.80 -36.12 29.69
C GLU B 208 -5.73 -35.76 28.21
N ILE B 209 -5.52 -36.76 27.36
CA ILE B 209 -5.42 -36.53 25.92
C ILE B 209 -6.82 -36.31 25.39
N LYS B 210 -7.12 -35.09 25.02
CA LYS B 210 -8.46 -34.75 24.56
C LYS B 210 -8.58 -35.00 23.08
N GLU B 211 -9.79 -35.29 22.63
CA GLU B 211 -10.03 -35.53 21.21
C GLU B 211 -9.59 -34.41 20.32
N ASP B 212 -9.79 -33.18 20.76
CA ASP B 212 -9.45 -32.02 19.94
C ASP B 212 -7.96 -31.91 19.70
N LYS B 213 -7.16 -32.29 20.68
CA LYS B 213 -5.71 -32.35 20.50
C LYS B 213 -5.33 -33.22 19.30
N LEU B 214 -5.95 -34.41 19.22
CA LEU B 214 -5.64 -35.34 18.15
C LEU B 214 -6.05 -34.78 16.80
N VAL B 215 -7.18 -34.10 16.75
CA VAL B 215 -7.58 -33.46 15.51
C VAL B 215 -6.57 -32.38 15.12
N LYS B 216 -6.13 -31.56 16.08
CA LYS B 216 -5.17 -30.51 15.78
C LYS B 216 -3.85 -31.12 15.27
N MET B 217 -3.45 -32.23 15.90
CA MET B 217 -2.21 -32.92 15.58
C MET B 217 -2.19 -33.29 14.10
N PHE B 218 -3.30 -33.84 13.61
CA PHE B 218 -3.42 -34.16 12.20
C PHE B 218 -3.44 -32.91 11.32
N GLU B 219 -4.25 -31.92 11.67
CA GLU B 219 -4.28 -30.70 10.90
C GLU B 219 -2.87 -30.09 10.78
N ASP B 220 -2.15 -30.05 11.87
CA ASP B 220 -0.79 -29.57 11.86
C ASP B 220 0.10 -30.38 10.93
N VAL B 221 -0.07 -31.70 10.95
CA VAL B 221 0.66 -32.56 10.01
C VAL B 221 0.32 -32.19 8.56
N ARG B 222 -0.96 -32.11 8.24
CA ARG B 222 -1.36 -31.75 6.86
C ARG B 222 -0.80 -30.42 6.41
N ASN B 223 -0.64 -29.49 7.34
CA ASN B 223 -0.16 -28.14 7.03
C ASN B 223 1.31 -27.98 7.28
N LYS B 224 2.01 -29.07 7.63
CA LYS B 224 3.40 -28.94 8.02
C LYS B 224 4.31 -28.34 6.93
N ALA B 225 4.10 -28.71 5.67
CA ALA B 225 4.91 -28.15 4.61
C ALA B 225 4.81 -26.62 4.60
N TYR B 226 3.58 -26.12 4.69
CA TYR B 226 3.30 -24.69 4.67
C TYR B 226 3.99 -24.03 5.83
N GLU B 227 3.92 -24.63 7.01
CA GLU B 227 4.61 -24.11 8.18
C GLU B 227 6.12 -24.01 7.94
N ILE B 228 6.70 -25.05 7.36
CA ILE B 228 8.12 -25.09 7.16
C ILE B 228 8.54 -24.04 6.14
N ILE B 229 7.77 -23.91 5.07
CA ILE B 229 8.07 -22.93 4.02
C ILE B 229 7.97 -21.51 4.59
N LYS B 230 6.95 -21.26 5.39
CA LYS B 230 6.81 -19.99 6.13
C LYS B 230 8.06 -19.69 6.92
N LEU B 231 8.64 -20.70 7.55
CA LEU B 231 9.71 -20.50 8.49
C LEU B 231 11.08 -20.46 7.86
N LYS B 232 11.27 -21.16 6.74
CA LYS B 232 12.62 -21.28 6.20
C LYS B 232 12.70 -21.43 4.71
N GLY B 233 11.59 -21.27 4.00
CA GLY B 233 11.64 -21.12 2.55
C GLY B 233 11.33 -22.36 1.74
N ALA B 234 11.79 -23.51 2.22
CA ALA B 234 11.51 -24.78 1.54
C ALA B 234 11.59 -25.92 2.55
N THR B 235 11.10 -27.09 2.17
CA THR B 235 11.21 -28.29 3.00
C THR B 235 12.02 -29.29 2.22
N PHE B 236 12.92 -29.98 2.88
CA PHE B 236 13.64 -31.02 2.18
C PHE B 236 14.19 -32.20 2.98
N TYR B 237 14.56 -32.01 4.24
CA TYR B 237 15.15 -33.10 5.00
C TYR B 237 14.21 -34.31 5.12
N GLY B 238 12.93 -34.06 5.34
CA GLY B 238 12.00 -35.17 5.52
C GLY B 238 11.87 -36.03 4.28
N ILE B 239 11.55 -35.41 3.17
CA ILE B 239 11.33 -36.15 1.94
C ILE B 239 12.61 -36.83 1.48
N ALA B 240 13.76 -36.15 1.61
CA ALA B 240 15.03 -36.76 1.25
C ALA B 240 15.24 -38.05 1.99
N THR B 241 15.04 -37.99 3.29
CA THR B 241 15.19 -39.15 4.14
C THR B 241 14.24 -40.26 3.73
N ALA B 242 13.00 -39.90 3.42
CA ALA B 242 12.03 -40.91 2.97
C ALA B 242 12.45 -41.56 1.65
N LEU B 243 12.89 -40.76 0.71
CA LEU B 243 13.42 -41.29 -0.54
C LEU B 243 14.57 -42.24 -0.34
N ALA B 244 15.48 -41.91 0.57
CA ALA B 244 16.57 -42.81 0.89
C ALA B 244 16.04 -44.12 1.49
N ARG B 245 15.03 -44.02 2.34
CA ARG B 245 14.47 -45.22 2.96
C ARG B 245 13.90 -46.12 1.90
N ILE B 246 13.19 -45.53 0.95
CA ILE B 246 12.55 -46.30 -0.11
C ILE B 246 13.63 -46.91 -0.98
N SER B 247 14.63 -46.12 -1.36
CA SER B 247 15.74 -46.61 -2.12
C SER B 247 16.38 -47.82 -1.44
N LYS B 248 16.58 -47.76 -0.12
CA LYS B 248 17.24 -48.85 0.59
C LYS B 248 16.39 -50.11 0.50
N ALA B 249 15.08 -49.94 0.59
CA ALA B 249 14.16 -51.06 0.58
C ALA B 249 14.17 -51.78 -0.76
N ILE B 250 14.24 -51.00 -1.82
CA ILE B 250 14.40 -51.58 -3.15
C ILE B 250 15.78 -52.22 -3.29
N LEU B 251 16.84 -51.46 -3.08
CA LEU B 251 18.18 -51.96 -3.34
C LEU B 251 18.61 -53.12 -2.47
N ASN B 252 18.10 -53.23 -1.26
CA ASN B 252 18.37 -54.40 -0.41
C ASN B 252 17.25 -55.42 -0.35
N ASP B 253 16.31 -55.30 -1.27
CA ASP B 253 15.28 -56.30 -1.44
C ASP B 253 14.59 -56.64 -0.12
N GLU B 254 14.12 -55.61 0.60
CA GLU B 254 13.66 -55.78 1.97
C GLU B 254 12.27 -56.40 2.17
N ASN B 255 11.37 -56.25 1.19
CA ASN B 255 9.94 -56.55 1.39
C ASN B 255 9.46 -55.78 2.60
N ALA B 256 9.73 -54.50 2.56
CA ALA B 256 9.31 -53.59 3.61
C ALA B 256 7.93 -53.06 3.29
N VAL B 257 7.18 -52.74 4.34
CA VAL B 257 5.91 -52.09 4.22
C VAL B 257 6.13 -50.59 4.37
N LEU B 258 5.69 -49.83 3.39
CA LEU B 258 5.78 -48.37 3.44
C LEU B 258 4.55 -47.74 2.76
N PRO B 259 4.13 -46.56 3.18
CA PRO B 259 3.06 -45.89 2.46
C PRO B 259 3.60 -45.23 1.21
N LEU B 260 3.01 -45.54 0.06
CA LEU B 260 3.57 -45.10 -1.22
C LEU B 260 2.50 -44.87 -2.25
N SER B 261 2.82 -44.08 -3.27
CA SER B 261 1.92 -43.91 -4.38
C SER B 261 1.94 -45.19 -5.18
N VAL B 262 0.82 -45.92 -5.18
CA VAL B 262 0.70 -47.15 -5.97
C VAL B 262 -0.59 -47.22 -6.77
N TYR B 263 -0.57 -48.01 -7.83
CA TYR B 263 -1.69 -48.11 -8.77
C TYR B 263 -2.86 -48.87 -8.17
N MET B 264 -4.05 -48.27 -8.23
CA MET B 264 -5.26 -48.92 -7.71
C MET B 264 -5.91 -49.77 -8.78
N ASP B 265 -6.01 -51.06 -8.49
CA ASP B 265 -6.71 -52.04 -9.34
C ASP B 265 -7.83 -52.65 -8.54
N GLY B 266 -8.73 -51.80 -8.04
CA GLY B 266 -9.87 -52.27 -7.25
C GLY B 266 -9.83 -51.95 -5.76
N GLN B 267 -8.64 -51.80 -5.23
CA GLN B 267 -8.49 -51.59 -3.78
C GLN B 267 -9.24 -50.32 -3.34
N TYR B 268 -9.91 -50.41 -2.19
CA TYR B 268 -10.76 -49.31 -1.68
C TYR B 268 -11.88 -48.88 -2.65
N GLY B 269 -12.18 -49.72 -3.62
CA GLY B 269 -13.13 -49.33 -4.66
C GLY B 269 -12.58 -48.31 -5.61
N LEU B 270 -11.25 -48.30 -5.78
CA LEU B 270 -10.62 -47.35 -6.66
C LEU B 270 -9.97 -48.03 -7.87
N ASN B 271 -9.80 -47.24 -8.93
CA ASN B 271 -9.27 -47.75 -10.16
C ASN B 271 -8.54 -46.75 -11.03
N ASP B 272 -7.45 -47.22 -11.62
CA ASP B 272 -6.74 -46.44 -12.63
C ASP B 272 -6.33 -45.07 -12.13
N ILE B 273 -5.84 -45.04 -10.90
CA ILE B 273 -5.05 -43.94 -10.40
C ILE B 273 -3.96 -44.42 -9.47
N TYR B 274 -2.94 -43.57 -9.30
CA TYR B 274 -1.96 -43.79 -8.25
C TYR B 274 -2.42 -42.98 -7.11
N ILE B 275 -2.39 -43.60 -5.95
CA ILE B 275 -2.73 -42.94 -4.71
C ILE B 275 -2.00 -43.62 -3.53
N GLY B 276 -1.91 -42.91 -2.42
CA GLY B 276 -1.08 -43.33 -1.32
C GLY B 276 -1.74 -44.34 -0.42
N THR B 277 -1.06 -45.47 -0.22
CA THR B 277 -1.49 -46.54 0.67
C THR B 277 -0.31 -47.40 1.09
N PRO B 278 -0.43 -48.14 2.20
CA PRO B 278 0.64 -49.08 2.58
C PRO B 278 0.86 -50.15 1.55
N ALA B 279 2.12 -50.43 1.25
CA ALA B 279 2.44 -51.40 0.23
C ALA B 279 3.72 -52.11 0.61
N VAL B 280 3.88 -53.34 0.10
CA VAL B 280 5.12 -54.06 0.30
C VAL B 280 6.02 -53.79 -0.90
N ILE B 281 7.27 -53.43 -0.63
CA ILE B 281 8.19 -53.09 -1.71
C ILE B 281 9.50 -53.89 -1.60
N ASN B 282 10.05 -54.28 -2.75
CA ASN B 282 11.34 -54.97 -2.80
C ASN B 282 12.10 -54.63 -4.09
N ARG B 283 13.11 -55.43 -4.43
CA ARG B 283 13.94 -55.12 -5.58
C ARG B 283 13.19 -55.01 -6.87
N ASN B 284 12.03 -55.66 -6.94
CA ASN B 284 11.19 -55.61 -8.15
C ASN B 284 10.05 -54.60 -8.07
N GLY B 285 10.12 -53.70 -7.12
CA GLY B 285 9.10 -52.70 -6.97
C GLY B 285 8.00 -53.23 -6.10
N ILE B 286 6.77 -52.83 -6.41
CA ILE B 286 5.64 -53.11 -5.55
C ILE B 286 5.28 -54.57 -5.69
N GLN B 287 5.21 -55.28 -4.56
CA GLN B 287 4.78 -56.65 -4.55
C GLN B 287 3.32 -56.72 -4.20
N ASN B 288 2.94 -56.15 -3.08
CA ASN B 288 1.57 -56.21 -2.57
C ASN B 288 1.11 -54.82 -2.30
N ILE B 289 -0.18 -54.60 -2.37
CA ILE B 289 -0.76 -53.39 -1.90
C ILE B 289 -1.59 -53.75 -0.69
N LEU B 290 -1.25 -53.23 0.48
CA LEU B 290 -2.07 -53.54 1.64
C LEU B 290 -3.32 -52.71 1.59
N GLU B 291 -4.44 -53.35 1.86
CA GLU B 291 -5.71 -52.66 1.86
C GLU B 291 -6.18 -52.61 3.29
N ILE B 292 -6.01 -51.47 3.94
CA ILE B 292 -6.45 -51.34 5.31
C ILE B 292 -7.97 -51.26 5.34
N PRO B 293 -8.63 -52.08 6.19
CA PRO B 293 -10.08 -51.96 6.32
C PRO B 293 -10.43 -50.65 7.04
N LEU B 294 -10.97 -49.70 6.32
CA LEU B 294 -11.22 -48.37 6.88
C LEU B 294 -12.58 -48.30 7.53
N THR B 295 -12.76 -47.37 8.46
CA THR B 295 -14.08 -47.03 8.96
C THR B 295 -14.88 -46.34 7.84
N ASP B 296 -16.15 -46.08 8.11
CA ASP B 296 -16.97 -45.40 7.12
C ASP B 296 -16.41 -44.02 6.87
N HIS B 297 -16.14 -43.27 7.94
CA HIS B 297 -15.56 -41.90 7.80
C HIS B 297 -14.28 -41.96 6.95
N GLU B 298 -13.37 -42.86 7.34
CA GLU B 298 -12.08 -42.99 6.70
C GLU B 298 -12.23 -43.36 5.23
N GLU B 299 -13.12 -44.28 4.93
CA GLU B 299 -13.34 -44.68 3.53
C GLU B 299 -13.90 -43.52 2.70
N GLU B 300 -14.79 -42.74 3.30
CA GLU B 300 -15.29 -41.55 2.63
C GLU B 300 -14.13 -40.63 2.26
N SER B 301 -13.24 -40.35 3.21
CA SER B 301 -12.08 -39.49 2.97
C SER B 301 -11.26 -40.03 1.81
N MET B 302 -11.05 -41.34 1.78
CA MET B 302 -10.28 -41.92 0.71
C MET B 302 -10.96 -41.71 -0.64
N GLN B 303 -12.28 -41.87 -0.66
CA GLN B 303 -13.08 -41.68 -1.87
C GLN B 303 -13.00 -40.24 -2.38
N LYS B 304 -13.16 -39.29 -1.47
CA LYS B 304 -13.12 -37.87 -1.81
C LYS B 304 -11.73 -37.51 -2.38
N SER B 305 -10.70 -37.98 -1.70
CA SER B 305 -9.32 -37.75 -2.13
C SER B 305 -9.11 -38.33 -3.53
N ALA B 306 -9.55 -39.56 -3.72
CA ALA B 306 -9.39 -40.23 -5.02
C ALA B 306 -10.19 -39.55 -6.11
N SER B 307 -11.42 -39.14 -5.78
CA SER B 307 -12.27 -38.52 -6.74
C SER B 307 -11.71 -37.22 -7.32
N GLN B 308 -11.37 -36.27 -6.46
CA GLN B 308 -10.80 -35.01 -6.97
C GLN B 308 -9.56 -35.33 -7.75
N LEU B 309 -8.76 -36.30 -7.26
CA LEU B 309 -7.51 -36.66 -7.93
C LEU B 309 -7.76 -37.18 -9.33
N LYS B 310 -8.78 -38.02 -9.45
CA LYS B 310 -9.09 -38.65 -10.70
C LYS B 310 -9.66 -37.70 -11.71
N LYS B 311 -10.48 -36.74 -11.27
CA LYS B 311 -11.07 -35.75 -12.14
C LYS B 311 -9.93 -34.98 -12.77
N VAL B 312 -8.93 -34.59 -11.97
CA VAL B 312 -7.79 -33.84 -12.49
C VAL B 312 -6.97 -34.64 -13.55
N LEU B 313 -6.74 -35.93 -13.28
CA LEU B 313 -6.03 -36.79 -14.25
C LEU B 313 -6.76 -36.83 -15.59
N THR B 314 -8.05 -37.14 -15.57
CA THR B 314 -8.84 -37.29 -16.79
C THR B 314 -8.75 -36.02 -17.63
N ASP B 315 -9.05 -34.88 -17.00
CA ASP B 315 -8.97 -33.59 -17.67
C ASP B 315 -7.60 -33.37 -18.28
N ALA B 316 -6.55 -33.69 -17.53
CA ALA B 316 -5.19 -33.47 -18.01
C ALA B 316 -4.84 -34.29 -19.29
N PHE B 317 -5.48 -35.45 -19.52
CA PHE B 317 -5.39 -36.26 -20.78
C PHE B 317 -6.71 -36.40 -21.58
N SER C 3 -4.49 37.94 -23.11
CA SER C 3 -3.99 37.24 -21.87
C SER C 3 -3.87 35.72 -21.98
N ILE C 4 -2.72 35.21 -21.54
CA ILE C 4 -2.42 33.80 -21.61
C ILE C 4 -3.41 32.95 -20.77
N THR C 5 -3.88 33.52 -19.67
CA THR C 5 -4.81 32.82 -18.79
C THR C 5 -6.16 32.61 -19.44
N ASP C 6 -6.41 33.24 -20.60
CA ASP C 6 -7.64 32.96 -21.36
C ASP C 6 -7.77 31.47 -21.74
N LYS C 7 -6.63 30.80 -21.82
CA LYS C 7 -6.61 29.37 -22.03
C LYS C 7 -6.86 28.52 -20.79
N ASP C 8 -7.09 29.09 -19.62
CA ASP C 8 -7.34 28.28 -18.42
C ASP C 8 -8.81 27.98 -18.29
N HIS C 9 -9.36 27.43 -19.35
CA HIS C 9 -10.74 27.02 -19.35
C HIS C 9 -10.80 25.69 -20.03
N GLN C 10 -11.16 24.66 -19.32
CA GLN C 10 -11.09 23.31 -19.86
C GLN C 10 -12.47 22.83 -20.25
N LYS C 11 -12.52 22.22 -21.42
CA LYS C 11 -13.77 21.87 -22.03
C LYS C 11 -13.80 20.43 -22.47
N VAL C 12 -14.85 19.74 -22.09
CA VAL C 12 -15.04 18.38 -22.50
C VAL C 12 -16.33 18.27 -23.27
N ILE C 13 -16.25 17.62 -24.44
CA ILE C 13 -17.45 17.21 -25.17
C ILE C 13 -17.64 15.72 -24.93
N LEU C 14 -18.79 15.39 -24.38
CA LEU C 14 -19.15 14.01 -24.12
C LEU C 14 -20.12 13.57 -25.19
N VAL C 15 -19.81 12.49 -25.89
CA VAL C 15 -20.70 11.96 -26.91
C VAL C 15 -21.28 10.66 -26.41
N GLY C 16 -22.60 10.65 -26.25
CA GLY C 16 -23.27 9.48 -25.71
C GLY C 16 -23.75 9.74 -24.30
N ASP C 17 -25.05 9.78 -24.13
CA ASP C 17 -25.64 10.13 -22.86
C ASP C 17 -26.44 9.00 -22.26
N GLY C 18 -25.92 7.79 -22.37
CA GLY C 18 -26.51 6.67 -21.70
C GLY C 18 -26.15 6.74 -20.23
N ALA C 19 -26.29 5.62 -19.53
CA ALA C 19 -25.96 5.60 -18.12
C ALA C 19 -24.47 5.93 -17.90
N VAL C 20 -23.62 5.39 -18.77
CA VAL C 20 -22.19 5.63 -18.64
C VAL C 20 -21.86 7.12 -18.78
N GLY C 21 -22.28 7.72 -19.88
CA GLY C 21 -21.93 9.10 -20.16
C GLY C 21 -22.50 10.00 -19.11
N SER C 22 -23.72 9.70 -18.71
CA SER C 22 -24.42 10.50 -17.71
C SER C 22 -23.73 10.44 -16.35
N SER C 23 -23.34 9.25 -15.95
CA SER C 23 -22.53 9.04 -14.73
C SER C 23 -21.13 9.65 -14.79
N TYR C 24 -20.49 9.59 -15.97
CA TYR C 24 -19.23 10.25 -16.16
C TYR C 24 -19.38 11.75 -15.92
N ALA C 25 -20.45 12.34 -16.47
CA ALA C 25 -20.67 13.76 -16.33
C ALA C 25 -20.86 14.11 -14.88
N TYR C 26 -21.62 13.29 -14.19
CA TYR C 26 -21.85 13.52 -12.78
C TYR C 26 -20.54 13.43 -12.00
N ALA C 27 -19.71 12.44 -12.33
CA ALA C 27 -18.44 12.30 -11.65
C ALA C 27 -17.54 13.52 -11.84
N MET C 28 -17.51 14.02 -13.06
CA MET C 28 -16.75 15.21 -13.39
C MET C 28 -17.25 16.40 -12.59
N VAL C 29 -18.57 16.54 -12.49
CA VAL C 29 -19.18 17.62 -11.69
C VAL C 29 -18.83 17.54 -10.22
N LEU C 30 -19.04 16.36 -9.62
CA LEU C 30 -18.75 16.14 -8.22
C LEU C 30 -17.29 16.37 -7.86
N GLN C 31 -16.37 15.99 -8.71
CA GLN C 31 -14.98 16.17 -8.41
C GLN C 31 -14.38 17.43 -9.01
N GLY C 32 -15.20 18.26 -9.61
CA GLY C 32 -14.73 19.53 -10.09
C GLY C 32 -13.64 19.44 -11.14
N ILE C 33 -13.75 18.48 -12.05
CA ILE C 33 -12.82 18.36 -13.14
C ILE C 33 -13.40 19.04 -14.35
N ALA C 34 -12.61 19.92 -14.95
CA ALA C 34 -13.00 20.72 -16.15
C ALA C 34 -14.05 21.76 -15.83
N GLN C 35 -14.11 22.81 -16.63
CA GLN C 35 -15.02 23.90 -16.39
C GLN C 35 -16.20 23.93 -17.37
N GLU C 36 -16.19 23.07 -18.39
CA GLU C 36 -17.29 23.05 -19.34
C GLU C 36 -17.54 21.66 -19.87
N ILE C 37 -18.80 21.25 -19.87
CA ILE C 37 -19.18 19.94 -20.40
C ILE C 37 -20.33 20.12 -21.36
N GLY C 38 -20.07 19.75 -22.62
CA GLY C 38 -21.12 19.70 -23.64
C GLY C 38 -21.53 18.26 -23.85
N ILE C 39 -22.83 17.99 -23.86
CA ILE C 39 -23.33 16.62 -23.97
C ILE C 39 -24.05 16.42 -25.28
N VAL C 40 -23.58 15.47 -26.09
CA VAL C 40 -24.08 15.24 -27.45
C VAL C 40 -24.68 13.87 -27.56
N ASP C 41 -25.90 13.78 -28.05
CA ASP C 41 -26.54 12.48 -28.23
C ASP C 41 -27.69 12.67 -29.19
N ILE C 42 -28.02 11.62 -29.93
CA ILE C 42 -29.21 11.68 -30.77
C ILE C 42 -30.43 12.12 -30.01
N PHE C 43 -30.64 11.57 -28.80
CA PHE C 43 -31.78 11.93 -28.00
C PHE C 43 -31.56 13.35 -27.39
N LYS C 44 -31.96 14.38 -28.12
CA LYS C 44 -31.76 15.77 -27.71
C LYS C 44 -32.49 16.05 -26.40
N ASP C 45 -33.67 15.48 -26.22
CA ASP C 45 -34.41 15.68 -24.97
C ASP C 45 -33.64 15.17 -23.78
N LYS C 46 -33.12 13.97 -23.90
CA LYS C 46 -32.49 13.34 -22.78
C LYS C 46 -31.25 14.16 -22.41
N THR C 47 -30.51 14.68 -23.40
CA THR C 47 -29.32 15.48 -23.06
C THR C 47 -29.63 16.83 -22.42
N LYS C 48 -30.70 17.48 -22.85
CA LYS C 48 -31.20 18.66 -22.17
C LYS C 48 -31.59 18.32 -20.75
N GLY C 49 -32.27 17.19 -20.57
CA GLY C 49 -32.70 16.72 -19.27
C GLY C 49 -31.57 16.51 -18.30
N ASP C 50 -30.49 15.89 -18.74
CA ASP C 50 -29.34 15.62 -17.90
C ASP C 50 -28.61 16.93 -17.60
N ALA C 51 -28.35 17.71 -18.64
CA ALA C 51 -27.68 19.00 -18.44
C ALA C 51 -28.32 19.80 -17.31
N ILE C 52 -29.63 19.96 -17.31
CA ILE C 52 -30.23 20.82 -16.33
C ILE C 52 -30.43 20.08 -14.98
N ASP C 53 -30.39 18.75 -14.97
CA ASP C 53 -30.42 18.03 -13.71
C ASP C 53 -29.05 18.13 -13.05
N LEU C 54 -27.98 17.98 -13.83
CA LEU C 54 -26.64 18.15 -13.34
C LEU C 54 -26.34 19.59 -12.85
N GLU C 55 -26.93 20.61 -13.48
CA GLU C 55 -26.72 21.98 -13.07
C GLU C 55 -27.12 22.22 -11.64
N ASP C 56 -28.14 21.49 -11.19
CA ASP C 56 -28.62 21.60 -9.82
C ASP C 56 -27.56 21.20 -8.80
N ALA C 57 -26.56 20.41 -9.21
CA ALA C 57 -25.50 20.00 -8.30
C ALA C 57 -24.43 21.06 -8.09
N LEU C 58 -24.35 22.03 -9.01
CA LEU C 58 -23.22 22.95 -9.03
C LEU C 58 -23.08 23.84 -7.79
N PRO C 59 -24.19 24.26 -7.18
CA PRO C 59 -24.05 25.08 -5.97
C PRO C 59 -23.36 24.35 -4.82
N PHE C 60 -23.22 23.04 -4.92
CA PHE C 60 -22.55 22.26 -3.93
C PHE C 60 -21.18 21.81 -4.38
N THR C 61 -20.66 22.33 -5.47
CA THR C 61 -19.38 21.88 -6.02
C THR C 61 -18.68 23.07 -6.68
N SER C 62 -17.72 22.88 -7.58
CA SER C 62 -17.21 24.03 -8.33
C SER C 62 -18.07 24.33 -9.57
N PRO C 63 -17.90 25.52 -10.14
CA PRO C 63 -18.76 25.90 -11.28
C PRO C 63 -18.41 25.18 -12.57
N LYS C 64 -19.40 25.14 -13.46
CA LYS C 64 -19.23 24.55 -14.78
C LYS C 64 -20.30 25.08 -15.71
N LYS C 65 -19.98 25.23 -16.99
CA LYS C 65 -20.99 25.45 -18.01
C LYS C 65 -21.38 24.06 -18.47
N ILE C 66 -22.63 23.68 -18.29
CA ILE C 66 -23.11 22.37 -18.74
C ILE C 66 -24.31 22.55 -19.64
N TYR C 67 -24.29 21.92 -20.81
CA TYR C 67 -25.35 22.12 -21.79
C TYR C 67 -25.45 21.01 -22.79
N SER C 68 -26.64 20.91 -23.39
CA SER C 68 -26.89 20.00 -24.51
C SER C 68 -26.14 20.54 -25.69
N ALA C 69 -25.27 19.75 -26.27
CA ALA C 69 -24.36 20.24 -27.30
C ALA C 69 -24.52 19.57 -28.65
N GLU C 70 -23.85 20.17 -29.63
CA GLU C 70 -23.74 19.66 -30.99
C GLU C 70 -22.30 19.31 -31.26
N TYR C 71 -22.07 18.46 -32.25
CA TYR C 71 -20.69 18.09 -32.65
C TYR C 71 -19.83 19.32 -32.96
N SER C 72 -20.46 20.38 -33.48
CA SER C 72 -19.73 21.62 -33.81
C SER C 72 -19.15 22.33 -32.57
N ASP C 73 -19.75 22.09 -31.40
CA ASP C 73 -19.25 22.61 -30.14
C ASP C 73 -17.89 22.01 -29.72
N ALA C 74 -17.39 21.01 -30.44
CA ALA C 74 -16.07 20.45 -30.15
C ALA C 74 -14.90 21.27 -30.73
N LYS C 75 -15.19 22.32 -31.48
CA LYS C 75 -14.15 23.07 -32.13
C LYS C 75 -12.97 23.34 -31.19
N ASP C 76 -13.26 23.80 -29.98
CA ASP C 76 -12.23 24.26 -29.02
C ASP C 76 -12.21 23.39 -27.76
N ALA C 77 -12.71 22.17 -27.86
CA ALA C 77 -12.68 21.24 -26.75
C ALA C 77 -11.30 20.66 -26.52
N ASP C 78 -11.00 20.40 -25.26
CA ASP C 78 -9.75 19.75 -24.88
C ASP C 78 -9.88 18.29 -25.08
N LEU C 79 -11.10 17.80 -24.92
CA LEU C 79 -11.34 16.38 -24.70
C LEU C 79 -12.65 15.97 -25.35
N VAL C 80 -12.63 14.90 -26.13
CA VAL C 80 -13.86 14.31 -26.65
C VAL C 80 -13.91 12.91 -26.11
N VAL C 81 -14.98 12.62 -25.39
CA VAL C 81 -15.17 11.32 -24.77
C VAL C 81 -16.32 10.62 -25.46
N ILE C 82 -16.04 9.45 -26.02
CA ILE C 82 -17.05 8.70 -26.78
C ILE C 82 -17.55 7.49 -25.99
N THR C 83 -18.82 7.55 -25.56
CA THR C 83 -19.46 6.48 -24.79
C THR C 83 -20.65 5.88 -25.54
N ALA C 84 -21.00 6.44 -26.69
CA ALA C 84 -22.17 6.02 -27.49
C ALA C 84 -22.10 4.60 -28.06
N GLY C 85 -22.70 3.65 -27.34
CA GLY C 85 -22.76 2.29 -27.78
C GLY C 85 -24.18 1.86 -28.07
N ALA C 86 -24.32 0.77 -28.80
CA ALA C 86 -25.57 0.06 -28.86
C ALA C 86 -25.69 -0.60 -27.50
N PRO C 87 -26.89 -0.56 -26.89
CA PRO C 87 -27.00 -1.09 -25.52
C PRO C 87 -26.86 -2.61 -25.50
N GLN C 88 -26.28 -3.12 -24.41
CA GLN C 88 -25.93 -4.53 -24.30
C GLN C 88 -27.00 -5.41 -23.66
N LYS C 89 -27.55 -6.33 -24.45
CA LYS C 89 -28.57 -7.24 -23.97
C LYS C 89 -27.83 -8.38 -23.26
N PRO C 90 -28.50 -9.08 -22.30
CA PRO C 90 -27.70 -10.10 -21.60
C PRO C 90 -27.26 -11.35 -22.38
N GLY C 91 -27.66 -11.55 -23.63
CA GLY C 91 -27.08 -12.65 -24.42
C GLY C 91 -25.68 -12.37 -24.92
N GLU C 92 -25.28 -11.10 -24.93
CA GLU C 92 -24.23 -10.65 -25.82
C GLU C 92 -22.84 -10.50 -25.20
N THR C 93 -21.80 -10.82 -25.97
CA THR C 93 -20.39 -10.46 -25.61
C THR C 93 -20.09 -9.02 -26.07
N ARG C 94 -19.03 -8.42 -25.56
CA ARG C 94 -18.68 -7.11 -26.08
C ARG C 94 -18.40 -7.09 -27.57
N LEU C 95 -17.82 -8.16 -28.08
CA LEU C 95 -17.52 -8.26 -29.50
C LEU C 95 -18.78 -8.28 -30.36
N ASP C 96 -19.80 -9.01 -29.93
CA ASP C 96 -20.86 -9.28 -30.89
C ASP C 96 -21.63 -7.99 -31.32
N LEU C 97 -21.33 -6.82 -30.74
CA LEU C 97 -21.82 -5.50 -31.29
C LEU C 97 -20.82 -4.51 -31.94
N VAL C 98 -19.70 -5.05 -32.36
CA VAL C 98 -18.72 -4.30 -33.13
C VAL C 98 -19.30 -3.56 -34.33
N ASN C 99 -20.16 -4.18 -35.11
CA ASN C 99 -20.67 -3.52 -36.34
C ASN C 99 -21.70 -2.45 -36.01
N LYS C 100 -22.56 -2.74 -35.06
CA LYS C 100 -23.51 -1.71 -34.62
C LYS C 100 -22.76 -0.46 -34.21
N ASN C 101 -21.70 -0.63 -33.42
CA ASN C 101 -20.98 0.51 -32.85
C ASN C 101 -20.05 1.24 -33.79
N LEU C 102 -19.46 0.53 -34.74
CA LEU C 102 -18.75 1.19 -35.85
C LEU C 102 -19.66 2.12 -36.66
N LYS C 103 -20.89 1.69 -36.96
CA LYS C 103 -21.87 2.55 -37.67
C LYS C 103 -22.03 3.86 -36.95
N ILE C 104 -22.28 3.75 -35.66
CA ILE C 104 -22.45 4.93 -34.81
C ILE C 104 -21.14 5.74 -34.79
N LEU C 105 -19.99 5.09 -34.57
CA LEU C 105 -18.66 5.80 -34.64
C LEU C 105 -18.40 6.72 -35.82
N LYS C 106 -18.74 6.12 -36.94
CA LYS C 106 -18.58 6.71 -38.25
C LYS C 106 -19.26 8.06 -38.26
N SER C 107 -20.46 8.08 -37.71
CA SER C 107 -21.29 9.29 -37.72
C SER C 107 -20.89 10.35 -36.71
N ILE C 108 -19.89 10.05 -35.89
CA ILE C 108 -19.43 10.93 -34.81
C ILE C 108 -18.11 11.56 -35.15
N VAL C 109 -17.12 10.72 -35.46
CA VAL C 109 -15.77 11.22 -35.61
C VAL C 109 -15.63 12.24 -36.72
N ASP C 110 -16.31 12.01 -37.83
CA ASP C 110 -16.22 12.94 -38.95
C ASP C 110 -16.70 14.36 -38.60
N PRO C 111 -17.92 14.48 -38.07
CA PRO C 111 -18.37 15.85 -37.73
C PRO C 111 -17.54 16.51 -36.62
N ILE C 112 -16.96 15.69 -35.74
CA ILE C 112 -16.10 16.22 -34.69
C ILE C 112 -14.83 16.83 -35.29
N VAL C 113 -14.18 16.08 -36.17
CA VAL C 113 -12.95 16.56 -36.79
C VAL C 113 -13.25 17.80 -37.62
N ASP C 114 -14.35 17.73 -38.38
CA ASP C 114 -14.78 18.85 -39.23
C ASP C 114 -15.05 20.11 -38.41
N SER C 115 -15.42 19.98 -37.15
CA SER C 115 -15.61 21.16 -36.28
C SER C 115 -14.32 21.93 -36.02
N GLY C 116 -13.18 21.27 -36.19
CA GLY C 116 -11.88 21.86 -35.88
C GLY C 116 -11.25 21.27 -34.65
N PHE C 117 -11.92 20.29 -34.05
CA PHE C 117 -11.44 19.69 -32.80
C PHE C 117 -9.98 19.31 -32.92
N ASN C 118 -9.18 19.72 -31.95
CA ASN C 118 -7.75 19.51 -32.04
C ASN C 118 -7.22 19.07 -30.67
N GLY C 119 -7.98 18.22 -30.01
CA GLY C 119 -7.66 17.75 -28.67
C GLY C 119 -7.29 16.28 -28.59
N ILE C 120 -7.83 15.61 -27.58
CA ILE C 120 -7.61 14.19 -27.37
C ILE C 120 -8.93 13.47 -27.42
N PHE C 121 -8.94 12.31 -28.02
CA PHE C 121 -10.11 11.44 -28.02
C PHE C 121 -9.93 10.45 -26.91
N LEU C 122 -10.93 10.35 -26.06
CA LEU C 122 -10.99 9.28 -25.06
C LEU C 122 -12.18 8.39 -25.39
N VAL C 123 -11.92 7.13 -25.63
CA VAL C 123 -12.94 6.18 -26.14
C VAL C 123 -13.29 5.13 -25.12
N ALA C 124 -14.58 4.96 -24.88
CA ALA C 124 -15.04 3.99 -23.90
C ALA C 124 -16.13 3.07 -24.39
N ALA C 125 -16.71 3.37 -25.55
CA ALA C 125 -17.71 2.50 -26.17
C ALA C 125 -17.14 1.12 -26.41
N ASN C 126 -17.95 0.08 -26.22
CA ASN C 126 -17.49 -1.30 -26.49
C ASN C 126 -17.74 -1.78 -27.91
N PRO C 127 -16.87 -2.66 -28.45
CA PRO C 127 -15.61 -3.18 -27.92
C PRO C 127 -14.50 -2.15 -28.04
N VAL C 128 -13.91 -1.81 -26.91
CA VAL C 128 -13.20 -0.56 -26.77
C VAL C 128 -11.89 -0.51 -27.54
N ASP C 129 -11.14 -1.58 -27.53
CA ASP C 129 -9.84 -1.58 -28.19
C ASP C 129 -10.03 -1.50 -29.71
N ILE C 130 -11.10 -2.12 -30.23
CA ILE C 130 -11.43 -2.01 -31.64
C ILE C 130 -11.91 -0.62 -32.02
N LEU C 131 -12.84 -0.08 -31.23
CA LEU C 131 -13.35 1.25 -31.51
C LEU C 131 -12.29 2.33 -31.32
N THR C 132 -11.30 2.08 -30.46
CA THR C 132 -10.19 3.01 -30.30
C THR C 132 -9.35 3.07 -31.59
N TYR C 133 -8.98 1.89 -32.10
CA TYR C 133 -8.31 1.79 -33.42
C TYR C 133 -9.12 2.48 -34.51
N ALA C 134 -10.40 2.13 -34.59
CA ALA C 134 -11.29 2.76 -35.54
C ALA C 134 -11.22 4.30 -35.46
N THR C 135 -11.22 4.82 -34.24
CA THR C 135 -11.28 6.24 -34.00
C THR C 135 -10.00 6.88 -34.50
N TRP C 136 -8.87 6.21 -34.26
CA TRP C 136 -7.60 6.66 -34.79
C TRP C 136 -7.66 6.71 -36.32
N LYS C 137 -8.03 5.57 -36.93
CA LYS C 137 -8.17 5.45 -38.41
C LYS C 137 -9.08 6.54 -38.96
N LEU C 138 -10.29 6.66 -38.42
CA LEU C 138 -11.25 7.66 -38.95
C LEU C 138 -10.86 9.11 -38.70
N SER C 139 -10.13 9.39 -37.64
CA SER C 139 -9.84 10.78 -37.27
C SER C 139 -8.58 11.33 -37.94
N GLY C 140 -7.62 10.45 -38.18
CA GLY C 140 -6.32 10.86 -38.65
C GLY C 140 -5.46 11.54 -37.60
N PHE C 141 -5.89 11.50 -36.34
CA PHE C 141 -5.11 12.07 -35.23
C PHE C 141 -3.87 11.21 -34.96
N PRO C 142 -2.87 11.79 -34.29
CA PRO C 142 -1.76 10.97 -33.85
C PRO C 142 -2.15 9.84 -32.87
N LYS C 143 -1.39 8.75 -32.95
CA LYS C 143 -1.60 7.54 -32.17
C LYS C 143 -1.82 7.86 -30.71
N ASN C 144 -1.00 8.76 -30.22
CA ASN C 144 -0.94 8.99 -28.79
C ASN C 144 -2.01 9.96 -28.29
N ARG C 145 -2.76 10.56 -29.22
CA ARG C 145 -3.89 11.40 -28.85
C ARG C 145 -5.23 10.67 -29.06
N VAL C 146 -5.19 9.35 -29.15
CA VAL C 146 -6.40 8.58 -29.19
C VAL C 146 -6.24 7.48 -28.17
N VAL C 147 -7.09 7.51 -27.17
CA VAL C 147 -6.88 6.72 -25.99
C VAL C 147 -8.14 5.97 -25.66
N GLY C 148 -8.01 4.70 -25.33
CA GLY C 148 -9.18 3.95 -24.92
C GLY C 148 -9.11 3.61 -23.46
N SER C 149 -10.26 3.40 -22.85
CA SER C 149 -10.27 3.04 -21.43
C SER C 149 -9.62 1.68 -21.22
N GLY C 150 -9.71 0.83 -22.22
CA GLY C 150 -9.04 -0.47 -22.16
C GLY C 150 -9.35 -1.22 -20.88
N THR C 151 -8.33 -1.69 -20.20
CA THR C 151 -8.49 -2.55 -19.04
C THR C 151 -8.38 -1.80 -17.70
N SER C 152 -8.62 -0.48 -17.73
CA SER C 152 -8.55 0.32 -16.50
C SER C 152 -9.59 -0.16 -15.53
N LEU C 153 -10.78 -0.43 -16.04
CA LEU C 153 -11.88 -0.89 -15.21
C LEU C 153 -11.67 -2.30 -14.68
N ASP C 154 -11.20 -3.20 -15.52
CA ASP C 154 -10.90 -4.58 -15.07
C ASP C 154 -9.82 -4.58 -14.01
N THR C 155 -8.81 -3.74 -14.21
CA THR C 155 -7.74 -3.58 -13.26
C THR C 155 -8.27 -3.07 -11.93
N ALA C 156 -9.18 -2.09 -11.97
CA ALA C 156 -9.80 -1.60 -10.74
C ALA C 156 -10.55 -2.72 -10.03
N ARG C 157 -11.35 -3.47 -10.80
CA ARG C 157 -12.10 -4.59 -10.26
C ARG C 157 -11.17 -5.62 -9.63
N PHE C 158 -10.06 -5.88 -10.29
CA PHE C 158 -9.10 -6.84 -9.83
C PHE C 158 -8.48 -6.35 -8.53
N ARG C 159 -8.11 -5.08 -8.48
CA ARG C 159 -7.46 -4.56 -7.29
C ARG C 159 -8.45 -4.62 -6.13
N GLN C 160 -9.70 -4.24 -6.37
CA GLN C 160 -10.68 -4.20 -5.32
C GLN C 160 -10.96 -5.62 -4.80
N SER C 161 -10.94 -6.56 -5.72
CA SER C 161 -11.18 -7.92 -5.38
C SER C 161 -10.11 -8.42 -4.40
N ILE C 162 -8.85 -8.19 -4.74
CA ILE C 162 -7.72 -8.58 -3.90
C ILE C 162 -7.78 -7.84 -2.57
N ALA C 163 -8.04 -6.53 -2.67
CA ALA C 163 -8.15 -5.67 -1.50
C ALA C 163 -9.12 -6.25 -0.45
N LYS C 164 -10.29 -6.72 -0.91
CA LYS C 164 -11.32 -7.29 -0.02
C LYS C 164 -10.83 -8.53 0.62
N MET C 165 -10.14 -9.33 -0.15
CA MET C 165 -9.64 -10.59 0.35
C MET C 165 -8.62 -10.39 1.47
N VAL C 166 -7.69 -9.46 1.25
CA VAL C 166 -6.62 -9.27 2.15
C VAL C 166 -6.89 -8.18 3.20
N ASN C 167 -8.05 -7.54 3.07
CA ASN C 167 -8.51 -6.48 3.96
C ASN C 167 -7.57 -5.25 4.02
N VAL C 168 -7.33 -4.69 2.83
CA VAL C 168 -6.42 -3.58 2.63
C VAL C 168 -7.02 -2.59 1.64
N ASP C 169 -6.80 -1.30 1.87
CA ASP C 169 -7.20 -0.26 0.93
C ASP C 169 -6.73 -0.60 -0.49
N ALA C 170 -7.64 -0.60 -1.45
CA ALA C 170 -7.31 -0.98 -2.80
C ALA C 170 -6.23 -0.11 -3.43
N ARG C 171 -6.07 1.11 -2.94
CA ARG C 171 -4.99 1.98 -3.43
C ARG C 171 -3.60 1.49 -3.04
N SER C 172 -3.51 0.61 -2.05
CA SER C 172 -2.26 -0.07 -1.72
C SER C 172 -2.10 -1.41 -2.43
N VAL C 173 -2.95 -1.72 -3.39
CA VAL C 173 -2.88 -2.97 -4.12
C VAL C 173 -2.56 -2.63 -5.54
N HIS C 174 -1.57 -3.28 -6.09
CA HIS C 174 -1.08 -2.97 -7.44
C HIS C 174 -1.07 -4.24 -8.26
N ALA C 175 -2.01 -4.33 -9.22
CA ALA C 175 -2.18 -5.52 -10.04
C ALA C 175 -2.86 -5.13 -11.32
N TYR C 176 -2.46 -5.70 -12.44
CA TYR C 176 -3.04 -5.35 -13.72
C TYR C 176 -3.84 -6.47 -14.37
N ILE C 177 -4.84 -6.07 -15.14
CA ILE C 177 -5.43 -6.89 -16.17
C ILE C 177 -5.01 -6.23 -17.46
N MET C 178 -4.52 -7.03 -18.40
CA MET C 178 -4.10 -6.53 -19.68
C MET C 178 -4.73 -7.34 -20.76
N GLY C 179 -4.59 -6.84 -21.98
CA GLY C 179 -5.08 -7.48 -23.17
C GLY C 179 -6.26 -6.72 -23.72
N GLU C 180 -7.03 -7.39 -24.58
CA GLU C 180 -8.30 -6.84 -25.05
C GLU C 180 -9.26 -6.90 -23.89
N HIS C 181 -9.94 -5.79 -23.62
CA HIS C 181 -11.01 -5.72 -22.63
C HIS C 181 -12.10 -6.64 -23.14
N GLY C 182 -12.40 -7.67 -22.36
CA GLY C 182 -13.30 -8.72 -22.81
C GLY C 182 -12.75 -10.07 -22.46
N ASP C 183 -13.21 -11.10 -23.15
CA ASP C 183 -13.03 -12.48 -22.69
C ASP C 183 -11.56 -12.95 -22.71
N THR C 184 -10.74 -12.35 -23.57
CA THR C 184 -9.37 -12.81 -23.69
C THR C 184 -8.39 -12.04 -22.83
N GLU C 185 -8.90 -11.17 -21.96
CA GLU C 185 -8.04 -10.43 -21.05
C GLU C 185 -7.45 -11.39 -20.03
N PHE C 186 -6.39 -10.97 -19.35
CA PHE C 186 -5.71 -11.85 -18.40
C PHE C 186 -5.01 -11.07 -17.29
N PRO C 187 -4.86 -11.70 -16.12
CA PRO C 187 -4.21 -11.07 -15.00
C PRO C 187 -2.70 -11.19 -15.10
N VAL C 188 -1.99 -10.21 -14.56
CA VAL C 188 -0.53 -10.22 -14.58
C VAL C 188 -0.08 -10.51 -13.18
N TRP C 189 -0.33 -11.75 -12.76
CA TRP C 189 0.01 -12.17 -11.39
C TRP C 189 1.50 -12.03 -11.04
N SER C 190 2.37 -12.15 -12.05
CA SER C 190 3.79 -12.08 -11.82
C SER C 190 4.22 -10.77 -11.15
N HIS C 191 3.55 -9.65 -11.45
CA HIS C 191 3.92 -8.33 -10.89
C HIS C 191 2.90 -7.79 -9.94
N ALA C 192 1.85 -8.55 -9.68
CA ALA C 192 0.82 -8.11 -8.78
C ALA C 192 1.38 -8.09 -7.38
N ASN C 193 1.00 -7.09 -6.60
CA ASN C 193 1.50 -6.99 -5.24
C ASN C 193 0.64 -6.14 -4.37
N ILE C 194 0.88 -6.26 -3.09
CA ILE C 194 0.18 -5.50 -2.08
C ILE C 194 1.27 -4.80 -1.28
N GLY C 195 1.34 -3.48 -1.40
CA GLY C 195 2.33 -2.69 -0.70
C GLY C 195 3.73 -3.15 -1.00
N GLY C 196 3.96 -3.58 -2.23
CA GLY C 196 5.30 -4.05 -2.65
C GLY C 196 5.55 -5.55 -2.55
N VAL C 197 4.96 -6.20 -1.55
CA VAL C 197 4.97 -7.66 -1.41
C VAL C 197 4.17 -8.35 -2.51
N THR C 198 4.80 -9.22 -3.30
CA THR C 198 4.11 -9.83 -4.44
C THR C 198 3.04 -10.82 -3.99
N ILE C 199 2.15 -11.18 -4.92
CA ILE C 199 1.12 -12.14 -4.59
C ILE C 199 1.76 -13.48 -4.23
N ALA C 200 2.75 -13.90 -5.00
CA ALA C 200 3.49 -15.13 -4.69
C ALA C 200 4.00 -15.09 -3.25
N GLU C 201 4.71 -14.04 -2.90
CA GLU C 201 5.25 -13.88 -1.56
C GLU C 201 4.15 -13.88 -0.51
N TRP C 202 3.00 -13.27 -0.85
CA TRP C 202 1.88 -13.10 0.10
C TRP C 202 1.25 -14.44 0.44
N VAL C 203 1.06 -15.25 -0.59
CA VAL C 203 0.49 -16.56 -0.44
C VAL C 203 1.39 -17.46 0.44
N LYS C 204 2.70 -17.31 0.26
CA LYS C 204 3.68 -18.06 1.03
C LYS C 204 3.54 -17.74 2.49
N ALA C 205 3.30 -16.47 2.79
CA ALA C 205 3.17 -16.02 4.20
C ALA C 205 1.78 -16.38 4.77
N HIS C 206 0.80 -16.57 3.88
CA HIS C 206 -0.59 -16.80 4.24
C HIS C 206 -1.14 -17.95 3.39
N PRO C 207 -0.69 -19.20 3.68
CA PRO C 207 -1.08 -20.38 2.92
C PRO C 207 -2.55 -20.81 3.03
N GLU C 208 -3.29 -20.28 4.01
CA GLU C 208 -4.76 -20.32 4.00
C GLU C 208 -5.35 -19.85 2.66
N ILE C 209 -4.67 -18.93 1.97
CA ILE C 209 -5.09 -18.49 0.63
C ILE C 209 -4.70 -19.57 -0.36
N LYS C 210 -5.71 -20.27 -0.86
CA LYS C 210 -5.49 -21.36 -1.79
C LYS C 210 -5.38 -20.84 -3.23
N GLU C 211 -4.60 -21.53 -4.05
CA GLU C 211 -4.44 -21.16 -5.45
C GLU C 211 -5.75 -21.06 -6.21
N ASP C 212 -6.70 -21.93 -5.89
CA ASP C 212 -8.02 -21.97 -6.53
C ASP C 212 -8.82 -20.69 -6.28
N LYS C 213 -8.71 -20.14 -5.06
CA LYS C 213 -9.34 -18.83 -4.72
C LYS C 213 -8.89 -17.75 -5.70
N LEU C 214 -7.58 -17.67 -5.96
CA LEU C 214 -7.03 -16.66 -6.85
C LEU C 214 -7.52 -16.83 -8.27
N VAL C 215 -7.64 -18.07 -8.72
CA VAL C 215 -8.16 -18.32 -10.05
C VAL C 215 -9.61 -17.85 -10.13
N LYS C 216 -10.42 -18.18 -9.11
CA LYS C 216 -11.83 -17.81 -9.11
C LYS C 216 -11.97 -16.29 -9.10
N MET C 217 -11.09 -15.65 -8.33
CA MET C 217 -11.08 -14.21 -8.19
C MET C 217 -10.97 -13.54 -9.56
N PHE C 218 -10.05 -14.03 -10.39
CA PHE C 218 -9.88 -13.49 -11.73
C PHE C 218 -11.06 -13.82 -12.62
N GLU C 219 -11.52 -15.05 -12.60
CA GLU C 219 -12.69 -15.44 -13.39
C GLU C 219 -13.91 -14.56 -13.06
N ASP C 220 -14.14 -14.33 -11.77
CA ASP C 220 -15.17 -13.40 -11.31
C ASP C 220 -14.99 -11.97 -11.83
N VAL C 221 -13.76 -11.48 -11.80
CA VAL C 221 -13.47 -10.20 -12.42
C VAL C 221 -13.82 -10.21 -13.91
N ARG C 222 -13.35 -11.20 -14.65
CA ARG C 222 -13.61 -11.24 -16.12
C ARG C 222 -15.09 -11.30 -16.45
N ASN C 223 -15.87 -11.92 -15.58
CA ASN C 223 -17.31 -12.02 -15.78
C ASN C 223 -18.09 -10.94 -15.09
N LYS C 224 -17.43 -9.98 -14.45
CA LYS C 224 -18.13 -9.03 -13.58
C LYS C 224 -19.19 -8.21 -14.34
N ALA C 225 -18.91 -7.78 -15.56
CA ALA C 225 -19.90 -7.04 -16.31
C ALA C 225 -21.18 -7.84 -16.46
N TYR C 226 -21.04 -9.10 -16.83
CA TYR C 226 -22.18 -9.97 -17.06
C TYR C 226 -22.96 -10.12 -15.78
N GLU C 227 -22.27 -10.31 -14.66
CA GLU C 227 -22.91 -10.43 -13.36
C GLU C 227 -23.75 -9.18 -13.06
N ILE C 228 -23.17 -8.02 -13.32
CA ILE C 228 -23.83 -6.76 -13.02
C ILE C 228 -25.05 -6.60 -13.89
N ILE C 229 -24.93 -6.94 -15.16
CA ILE C 229 -26.05 -6.80 -16.09
C ILE C 229 -27.18 -7.76 -15.68
N LYS C 230 -26.83 -8.97 -15.30
CA LYS C 230 -27.79 -9.95 -14.78
C LYS C 230 -28.56 -9.37 -13.60
N LEU C 231 -27.85 -8.65 -12.73
CA LEU C 231 -28.44 -8.17 -11.49
C LEU C 231 -29.18 -6.87 -11.62
N LYS C 232 -28.78 -6.00 -12.53
CA LYS C 232 -29.38 -4.66 -12.58
C LYS C 232 -29.49 -4.03 -13.94
N GLY C 233 -29.20 -4.76 -15.00
CA GLY C 233 -29.48 -4.31 -16.35
C GLY C 233 -28.31 -3.71 -17.13
N ALA C 234 -27.45 -2.97 -16.45
CA ALA C 234 -26.31 -2.33 -17.08
C ALA C 234 -25.23 -2.06 -16.04
N THR C 235 -24.03 -1.74 -16.49
CA THR C 235 -22.95 -1.36 -15.58
C THR C 235 -22.57 0.05 -15.94
N PHE C 236 -22.28 0.87 -14.95
CA PHE C 236 -21.82 2.19 -15.28
C PHE C 236 -20.93 2.92 -14.27
N TYR C 237 -21.11 2.72 -12.98
CA TYR C 237 -20.34 3.49 -12.01
C TYR C 237 -18.82 3.28 -12.14
N GLY C 238 -18.42 2.04 -12.36
CA GLY C 238 -17.01 1.74 -12.48
C GLY C 238 -16.36 2.48 -13.65
N ILE C 239 -16.90 2.28 -14.85
CA ILE C 239 -16.31 2.86 -16.04
C ILE C 239 -16.37 4.38 -15.98
N ALA C 240 -17.47 4.92 -15.48
CA ALA C 240 -17.59 6.38 -15.32
C ALA C 240 -16.46 6.93 -14.46
N THR C 241 -16.26 6.30 -13.33
CA THR C 241 -15.20 6.70 -12.45
C THR C 241 -13.82 6.60 -13.12
N ALA C 242 -13.59 5.54 -13.86
CA ALA C 242 -12.32 5.38 -14.58
C ALA C 242 -12.09 6.48 -15.60
N LEU C 243 -13.14 6.78 -16.36
CA LEU C 243 -13.07 7.86 -17.32
C LEU C 243 -12.73 9.19 -16.67
N ALA C 244 -13.32 9.44 -15.51
CA ALA C 244 -13.01 10.66 -14.79
C ALA C 244 -11.54 10.66 -14.36
N ARG C 245 -11.05 9.53 -13.90
CA ARG C 245 -9.66 9.43 -13.49
C ARG C 245 -8.73 9.75 -14.65
N ILE C 246 -9.04 9.21 -15.82
CA ILE C 246 -8.22 9.42 -17.00
C ILE C 246 -8.30 10.89 -17.41
N SER C 247 -9.51 11.45 -17.43
CA SER C 247 -9.70 12.84 -17.75
C SER C 247 -8.86 13.69 -16.84
N LYS C 248 -8.83 13.38 -15.54
CA LYS C 248 -8.08 14.20 -14.57
C LYS C 248 -6.58 14.14 -14.89
N ALA C 249 -6.11 12.95 -15.23
CA ALA C 249 -4.69 12.76 -15.56
C ALA C 249 -4.25 13.55 -16.81
N ILE C 250 -5.10 13.60 -17.81
CA ILE C 250 -4.85 14.47 -18.93
C ILE C 250 -4.92 15.94 -18.54
N LEU C 251 -6.05 16.35 -18.00
CA LEU C 251 -6.30 17.79 -17.78
C LEU C 251 -5.39 18.40 -16.75
N ASN C 252 -4.89 17.61 -15.78
CA ASN C 252 -3.88 18.13 -14.82
C ASN C 252 -2.47 17.67 -15.13
N ASP C 253 -2.26 17.16 -16.35
CA ASP C 253 -0.92 16.91 -16.84
C ASP C 253 -0.10 16.06 -15.84
N GLU C 254 -0.68 14.96 -15.40
CA GLU C 254 -0.16 14.20 -14.26
C GLU C 254 1.06 13.30 -14.55
N ASN C 255 1.20 12.84 -15.78
CA ASN C 255 2.16 11.75 -16.08
C ASN C 255 1.89 10.55 -15.19
N ALA C 256 0.64 10.16 -15.17
CA ALA C 256 0.19 9.05 -14.37
C ALA C 256 0.29 7.79 -15.16
N VAL C 257 0.49 6.70 -14.44
CA VAL C 257 0.50 5.38 -15.03
C VAL C 257 -0.88 4.75 -14.88
N LEU C 258 -1.47 4.35 -15.99
CA LEU C 258 -2.77 3.72 -15.99
C LEU C 258 -2.85 2.69 -17.09
N PRO C 259 -3.66 1.64 -16.89
CA PRO C 259 -3.84 0.65 -17.98
C PRO C 259 -4.82 1.19 -18.98
N LEU C 260 -4.42 1.28 -20.24
CA LEU C 260 -5.22 1.95 -21.27
C LEU C 260 -5.07 1.26 -22.62
N SER C 261 -6.05 1.46 -23.49
CA SER C 261 -5.90 1.04 -24.86
C SER C 261 -4.91 1.96 -25.55
N VAL C 262 -3.75 1.43 -25.90
CA VAL C 262 -2.73 2.17 -26.63
C VAL C 262 -2.21 1.41 -27.87
N TYR C 263 -1.66 2.15 -28.82
CA TYR C 263 -1.16 1.59 -30.07
C TYR C 263 0.13 0.82 -29.88
N MET C 264 0.16 -0.41 -30.36
CA MET C 264 1.36 -1.25 -30.29
C MET C 264 2.28 -0.99 -31.49
N ASP C 265 3.50 -0.54 -31.18
CA ASP C 265 4.57 -0.37 -32.17
C ASP C 265 5.75 -1.26 -31.79
N GLY C 266 5.49 -2.57 -31.70
CA GLY C 266 6.54 -3.51 -31.36
C GLY C 266 6.44 -4.10 -29.97
N GLN C 267 5.83 -3.39 -29.03
CA GLN C 267 5.78 -3.86 -27.63
C GLN C 267 5.11 -5.22 -27.54
N TYR C 268 5.66 -6.11 -26.70
CA TYR C 268 5.17 -7.49 -26.58
C TYR C 268 5.20 -8.29 -27.89
N GLY C 269 5.95 -7.81 -28.87
CA GLY C 269 5.92 -8.40 -30.20
C GLY C 269 4.64 -8.10 -30.97
N LEU C 270 3.97 -7.01 -30.64
CA LEU C 270 2.69 -6.70 -31.27
C LEU C 270 2.79 -5.46 -32.15
N ASN C 271 1.89 -5.38 -33.14
CA ASN C 271 1.90 -4.29 -34.12
C ASN C 271 0.57 -3.90 -34.76
N ASP C 272 0.39 -2.60 -34.95
CA ASP C 272 -0.76 -2.07 -35.66
C ASP C 272 -2.08 -2.55 -35.01
N ILE C 273 -2.17 -2.56 -33.68
CA ILE C 273 -3.45 -2.62 -32.95
C ILE C 273 -3.40 -1.81 -31.66
N TYR C 274 -4.58 -1.45 -31.17
CA TYR C 274 -4.71 -0.87 -29.86
C TYR C 274 -5.06 -2.03 -28.97
N ILE C 275 -4.40 -2.08 -27.84
CA ILE C 275 -4.63 -3.09 -26.84
C ILE C 275 -4.23 -2.56 -25.45
N GLY C 276 -4.75 -3.20 -24.41
CA GLY C 276 -4.63 -2.68 -23.06
C GLY C 276 -3.31 -3.01 -22.41
N THR C 277 -2.60 -1.96 -21.98
CA THR C 277 -1.34 -2.09 -21.24
C THR C 277 -1.10 -0.86 -20.38
N PRO C 278 -0.29 -0.98 -19.32
CA PRO C 278 0.10 0.21 -18.58
C PRO C 278 0.77 1.25 -19.47
N ALA C 279 0.39 2.50 -19.32
CA ALA C 279 0.99 3.58 -20.10
C ALA C 279 1.07 4.84 -19.26
N VAL C 280 2.00 5.72 -19.61
CA VAL C 280 2.10 7.01 -18.94
C VAL C 280 1.29 8.00 -19.73
N ILE C 281 0.44 8.75 -19.05
CA ILE C 281 -0.43 9.69 -19.76
C ILE C 281 -0.34 11.08 -19.16
N ASN C 282 -0.44 12.10 -20.01
CA ASN C 282 -0.43 13.49 -19.56
C ASN C 282 -1.23 14.38 -20.49
N ARG C 283 -1.04 15.69 -20.43
CA ARG C 283 -1.86 16.61 -21.22
C ARG C 283 -1.78 16.39 -22.70
N ASN C 284 -0.68 15.79 -23.15
CA ASN C 284 -0.50 15.47 -24.57
C ASN C 284 -0.86 14.04 -24.98
N GLY C 285 -1.56 13.35 -24.09
CA GLY C 285 -1.93 11.98 -24.33
C GLY C 285 -0.83 11.05 -23.88
N ILE C 286 -0.64 9.98 -24.63
CA ILE C 286 0.26 8.90 -24.22
C ILE C 286 1.70 9.37 -24.41
N GLN C 287 2.48 9.30 -23.34
CA GLN C 287 3.90 9.62 -23.41
C GLN C 287 4.75 8.35 -23.58
N ASN C 288 4.55 7.38 -22.70
CA ASN C 288 5.30 6.13 -22.71
C ASN C 288 4.32 4.99 -22.69
N ILE C 289 4.73 3.86 -23.22
CA ILE C 289 3.98 2.65 -23.03
C ILE C 289 4.86 1.76 -22.19
N LEU C 290 4.41 1.36 -21.02
CA LEU C 290 5.21 0.48 -20.21
C LEU C 290 5.04 -0.90 -20.73
N GLU C 291 6.16 -1.61 -20.81
CA GLU C 291 6.14 -2.96 -21.30
C GLU C 291 6.50 -3.84 -20.13
N ILE C 292 5.50 -4.47 -19.53
CA ILE C 292 5.76 -5.32 -18.38
C ILE C 292 6.44 -6.60 -18.89
N PRO C 293 7.57 -7.01 -18.29
CA PRO C 293 8.15 -8.30 -18.66
C PRO C 293 7.25 -9.43 -18.18
N LEU C 294 6.57 -10.09 -19.11
CA LEU C 294 5.60 -11.12 -18.74
C LEU C 294 6.28 -12.47 -18.63
N THR C 295 5.66 -13.37 -17.87
CA THR C 295 6.06 -14.76 -17.88
C THR C 295 5.69 -15.38 -19.22
N ASP C 296 6.10 -16.62 -19.44
CA ASP C 296 5.79 -17.28 -20.70
C ASP C 296 4.27 -17.41 -20.81
N HIS C 297 3.64 -17.90 -19.74
CA HIS C 297 2.19 -18.08 -19.70
C HIS C 297 1.47 -16.76 -20.00
N GLU C 298 1.88 -15.72 -19.29
CA GLU C 298 1.30 -14.37 -19.45
C GLU C 298 1.50 -13.83 -20.87
N GLU C 299 2.68 -14.01 -21.44
CA GLU C 299 2.96 -13.54 -22.80
C GLU C 299 2.10 -14.28 -23.81
N GLU C 300 1.93 -15.58 -23.60
CA GLU C 300 1.03 -16.34 -24.45
C GLU C 300 -0.37 -15.73 -24.44
N SER C 301 -0.89 -15.45 -23.24
CA SER C 301 -2.23 -14.83 -23.10
C SER C 301 -2.31 -13.51 -23.85
N MET C 302 -1.27 -12.70 -23.74
CA MET C 302 -1.24 -11.44 -24.48
C MET C 302 -1.29 -11.66 -25.99
N GLN C 303 -0.53 -12.65 -26.46
CA GLN C 303 -0.48 -13.00 -27.88
C GLN C 303 -1.84 -13.46 -28.41
N LYS C 304 -2.48 -14.37 -27.66
CA LYS C 304 -3.77 -14.89 -28.05
C LYS C 304 -4.79 -13.77 -28.11
N SER C 305 -4.78 -12.94 -27.07
CA SER C 305 -5.69 -11.79 -26.98
C SER C 305 -5.49 -10.86 -28.18
N ALA C 306 -4.23 -10.57 -28.50
CA ALA C 306 -3.91 -9.69 -29.62
C ALA C 306 -4.29 -10.30 -30.95
N SER C 307 -4.02 -11.58 -31.10
CA SER C 307 -4.32 -12.26 -32.34
C SER C 307 -5.81 -12.24 -32.67
N GLN C 308 -6.62 -12.70 -31.71
CA GLN C 308 -8.07 -12.70 -31.84
C GLN C 308 -8.57 -11.31 -32.16
N LEU C 309 -8.01 -10.34 -31.48
CA LEU C 309 -8.37 -8.95 -31.68
C LEU C 309 -8.09 -8.47 -33.10
N LYS C 310 -6.93 -8.85 -33.61
CA LYS C 310 -6.53 -8.42 -34.95
C LYS C 310 -7.46 -9.07 -36.06
N LYS C 311 -7.86 -10.34 -35.86
CA LYS C 311 -8.83 -10.98 -36.81
C LYS C 311 -10.09 -10.17 -36.89
N VAL C 312 -10.63 -9.85 -35.73
CA VAL C 312 -11.93 -9.14 -35.63
C VAL C 312 -11.84 -7.75 -36.27
N LEU C 313 -10.71 -7.05 -36.10
CA LEU C 313 -10.50 -5.77 -36.77
C LEU C 313 -10.65 -5.87 -38.29
N THR C 314 -9.90 -6.80 -38.89
CA THR C 314 -9.87 -6.96 -40.36
C THR C 314 -11.28 -7.20 -40.86
N ASP C 315 -11.95 -8.18 -40.27
CA ASP C 315 -13.33 -8.55 -40.65
C ASP C 315 -14.30 -7.37 -40.53
N ALA C 316 -14.19 -6.61 -39.45
CA ALA C 316 -15.12 -5.50 -39.19
C ALA C 316 -15.17 -4.37 -40.24
N PHE C 317 -14.05 -4.12 -40.95
CA PHE C 317 -13.96 -3.08 -42.02
C PHE C 317 -14.37 -3.43 -43.52
N SER D 3 -1.31 20.37 -30.65
CA SER D 3 -2.50 20.01 -29.77
C SER D 3 -2.91 21.10 -28.76
N ILE D 4 -4.21 21.36 -28.71
CA ILE D 4 -4.75 22.39 -27.83
C ILE D 4 -4.52 22.07 -26.37
N THR D 5 -4.53 20.78 -26.03
CA THR D 5 -4.30 20.33 -24.65
C THR D 5 -2.88 20.59 -24.17
N ASP D 6 -1.99 20.97 -25.08
CA ASP D 6 -0.63 21.41 -24.66
C ASP D 6 -0.68 22.62 -23.70
N LYS D 7 -1.75 23.40 -23.82
CA LYS D 7 -2.01 24.51 -22.93
C LYS D 7 -2.68 24.11 -21.58
N ASP D 8 -2.86 22.80 -21.30
CA ASP D 8 -3.37 22.37 -19.95
C ASP D 8 -2.24 22.16 -18.96
N HIS D 9 -1.41 23.18 -18.83
CA HIS D 9 -0.32 23.17 -17.88
C HIS D 9 -0.27 24.54 -17.25
N GLN D 10 -0.53 24.62 -15.96
CA GLN D 10 -0.65 25.91 -15.27
C GLN D 10 0.56 26.19 -14.44
N LYS D 11 1.03 27.41 -14.56
CA LYS D 11 2.30 27.78 -14.02
C LYS D 11 2.22 29.06 -13.19
N VAL D 12 2.75 28.99 -11.99
CA VAL D 12 2.78 30.11 -11.10
C VAL D 12 4.22 30.44 -10.77
N ILE D 13 4.57 31.71 -10.89
CA ILE D 13 5.83 32.22 -10.41
C ILE D 13 5.51 32.96 -9.14
N LEU D 14 6.15 32.53 -8.07
CA LEU D 14 6.02 33.17 -6.77
C LEU D 14 7.25 33.99 -6.50
N VAL D 15 7.05 35.25 -6.20
CA VAL D 15 8.16 36.14 -5.91
C VAL D 15 8.10 36.47 -4.43
N GLY D 16 9.14 36.07 -3.70
CA GLY D 16 9.20 36.29 -2.27
C GLY D 16 8.99 34.99 -1.54
N ASP D 17 10.03 34.52 -0.87
CA ASP D 17 9.99 33.24 -0.21
C ASP D 17 10.15 33.40 1.26
N GLY D 18 9.46 34.38 1.83
CA GLY D 18 9.33 34.47 3.28
C GLY D 18 8.31 33.48 3.77
N ALA D 19 7.82 33.68 4.98
CA ALA D 19 6.85 32.78 5.52
C ALA D 19 5.58 32.77 4.68
N VAL D 20 5.14 33.95 4.22
CA VAL D 20 3.91 34.03 3.43
C VAL D 20 4.04 33.27 2.12
N GLY D 21 5.08 33.56 1.36
CA GLY D 21 5.25 32.89 0.07
C GLY D 21 5.43 31.39 0.22
N SER D 22 6.22 31.02 1.22
CA SER D 22 6.51 29.61 1.48
C SER D 22 5.22 28.87 1.83
N SER D 23 4.41 29.47 2.68
CA SER D 23 3.12 28.90 3.07
C SER D 23 2.12 28.86 1.92
N TYR D 24 2.18 29.86 1.07
CA TYR D 24 1.33 29.88 -0.11
C TYR D 24 1.69 28.69 -0.98
N ALA D 25 2.98 28.46 -1.15
CA ALA D 25 3.45 27.38 -2.02
C ALA D 25 2.97 26.05 -1.46
N TYR D 26 3.10 25.92 -0.14
CA TYR D 26 2.64 24.71 0.50
C TYR D 26 1.13 24.51 0.30
N ALA D 27 0.36 25.60 0.43
CA ALA D 27 -1.08 25.49 0.28
C ALA D 27 -1.45 25.03 -1.11
N MET D 28 -0.74 25.55 -2.09
CA MET D 28 -0.95 25.20 -3.50
C MET D 28 -0.65 23.71 -3.73
N VAL D 29 0.44 23.25 -3.15
CA VAL D 29 0.82 21.85 -3.22
C VAL D 29 -0.24 20.94 -2.60
N LEU D 30 -0.61 21.23 -1.36
CA LEU D 30 -1.55 20.42 -0.66
C LEU D 30 -2.89 20.36 -1.36
N GLN D 31 -3.33 21.45 -1.96
CA GLN D 31 -4.64 21.44 -2.59
C GLN D 31 -4.57 21.18 -4.06
N GLY D 32 -3.39 20.86 -4.57
CA GLY D 32 -3.25 20.48 -5.96
C GLY D 32 -3.68 21.54 -6.93
N ILE D 33 -3.37 22.78 -6.64
CA ILE D 33 -3.65 23.87 -7.54
C ILE D 33 -2.41 24.16 -8.36
N ALA D 34 -2.57 24.19 -9.68
CA ALA D 34 -1.48 24.45 -10.66
C ALA D 34 -0.54 23.28 -10.75
N GLN D 35 0.18 23.19 -11.87
CA GLN D 35 1.10 22.09 -12.10
C GLN D 35 2.56 22.51 -12.02
N GLU D 36 2.84 23.79 -11.92
CA GLU D 36 4.23 24.23 -11.81
C GLU D 36 4.35 25.45 -10.93
N ILE D 37 5.33 25.44 -10.04
CA ILE D 37 5.62 26.61 -9.19
C ILE D 37 7.09 26.90 -9.23
N GLY D 38 7.39 28.10 -9.70
CA GLY D 38 8.75 28.63 -9.69
C GLY D 38 8.86 29.62 -8.54
N ILE D 39 9.91 29.50 -7.75
CA ILE D 39 10.08 30.35 -6.59
C ILE D 39 11.26 31.25 -6.83
N VAL D 40 11.01 32.56 -6.76
CA VAL D 40 12.05 33.57 -6.96
C VAL D 40 12.28 34.38 -5.69
N ASP D 41 13.53 34.48 -5.27
CA ASP D 41 13.88 35.31 -4.11
C ASP D 41 15.36 35.63 -4.21
N ILE D 42 15.73 36.80 -3.72
CA ILE D 42 17.12 37.19 -3.69
C ILE D 42 17.99 36.09 -3.01
N PHE D 43 17.49 35.44 -1.95
CA PHE D 43 18.18 34.31 -1.29
C PHE D 43 17.97 33.01 -2.05
N LYS D 44 18.87 32.74 -2.98
CA LYS D 44 18.73 31.59 -3.84
C LYS D 44 18.87 30.28 -3.10
N ASP D 45 19.69 30.22 -2.07
CA ASP D 45 19.76 29.02 -1.25
C ASP D 45 18.44 28.70 -0.53
N LYS D 46 17.82 29.71 0.06
CA LYS D 46 16.59 29.48 0.75
C LYS D 46 15.56 28.94 -0.25
N THR D 47 15.50 29.46 -1.47
CA THR D 47 14.46 29.00 -2.40
C THR D 47 14.71 27.58 -2.86
N LYS D 48 15.97 27.21 -3.07
CA LYS D 48 16.36 25.84 -3.40
C LYS D 48 15.89 24.93 -2.24
N GLY D 49 16.12 25.41 -1.01
CA GLY D 49 15.74 24.69 0.19
C GLY D 49 14.27 24.41 0.29
N ASP D 50 13.42 25.41 0.00
CA ASP D 50 11.96 25.26 0.08
C ASP D 50 11.49 24.38 -1.06
N ALA D 51 11.96 24.64 -2.27
CA ALA D 51 11.61 23.82 -3.40
C ALA D 51 11.76 22.34 -3.09
N ILE D 52 12.90 21.91 -2.56
CA ILE D 52 13.12 20.48 -2.45
C ILE D 52 12.46 19.94 -1.18
N ASP D 53 12.15 20.82 -0.23
CA ASP D 53 11.40 20.38 0.94
C ASP D 53 9.91 20.16 0.54
N LEU D 54 9.36 21.09 -0.24
CA LEU D 54 8.01 20.95 -0.80
C LEU D 54 7.84 19.78 -1.75
N GLU D 55 8.87 19.44 -2.52
CA GLU D 55 8.81 18.25 -3.38
C GLU D 55 8.49 16.99 -2.60
N ASP D 56 8.97 16.89 -1.36
CA ASP D 56 8.76 15.70 -0.56
C ASP D 56 7.28 15.49 -0.27
N ALA D 57 6.46 16.53 -0.39
CA ALA D 57 5.03 16.37 -0.16
C ALA D 57 4.29 15.76 -1.36
N LEU D 58 4.87 15.80 -2.54
CA LEU D 58 4.17 15.48 -3.76
C LEU D 58 3.68 14.05 -3.89
N PRO D 59 4.43 13.07 -3.38
CA PRO D 59 3.91 11.70 -3.42
C PRO D 59 2.63 11.48 -2.62
N PHE D 60 2.25 12.43 -1.78
CA PHE D 60 0.98 12.37 -1.08
C PHE D 60 -0.12 13.29 -1.68
N THR D 61 0.09 13.88 -2.85
CA THR D 61 -0.78 14.93 -3.40
C THR D 61 -0.73 14.81 -4.91
N SER D 62 -1.10 15.80 -5.68
CA SER D 62 -0.90 15.67 -7.13
C SER D 62 0.50 16.14 -7.52
N PRO D 63 0.95 15.81 -8.74
CA PRO D 63 2.26 16.21 -9.19
C PRO D 63 2.41 17.68 -9.52
N LYS D 64 3.66 18.13 -9.43
CA LYS D 64 4.00 19.53 -9.71
C LYS D 64 5.46 19.59 -10.03
N LYS D 65 5.82 20.50 -10.91
CA LYS D 65 7.20 20.85 -11.10
C LYS D 65 7.45 22.03 -10.14
N ILE D 66 8.32 21.84 -9.16
CA ILE D 66 8.66 22.89 -8.20
C ILE D 66 10.14 23.13 -8.20
N TYR D 67 10.55 24.40 -8.34
CA TYR D 67 11.97 24.70 -8.46
C TYR D 67 12.28 26.13 -8.10
N SER D 68 13.55 26.35 -7.77
CA SER D 68 14.11 27.68 -7.58
C SER D 68 14.17 28.36 -8.93
N ALA D 69 13.53 29.53 -9.05
CA ALA D 69 13.38 30.17 -10.33
C ALA D 69 14.01 31.58 -10.42
N GLU D 70 14.06 32.06 -11.66
CA GLU D 70 14.51 33.39 -11.99
C GLU D 70 13.36 34.15 -12.59
N TYR D 71 13.44 35.48 -12.59
CA TYR D 71 12.40 36.33 -13.17
C TYR D 71 12.11 35.95 -14.62
N SER D 72 13.13 35.47 -15.34
CA SER D 72 12.98 35.10 -16.75
C SER D 72 12.07 33.89 -16.94
N ASP D 73 11.96 33.06 -15.89
CA ASP D 73 11.02 31.92 -15.89
C ASP D 73 9.54 32.32 -15.95
N ALA D 74 9.23 33.61 -15.83
CA ALA D 74 7.83 34.06 -15.92
C ALA D 74 7.32 34.21 -17.34
N LYS D 75 8.18 34.01 -18.35
CA LYS D 75 7.81 34.23 -19.76
C LYS D 75 6.44 33.66 -20.05
N ASP D 76 6.21 32.42 -19.60
CA ASP D 76 4.98 31.69 -19.94
C ASP D 76 4.11 31.35 -18.72
N ALA D 77 4.30 32.09 -17.65
CA ALA D 77 3.52 31.86 -16.45
C ALA D 77 2.10 32.36 -16.61
N ASP D 78 1.17 31.68 -15.96
CA ASP D 78 -0.20 32.13 -15.87
C ASP D 78 -0.31 33.22 -14.83
N LEU D 79 0.52 33.14 -13.82
CA LEU D 79 0.27 33.86 -12.58
C LEU D 79 1.57 34.28 -11.97
N VAL D 80 1.67 35.55 -11.60
CA VAL D 80 2.82 36.01 -10.83
C VAL D 80 2.29 36.55 -9.53
N VAL D 81 2.76 35.95 -8.46
CA VAL D 81 2.33 36.32 -7.11
C VAL D 81 3.45 37.00 -6.33
N ILE D 82 3.20 38.21 -5.88
CA ILE D 82 4.24 39.02 -5.26
C ILE D 82 3.97 39.09 -3.77
N THR D 83 4.86 38.47 -3.01
CA THR D 83 4.78 38.49 -1.55
C THR D 83 5.99 39.17 -0.92
N ALA D 84 6.98 39.53 -1.72
CA ALA D 84 8.26 40.06 -1.22
C ALA D 84 8.05 41.42 -0.54
N GLY D 85 8.14 41.43 0.78
CA GLY D 85 8.06 42.66 1.56
C GLY D 85 9.26 42.81 2.48
N ALA D 86 9.43 44.00 3.03
CA ALA D 86 10.29 44.14 4.19
C ALA D 86 9.50 43.47 5.31
N PRO D 87 10.18 42.65 6.13
CA PRO D 87 9.46 42.00 7.22
C PRO D 87 9.03 43.03 8.27
N GLN D 88 7.87 42.81 8.87
CA GLN D 88 7.24 43.82 9.71
C GLN D 88 7.66 43.71 11.19
N LYS D 89 8.31 44.76 11.70
CA LYS D 89 8.75 44.81 13.09
C LYS D 89 7.54 45.19 13.91
N PRO D 90 7.51 44.84 15.21
CA PRO D 90 6.27 45.17 15.94
C PRO D 90 5.99 46.64 16.22
N GLY D 91 6.89 47.59 15.92
CA GLY D 91 6.52 49.01 16.05
C GLY D 91 5.61 49.50 14.95
N GLU D 92 5.57 48.79 13.83
CA GLU D 92 5.23 49.38 12.56
C GLU D 92 3.78 49.14 12.10
N THR D 93 3.20 50.13 11.45
CA THR D 93 1.97 50.00 10.64
C THR D 93 2.27 49.39 9.27
N ARG D 94 1.26 48.89 8.58
CA ARG D 94 1.53 48.49 7.21
C ARG D 94 2.03 49.63 6.33
N LEU D 95 1.52 50.83 6.58
CA LEU D 95 1.95 52.00 5.81
C LEU D 95 3.47 52.32 6.05
N ASP D 96 3.95 52.11 7.27
CA ASP D 96 5.37 52.28 7.59
C ASP D 96 6.32 51.48 6.69
N LEU D 97 5.80 50.52 5.93
CA LEU D 97 6.59 49.71 4.97
C LEU D 97 6.56 50.25 3.52
N VAL D 98 5.81 51.31 3.21
CA VAL D 98 5.59 51.71 1.81
C VAL D 98 6.84 51.98 0.94
N ASN D 99 7.79 52.77 1.43
CA ASN D 99 8.96 53.07 0.61
C ASN D 99 9.90 51.89 0.51
N LYS D 100 10.09 51.17 1.60
CA LYS D 100 10.95 50.00 1.52
C LYS D 100 10.41 49.02 0.48
N ASN D 101 9.09 48.82 0.45
CA ASN D 101 8.48 47.84 -0.43
C ASN D 101 8.32 48.28 -1.90
N LEU D 102 8.12 49.56 -2.15
CA LEU D 102 8.22 50.08 -3.51
C LEU D 102 9.58 49.83 -4.11
N LYS D 103 10.64 50.04 -3.33
CA LYS D 103 12.02 49.83 -3.82
C LYS D 103 12.15 48.39 -4.33
N ILE D 104 11.69 47.46 -3.51
CA ILE D 104 11.71 46.05 -3.86
C ILE D 104 10.81 45.79 -5.08
N LEU D 105 9.58 46.32 -5.06
CA LEU D 105 8.69 46.24 -6.26
C LEU D 105 9.27 46.55 -7.64
N LYS D 106 9.95 47.70 -7.60
CA LYS D 106 10.59 48.29 -8.78
C LYS D 106 11.52 47.26 -9.40
N SER D 107 12.27 46.57 -8.55
CA SER D 107 13.26 45.61 -9.01
C SER D 107 12.66 44.30 -9.51
N ILE D 108 11.34 44.12 -9.37
CA ILE D 108 10.65 42.85 -9.68
C ILE D 108 9.85 42.98 -10.94
N VAL D 109 8.98 43.98 -10.97
CA VAL D 109 8.03 44.08 -12.06
C VAL D 109 8.71 44.25 -13.40
N ASP D 110 9.75 45.08 -13.45
CA ASP D 110 10.43 45.32 -14.72
C ASP D 110 11.02 44.02 -15.34
N PRO D 111 11.81 43.24 -14.58
CA PRO D 111 12.34 42.00 -15.19
C PRO D 111 11.27 40.97 -15.54
N ILE D 112 10.17 40.99 -14.79
CA ILE D 112 9.07 40.07 -15.05
C ILE D 112 8.42 40.40 -16.41
N VAL D 113 8.10 41.69 -16.61
CA VAL D 113 7.49 42.12 -17.87
C VAL D 113 8.44 41.88 -19.03
N ASP D 114 9.71 42.20 -18.81
CA ASP D 114 10.74 41.98 -19.81
C ASP D 114 10.86 40.50 -20.19
N SER D 115 10.54 39.60 -19.29
CA SER D 115 10.57 38.17 -19.64
C SER D 115 9.55 37.78 -20.72
N GLY D 116 8.52 38.60 -20.90
CA GLY D 116 7.42 38.26 -21.81
C GLY D 116 6.15 37.88 -21.07
N PHE D 117 6.18 37.93 -19.73
CA PHE D 117 5.04 37.51 -18.92
C PHE D 117 3.77 38.18 -19.40
N ASN D 118 2.73 37.41 -19.61
CA ASN D 118 1.51 37.94 -20.17
C ASN D 118 0.31 37.36 -19.47
N GLY D 119 0.43 37.27 -18.13
CA GLY D 119 -0.61 36.67 -17.30
C GLY D 119 -1.30 37.66 -16.40
N ILE D 120 -1.51 37.25 -15.15
CA ILE D 120 -2.15 38.08 -14.13
C ILE D 120 -1.18 38.29 -12.98
N PHE D 121 -1.12 39.50 -12.46
CA PHE D 121 -0.35 39.77 -11.27
C PHE D 121 -1.24 39.66 -10.08
N LEU D 122 -0.81 38.88 -9.11
CA LEU D 122 -1.51 38.85 -7.84
C LEU D 122 -0.55 39.41 -6.80
N VAL D 123 -0.97 40.48 -6.14
CA VAL D 123 -0.11 41.21 -5.19
C VAL D 123 -0.56 41.07 -3.75
N ALA D 124 0.37 40.71 -2.88
CA ALA D 124 0.05 40.53 -1.48
C ALA D 124 1.00 41.23 -0.53
N ALA D 125 2.11 41.73 -1.04
CA ALA D 125 3.02 42.51 -0.21
C ALA D 125 2.32 43.72 0.39
N ASN D 126 2.67 44.10 1.61
CA ASN D 126 2.10 45.27 2.25
C ASN D 126 2.89 46.57 2.02
N PRO D 127 2.19 47.73 1.95
CA PRO D 127 0.72 47.99 2.00
C PRO D 127 0.11 47.67 0.65
N VAL D 128 -0.84 46.76 0.68
CA VAL D 128 -1.19 46.00 -0.50
C VAL D 128 -1.92 46.83 -1.56
N ASP D 129 -2.82 47.72 -1.15
CA ASP D 129 -3.61 48.49 -2.11
C ASP D 129 -2.70 49.49 -2.82
N ILE D 130 -1.72 50.02 -2.11
CA ILE D 130 -0.72 50.88 -2.72
C ILE D 130 0.20 50.12 -3.68
N LEU D 131 0.73 48.98 -3.24
CA LEU D 131 1.61 48.20 -4.07
C LEU D 131 0.89 47.61 -5.30
N THR D 132 -0.41 47.37 -5.17
CA THR D 132 -1.18 46.90 -6.29
C THR D 132 -1.23 48.00 -7.39
N TYR D 133 -1.59 49.23 -6.98
CA TYR D 133 -1.56 50.39 -7.88
C TYR D 133 -0.18 50.54 -8.52
N ALA D 134 0.85 50.54 -7.68
CA ALA D 134 2.22 50.60 -8.17
C ALA D 134 2.48 49.55 -9.26
N THR D 135 2.01 48.33 -9.02
CA THR D 135 2.28 47.21 -9.90
C THR D 135 1.59 47.44 -11.25
N TRP D 136 0.39 48.00 -11.21
CA TRP D 136 -0.32 48.39 -12.41
C TRP D 136 0.47 49.42 -13.18
N LYS D 137 0.81 50.50 -12.49
CA LYS D 137 1.56 51.62 -13.09
C LYS D 137 2.89 51.13 -13.66
N LEU D 138 3.69 50.37 -12.91
CA LEU D 138 4.99 49.89 -13.42
C LEU D 138 4.88 48.87 -14.52
N SER D 139 3.82 48.08 -14.55
CA SER D 139 3.76 46.94 -15.50
C SER D 139 3.18 47.36 -16.83
N GLY D 140 2.29 48.34 -16.80
CA GLY D 140 1.50 48.69 -17.98
C GLY D 140 0.44 47.67 -18.36
N PHE D 141 0.15 46.69 -17.48
CA PHE D 141 -0.92 45.70 -17.70
C PHE D 141 -2.28 46.33 -17.55
N PRO D 142 -3.30 45.67 -18.07
CA PRO D 142 -4.66 46.21 -17.84
C PRO D 142 -5.07 46.17 -16.37
N LYS D 143 -5.93 47.13 -15.98
CA LYS D 143 -6.43 47.28 -14.60
C LYS D 143 -6.89 45.96 -14.03
N ASN D 144 -7.62 45.21 -14.82
CA ASN D 144 -8.29 44.04 -14.33
C ASN D 144 -7.38 42.81 -14.24
N ARG D 145 -6.14 42.91 -14.75
CA ARG D 145 -5.18 41.81 -14.63
C ARG D 145 -4.14 42.11 -13.59
N VAL D 146 -4.43 43.06 -12.73
CA VAL D 146 -3.57 43.32 -11.59
C VAL D 146 -4.48 43.35 -10.38
N VAL D 147 -4.23 42.41 -9.49
CA VAL D 147 -5.17 42.13 -8.44
C VAL D 147 -4.45 42.09 -7.10
N GLY D 148 -5.01 42.72 -6.08
CA GLY D 148 -4.41 42.65 -4.78
C GLY D 148 -5.26 41.82 -3.87
N SER D 149 -4.67 41.24 -2.85
CA SER D 149 -5.41 40.48 -1.89
C SER D 149 -6.36 41.35 -1.13
N GLY D 150 -6.01 42.60 -0.94
CA GLY D 150 -6.92 43.59 -0.31
C GLY D 150 -7.45 43.10 1.01
N THR D 151 -8.76 43.15 1.16
CA THR D 151 -9.38 42.85 2.43
C THR D 151 -9.97 41.43 2.46
N SER D 152 -9.46 40.55 1.61
CA SER D 152 -9.88 39.15 1.67
C SER D 152 -9.60 38.55 3.04
N LEU D 153 -8.40 38.82 3.55
CA LEU D 153 -7.98 38.24 4.82
C LEU D 153 -8.73 38.83 5.99
N ASP D 154 -8.95 40.13 5.99
CA ASP D 154 -9.73 40.77 7.04
C ASP D 154 -11.14 40.26 7.04
N THR D 155 -11.69 40.09 5.85
CA THR D 155 -13.01 39.52 5.68
C THR D 155 -13.06 38.11 6.27
N ALA D 156 -12.04 37.30 5.99
CA ALA D 156 -12.01 35.97 6.54
C ALA D 156 -11.99 36.01 8.03
N ARG D 157 -11.13 36.86 8.57
CA ARG D 157 -11.02 37.03 10.02
C ARG D 157 -12.33 37.45 10.64
N PHE D 158 -13.01 38.37 9.97
CA PHE D 158 -14.28 38.86 10.40
C PHE D 158 -15.30 37.72 10.39
N ARG D 159 -15.34 36.95 9.30
CA ARG D 159 -16.32 35.90 9.21
C ARG D 159 -16.07 34.87 10.31
N GLN D 160 -14.81 34.53 10.54
CA GLN D 160 -14.45 33.51 11.53
C GLN D 160 -14.78 33.96 12.93
N SER D 161 -14.60 35.23 13.14
CA SER D 161 -14.91 35.83 14.40
C SER D 161 -16.40 35.68 14.72
N ILE D 162 -17.24 36.04 13.75
CA ILE D 162 -18.70 35.95 13.87
C ILE D 162 -19.10 34.51 14.06
N ALA D 163 -18.51 33.67 13.24
CA ALA D 163 -18.78 32.24 13.23
C ALA D 163 -18.61 31.65 14.64
N LYS D 164 -17.51 32.00 15.30
CA LYS D 164 -17.20 31.51 16.66
C LYS D 164 -18.22 31.97 17.64
N MET D 165 -18.64 33.22 17.49
CA MET D 165 -19.61 33.77 18.38
C MET D 165 -20.95 33.05 18.30
N VAL D 166 -21.40 32.81 17.09
CA VAL D 166 -22.71 32.30 16.87
C VAL D 166 -22.71 30.76 16.74
N ASN D 167 -21.51 30.18 16.78
CA ASN D 167 -21.31 28.74 16.64
C ASN D 167 -21.86 28.13 15.33
N VAL D 168 -21.36 28.66 14.24
CA VAL D 168 -21.77 28.29 12.89
C VAL D 168 -20.55 28.23 11.98
N ASP D 169 -20.56 27.30 11.05
CA ASP D 169 -19.50 27.21 10.03
C ASP D 169 -19.26 28.56 9.39
N ALA D 170 -18.02 29.03 9.36
CA ALA D 170 -17.73 30.34 8.80
C ALA D 170 -18.13 30.47 7.34
N ARG D 171 -18.19 29.37 6.60
CA ARG D 171 -18.69 29.42 5.22
C ARG D 171 -20.16 29.82 5.10
N SER D 172 -20.91 29.70 6.19
CA SER D 172 -22.30 30.16 6.23
C SER D 172 -22.43 31.59 6.76
N VAL D 173 -21.31 32.29 6.93
CA VAL D 173 -21.31 33.64 7.43
C VAL D 173 -20.80 34.55 6.36
N HIS D 174 -21.55 35.60 6.04
CA HIS D 174 -21.29 36.45 4.89
C HIS D 174 -21.20 37.87 5.35
N ALA D 175 -19.98 38.39 5.41
CA ALA D 175 -19.73 39.72 5.94
C ALA D 175 -18.48 40.23 5.32
N TYR D 176 -18.43 41.49 4.99
CA TYR D 176 -17.21 42.07 4.41
C TYR D 176 -16.50 43.09 5.30
N ILE D 177 -15.20 43.15 5.12
CA ILE D 177 -14.42 44.31 5.49
C ILE D 177 -14.02 44.90 4.15
N MET D 178 -14.19 46.19 4.03
CA MET D 178 -13.77 46.90 2.83
C MET D 178 -12.91 48.07 3.20
N GLY D 179 -12.31 48.64 2.16
CA GLY D 179 -11.48 49.82 2.29
C GLY D 179 -10.04 49.45 2.09
N GLU D 180 -9.15 50.32 2.53
CA GLU D 180 -7.72 50.01 2.49
C GLU D 180 -7.48 48.98 3.56
N HIS D 181 -6.77 47.93 3.23
CA HIS D 181 -6.32 46.93 4.19
C HIS D 181 -5.37 47.63 5.13
N GLY D 182 -5.74 47.72 6.39
CA GLY D 182 -5.01 48.52 7.36
C GLY D 182 -5.97 49.27 8.25
N ASP D 183 -5.49 50.33 8.89
CA ASP D 183 -6.21 50.96 10.00
C ASP D 183 -7.54 51.62 9.62
N THR D 184 -7.69 52.03 8.37
CA THR D 184 -8.91 52.73 7.98
C THR D 184 -9.97 51.80 7.37
N GLU D 185 -9.73 50.50 7.40
CA GLU D 185 -10.72 49.55 6.92
C GLU D 185 -11.96 49.58 7.81
N PHE D 186 -13.08 49.07 7.32
CA PHE D 186 -14.31 49.10 8.10
C PHE D 186 -15.24 47.95 7.75
N PRO D 187 -16.05 47.54 8.72
CA PRO D 187 -17.00 46.48 8.48
C PRO D 187 -18.28 46.96 7.81
N VAL D 188 -18.88 46.10 6.99
CA VAL D 188 -20.10 46.46 6.27
C VAL D 188 -21.22 45.75 6.95
N TRP D 189 -21.55 46.21 8.15
CA TRP D 189 -22.59 45.58 8.99
C TRP D 189 -23.95 45.56 8.33
N SER D 190 -24.22 46.56 7.47
CA SER D 190 -25.52 46.68 6.84
C SER D 190 -25.90 45.46 6.02
N HIS D 191 -24.91 44.81 5.41
CA HIS D 191 -25.15 43.61 4.58
C HIS D 191 -24.59 42.31 5.16
N ALA D 192 -24.01 42.40 6.35
CA ALA D 192 -23.46 41.21 6.97
C ALA D 192 -24.59 40.30 7.39
N ASN D 193 -24.40 39.02 7.23
CA ASN D 193 -25.46 38.06 7.57
C ASN D 193 -24.95 36.67 7.80
N ILE D 194 -25.80 35.87 8.43
CA ILE D 194 -25.52 34.49 8.74
C ILE D 194 -26.65 33.73 8.10
N GLY D 195 -26.33 32.96 7.07
CA GLY D 195 -27.33 32.17 6.35
C GLY D 195 -28.48 33.02 5.84
N GLY D 196 -28.19 34.25 5.41
CA GLY D 196 -29.21 35.16 4.88
C GLY D 196 -29.84 36.13 5.88
N VAL D 197 -29.98 35.70 7.14
CA VAL D 197 -30.40 36.56 8.25
C VAL D 197 -29.34 37.61 8.60
N THR D 198 -29.70 38.88 8.53
CA THR D 198 -28.71 39.96 8.74
C THR D 198 -28.28 40.05 10.18
N ILE D 199 -27.18 40.74 10.41
CA ILE D 199 -26.69 40.87 11.77
C ILE D 199 -27.70 41.67 12.61
N ALA D 200 -28.25 42.74 12.04
CA ALA D 200 -29.30 43.48 12.73
C ALA D 200 -30.43 42.55 13.16
N GLU D 201 -30.97 41.79 12.22
CA GLU D 201 -32.04 40.84 12.51
C GLU D 201 -31.63 39.82 13.54
N TRP D 202 -30.36 39.37 13.50
CA TRP D 202 -29.85 38.30 14.38
C TRP D 202 -29.80 38.77 15.83
N VAL D 203 -29.33 39.98 16.02
CA VAL D 203 -29.25 40.58 17.32
C VAL D 203 -30.62 40.75 17.96
N LYS D 204 -31.60 41.15 17.14
CA LYS D 204 -32.98 41.30 17.62
C LYS D 204 -33.57 39.94 18.06
N ALA D 205 -33.21 38.86 17.39
CA ALA D 205 -33.69 37.51 17.76
C ALA D 205 -32.91 36.95 18.93
N HIS D 206 -31.68 37.41 19.10
CA HIS D 206 -30.84 36.74 20.08
C HIS D 206 -30.25 37.68 21.10
N PRO D 207 -30.83 37.75 22.31
CA PRO D 207 -30.24 38.60 23.38
C PRO D 207 -28.92 38.08 23.95
N GLU D 208 -28.59 36.80 23.71
CA GLU D 208 -27.30 36.27 24.09
C GLU D 208 -26.24 37.02 23.30
N ILE D 209 -26.61 37.61 22.16
CA ILE D 209 -25.73 38.44 21.33
C ILE D 209 -25.87 39.97 21.62
N LYS D 210 -24.78 40.58 22.10
CA LYS D 210 -24.76 42.01 22.37
C LYS D 210 -24.00 42.87 21.33
N GLU D 211 -24.50 44.06 21.03
CA GLU D 211 -23.86 45.05 20.14
C GLU D 211 -22.48 45.56 20.59
N ASP D 212 -22.20 45.55 21.87
CA ASP D 212 -20.86 45.97 22.28
C ASP D 212 -19.78 44.96 21.92
N LYS D 213 -20.20 43.68 21.94
CA LYS D 213 -19.37 42.55 21.55
C LYS D 213 -19.05 42.81 20.10
N LEU D 214 -20.03 43.27 19.30
CA LEU D 214 -19.83 43.44 17.86
C LEU D 214 -18.80 44.51 17.54
N VAL D 215 -18.83 45.60 18.30
CA VAL D 215 -17.83 46.61 18.11
C VAL D 215 -16.44 46.06 18.43
N LYS D 216 -16.33 45.37 19.55
CA LYS D 216 -15.04 44.82 19.94
C LYS D 216 -14.53 43.83 18.90
N MET D 217 -15.46 43.05 18.37
CA MET D 217 -15.16 42.00 17.40
C MET D 217 -14.47 42.58 16.21
N PHE D 218 -14.99 43.70 15.72
CA PHE D 218 -14.37 44.38 14.62
C PHE D 218 -13.02 44.98 14.99
N GLU D 219 -12.96 45.66 16.12
CA GLU D 219 -11.70 46.23 16.57
C GLU D 219 -10.61 45.15 16.67
N ASP D 220 -10.97 44.00 17.22
CA ASP D 220 -10.05 42.87 17.31
C ASP D 220 -9.62 42.39 15.96
N VAL D 221 -10.56 42.32 15.02
CA VAL D 221 -10.21 41.98 13.65
C VAL D 221 -9.20 42.96 13.08
N ARG D 222 -9.48 44.24 13.16
CA ARG D 222 -8.58 45.27 12.63
C ARG D 222 -7.18 45.22 13.21
N ASN D 223 -7.08 44.82 14.46
CA ASN D 223 -5.83 44.71 15.13
C ASN D 223 -5.22 43.30 15.10
N LYS D 224 -5.83 42.36 14.39
CA LYS D 224 -5.42 40.96 14.49
C LYS D 224 -3.97 40.72 14.04
N ALA D 225 -3.53 41.37 12.99
CA ALA D 225 -2.14 41.20 12.56
C ALA D 225 -1.18 41.55 13.65
N TYR D 226 -1.42 42.69 14.29
CA TYR D 226 -0.56 43.14 15.38
C TYR D 226 -0.56 42.14 16.52
N GLU D 227 -1.73 41.61 16.87
CA GLU D 227 -1.82 40.59 17.94
C GLU D 227 -0.98 39.37 17.58
N ILE D 228 -1.08 38.92 16.34
CA ILE D 228 -0.36 37.73 15.91
C ILE D 228 1.13 37.97 15.93
N ILE D 229 1.56 39.15 15.50
CA ILE D 229 2.98 39.46 15.46
C ILE D 229 3.52 39.52 16.88
N LYS D 230 2.74 40.12 17.75
CA LYS D 230 3.09 40.15 19.17
C LYS D 230 3.30 38.76 19.73
N LEU D 231 2.47 37.82 19.31
CA LEU D 231 2.48 36.49 19.88
C LEU D 231 3.47 35.55 19.25
N LYS D 232 3.80 35.74 17.98
CA LYS D 232 4.62 34.76 17.28
C LYS D 232 5.50 35.30 16.18
N GLY D 233 5.58 36.63 16.03
CA GLY D 233 6.58 37.23 15.19
C GLY D 233 6.12 37.65 13.83
N ALA D 234 5.26 36.86 13.23
CA ALA D 234 4.74 37.16 11.90
C ALA D 234 3.39 36.49 11.71
N THR D 235 2.66 36.89 10.66
CA THR D 235 1.40 36.25 10.32
C THR D 235 1.60 35.68 8.95
N PHE D 236 1.06 34.49 8.70
CA PHE D 236 1.17 33.93 7.36
C PHE D 236 0.12 32.92 6.92
N TYR D 237 -0.42 32.10 7.82
CA TYR D 237 -1.38 31.07 7.40
C TYR D 237 -2.64 31.65 6.75
N GLY D 238 -3.15 32.73 7.30
CA GLY D 238 -4.36 33.34 6.75
C GLY D 238 -4.16 33.82 5.33
N ILE D 239 -3.17 34.67 5.13
CA ILE D 239 -2.96 35.28 3.84
C ILE D 239 -2.57 34.26 2.81
N ALA D 240 -1.74 33.32 3.19
CA ALA D 240 -1.38 32.22 2.29
C ALA D 240 -2.63 31.53 1.77
N THR D 241 -3.49 31.15 2.70
CA THR D 241 -4.71 30.48 2.34
C THR D 241 -5.57 31.33 1.39
N ALA D 242 -5.67 32.62 1.69
CA ALA D 242 -6.44 33.53 0.84
C ALA D 242 -5.85 33.59 -0.56
N LEU D 243 -4.54 33.68 -0.63
CA LEU D 243 -3.88 33.70 -1.94
C LEU D 243 -4.13 32.44 -2.76
N ALA D 244 -4.14 31.31 -2.09
CA ALA D 244 -4.49 30.05 -2.75
C ALA D 244 -5.94 30.07 -3.23
N ARG D 245 -6.83 30.61 -2.42
CA ARG D 245 -8.23 30.73 -2.84
C ARG D 245 -8.39 31.57 -4.11
N ILE D 246 -7.67 32.67 -4.15
CA ILE D 246 -7.73 33.58 -5.30
C ILE D 246 -7.10 32.94 -6.53
N SER D 247 -5.95 32.31 -6.35
CA SER D 247 -5.33 31.56 -7.39
C SER D 247 -6.29 30.51 -7.97
N LYS D 248 -6.99 29.75 -7.12
CA LYS D 248 -7.90 28.69 -7.59
C LYS D 248 -9.03 29.31 -8.42
N ALA D 249 -9.51 30.46 -7.99
CA ALA D 249 -10.60 31.15 -8.69
C ALA D 249 -10.20 31.61 -10.08
N ILE D 250 -8.99 32.10 -10.19
CA ILE D 250 -8.47 32.43 -11.49
C ILE D 250 -8.22 31.17 -12.31
N LEU D 251 -7.40 30.26 -11.81
CA LEU D 251 -6.99 29.11 -12.61
C LEU D 251 -8.12 28.15 -12.99
N ASN D 252 -9.19 28.06 -12.18
CA ASN D 252 -10.40 27.30 -12.58
C ASN D 252 -11.55 28.15 -13.09
N ASP D 253 -11.27 29.41 -13.41
CA ASP D 253 -12.23 30.28 -14.11
C ASP D 253 -13.57 30.29 -13.41
N GLU D 254 -13.56 30.53 -12.11
CA GLU D 254 -14.74 30.31 -11.27
C GLU D 254 -15.84 31.40 -11.38
N ASN D 255 -15.48 32.64 -11.73
CA ASN D 255 -16.40 33.79 -11.57
C ASN D 255 -16.88 33.88 -10.13
N ALA D 256 -15.90 33.83 -9.23
CA ALA D 256 -16.18 33.84 -7.82
C ALA D 256 -16.19 35.26 -7.35
N VAL D 257 -16.96 35.50 -6.31
CA VAL D 257 -16.98 36.78 -5.66
C VAL D 257 -16.05 36.74 -4.49
N LEU D 258 -15.14 37.68 -4.44
CA LEU D 258 -14.19 37.81 -3.32
C LEU D 258 -13.88 39.27 -3.07
N PRO D 259 -13.55 39.63 -1.85
CA PRO D 259 -13.09 40.98 -1.62
C PRO D 259 -11.64 41.13 -2.07
N LEU D 260 -11.34 42.11 -2.91
CA LEU D 260 -10.01 42.24 -3.47
C LEU D 260 -9.63 43.67 -3.71
N SER D 261 -8.34 43.94 -3.83
CA SER D 261 -7.89 45.27 -4.26
C SER D 261 -8.16 45.44 -5.74
N VAL D 262 -9.08 46.34 -6.08
CA VAL D 262 -9.44 46.58 -7.47
C VAL D 262 -9.52 48.06 -7.78
N TYR D 263 -9.36 48.38 -9.05
CA TYR D 263 -9.29 49.76 -9.52
C TYR D 263 -10.64 50.41 -9.50
N MET D 264 -10.73 51.57 -8.89
CA MET D 264 -11.97 52.35 -8.86
C MET D 264 -12.09 53.26 -10.08
N ASP D 265 -13.17 53.03 -10.84
CA ASP D 265 -13.55 53.86 -11.98
C ASP D 265 -14.92 54.42 -11.73
N GLY D 266 -15.08 55.15 -10.63
CA GLY D 266 -16.36 55.76 -10.30
C GLY D 266 -17.13 55.11 -9.16
N GLN D 267 -16.90 53.83 -8.92
CA GLN D 267 -17.62 53.12 -7.86
C GLN D 267 -17.42 53.81 -6.51
N TYR D 268 -18.49 53.90 -5.73
CA TYR D 268 -18.49 54.58 -4.44
C TYR D 268 -18.07 56.05 -4.52
N GLY D 269 -18.11 56.63 -5.73
CA GLY D 269 -17.58 57.96 -5.94
C GLY D 269 -16.07 58.04 -5.90
N LEU D 270 -15.39 56.93 -6.20
CA LEU D 270 -13.92 56.90 -6.11
C LEU D 270 -13.30 56.77 -7.46
N ASN D 271 -12.05 57.23 -7.57
CA ASN D 271 -11.32 57.22 -8.83
C ASN D 271 -9.80 57.12 -8.77
N ASP D 272 -9.24 56.37 -9.71
CA ASP D 272 -7.79 56.28 -9.88
C ASP D 272 -7.10 55.81 -8.57
N ILE D 273 -7.68 54.83 -7.88
CA ILE D 273 -6.96 54.05 -6.84
C ILE D 273 -7.41 52.61 -6.82
N TYR D 274 -6.57 51.74 -6.25
CA TYR D 274 -6.96 50.40 -5.95
C TYR D 274 -7.38 50.43 -4.53
N ILE D 275 -8.51 49.81 -4.25
CA ILE D 275 -9.04 49.69 -2.92
C ILE D 275 -9.91 48.43 -2.81
N GLY D 276 -10.12 47.96 -1.60
CA GLY D 276 -10.75 46.67 -1.34
C GLY D 276 -12.27 46.70 -1.39
N THR D 277 -12.82 45.88 -2.29
CA THR D 277 -14.27 45.73 -2.46
C THR D 277 -14.58 44.36 -3.06
N PRO D 278 -15.80 43.86 -2.84
CA PRO D 278 -16.18 42.63 -3.50
C PRO D 278 -16.07 42.76 -5.02
N ALA D 279 -15.52 41.75 -5.65
CA ALA D 279 -15.40 41.73 -7.09
C ALA D 279 -15.59 40.30 -7.62
N VAL D 280 -16.02 40.18 -8.85
CA VAL D 280 -16.11 38.90 -9.52
C VAL D 280 -14.78 38.64 -10.26
N ILE D 281 -14.21 37.46 -10.05
CA ILE D 281 -12.90 37.16 -10.62
C ILE D 281 -12.93 35.83 -11.34
N ASN D 282 -12.20 35.77 -12.45
CA ASN D 282 -12.10 34.54 -13.26
C ASN D 282 -10.77 34.47 -13.97
N ARG D 283 -10.65 33.59 -14.97
CA ARG D 283 -9.36 33.37 -15.64
C ARG D 283 -8.77 34.61 -16.24
N ASN D 284 -9.63 35.59 -16.58
CA ASN D 284 -9.16 36.87 -17.14
C ASN D 284 -9.03 38.02 -16.14
N GLY D 285 -9.03 37.68 -14.86
CA GLY D 285 -8.90 38.68 -13.80
C GLY D 285 -10.26 39.21 -13.46
N ILE D 286 -10.33 40.49 -13.16
CA ILE D 286 -11.55 41.09 -12.61
C ILE D 286 -12.55 41.26 -13.74
N GLN D 287 -13.74 40.73 -13.54
CA GLN D 287 -14.81 40.89 -14.49
C GLN D 287 -15.71 42.03 -14.06
N ASN D 288 -16.21 41.97 -12.84
CA ASN D 288 -17.16 42.96 -12.30
C ASN D 288 -16.62 43.46 -11.01
N ILE D 289 -16.96 44.68 -10.67
CA ILE D 289 -16.73 45.16 -9.34
C ILE D 289 -18.08 45.31 -8.72
N LEU D 290 -18.36 44.60 -7.64
CA LEU D 290 -19.64 44.77 -6.98
C LEU D 290 -19.60 46.02 -6.15
N GLU D 291 -20.66 46.79 -6.25
CA GLU D 291 -20.74 48.01 -5.54
C GLU D 291 -21.84 47.80 -4.51
N ILE D 292 -21.44 47.56 -3.28
CA ILE D 292 -22.41 47.39 -2.22
C ILE D 292 -23.02 48.75 -1.92
N PRO D 293 -24.37 48.85 -1.89
CA PRO D 293 -24.98 50.09 -1.43
C PRO D 293 -24.75 50.29 0.07
N LEU D 294 -23.89 51.25 0.42
CA LEU D 294 -23.50 51.43 1.81
C LEU D 294 -24.43 52.40 2.51
N THR D 295 -24.48 52.33 3.84
CA THR D 295 -25.17 53.35 4.61
C THR D 295 -24.39 54.64 4.51
N ASP D 296 -24.93 55.71 5.06
CA ASP D 296 -24.17 56.99 5.10
C ASP D 296 -22.89 56.84 5.90
N HIS D 297 -23.00 56.28 7.10
CA HIS D 297 -21.84 56.04 7.93
C HIS D 297 -20.78 55.19 7.17
N GLU D 298 -21.22 54.07 6.61
CA GLU D 298 -20.33 53.15 5.89
C GLU D 298 -19.68 53.83 4.70
N GLU D 299 -20.45 54.61 3.95
CA GLU D 299 -19.91 55.36 2.80
C GLU D 299 -18.86 56.41 3.24
N GLU D 300 -19.12 57.08 4.36
CA GLU D 300 -18.16 57.99 5.00
C GLU D 300 -16.84 57.26 5.24
N SER D 301 -16.91 56.10 5.89
CA SER D 301 -15.72 55.29 6.14
C SER D 301 -14.95 55.00 4.84
N MET D 302 -15.67 54.63 3.80
CA MET D 302 -15.04 54.26 2.57
C MET D 302 -14.32 55.44 1.99
N GLN D 303 -14.96 56.61 2.06
CA GLN D 303 -14.32 57.86 1.61
C GLN D 303 -13.04 58.16 2.36
N LYS D 304 -13.11 58.11 3.70
CA LYS D 304 -11.99 58.45 4.55
C LYS D 304 -10.83 57.53 4.24
N SER D 305 -11.13 56.25 4.12
CA SER D 305 -10.15 55.24 3.77
C SER D 305 -9.52 55.55 2.42
N ALA D 306 -10.34 55.88 1.45
CA ALA D 306 -9.86 56.18 0.10
C ALA D 306 -9.05 57.48 0.06
N SER D 307 -9.49 58.51 0.82
CA SER D 307 -8.81 59.82 0.89
C SER D 307 -7.41 59.69 1.44
N GLN D 308 -7.30 59.09 2.61
CA GLN D 308 -6.03 58.81 3.23
C GLN D 308 -5.11 58.00 2.32
N LEU D 309 -5.68 56.98 1.68
CA LEU D 309 -4.95 56.14 0.75
C LEU D 309 -4.37 56.93 -0.43
N LYS D 310 -5.18 57.83 -0.99
CA LYS D 310 -4.77 58.61 -2.16
C LYS D 310 -3.61 59.61 -1.76
N LYS D 311 -3.70 60.20 -0.57
CA LYS D 311 -2.58 61.06 -0.03
C LYS D 311 -1.28 60.31 -0.04
N VAL D 312 -1.30 59.12 0.54
CA VAL D 312 -0.09 58.31 0.70
C VAL D 312 0.48 57.88 -0.65
N LEU D 313 -0.38 57.57 -1.61
CA LEU D 313 0.07 57.28 -2.99
C LEU D 313 0.89 58.42 -3.58
N THR D 314 0.33 59.62 -3.55
CA THR D 314 0.96 60.79 -4.17
C THR D 314 2.34 60.98 -3.58
N ASP D 315 2.40 61.03 -2.26
CA ASP D 315 3.66 61.22 -1.52
C ASP D 315 4.70 60.13 -1.84
N ALA D 316 4.27 58.88 -1.90
CA ALA D 316 5.18 57.77 -2.17
C ALA D 316 5.94 57.81 -3.50
N PHE D 317 5.37 58.43 -4.54
CA PHE D 317 6.02 58.65 -5.86
C PHE D 317 6.70 60.06 -6.00
N ILE E 4 -10.70 4.38 21.77
CA ILE E 4 -11.70 5.46 21.43
C ILE E 4 -11.81 5.70 19.92
N THR E 5 -10.68 5.62 19.23
CA THR E 5 -10.66 5.74 17.78
C THR E 5 -11.39 4.58 17.07
N ASP E 6 -11.77 3.55 17.82
CA ASP E 6 -12.62 2.47 17.29
C ASP E 6 -13.93 3.02 16.73
N LYS E 7 -14.34 4.15 17.27
CA LYS E 7 -15.51 4.87 16.80
C LYS E 7 -15.30 5.82 15.61
N ASP E 8 -14.11 5.83 15.02
CA ASP E 8 -13.89 6.56 13.76
C ASP E 8 -14.19 5.67 12.55
N HIS E 9 -15.39 5.12 12.52
CA HIS E 9 -15.86 4.39 11.37
C HIS E 9 -17.30 4.83 11.16
N GLN E 10 -17.59 5.45 10.02
CA GLN E 10 -18.89 6.01 9.78
C GLN E 10 -19.68 5.16 8.81
N LYS E 11 -20.94 4.95 9.17
CA LYS E 11 -21.78 3.99 8.48
C LYS E 11 -23.14 4.57 8.10
N VAL E 12 -23.49 4.41 6.84
CA VAL E 12 -24.76 4.87 6.33
C VAL E 12 -25.55 3.71 5.80
N ILE E 13 -26.80 3.62 6.22
CA ILE E 13 -27.75 2.68 5.65
C ILE E 13 -28.68 3.48 4.76
N LEU E 14 -28.73 3.08 3.50
CA LEU E 14 -29.55 3.73 2.50
C LEU E 14 -30.72 2.84 2.21
N VAL E 15 -31.92 3.38 2.34
CA VAL E 15 -33.14 2.63 2.11
C VAL E 15 -33.81 3.16 0.88
N GLY E 16 -33.92 2.32 -0.14
CA GLY E 16 -34.41 2.74 -1.44
C GLY E 16 -33.29 2.89 -2.46
N ASP E 17 -33.29 2.03 -3.47
CA ASP E 17 -32.22 2.02 -4.45
C ASP E 17 -32.70 2.39 -5.83
N GLY E 18 -33.57 3.39 -5.92
CA GLY E 18 -33.97 3.91 -7.18
C GLY E 18 -32.85 4.77 -7.72
N ALA E 19 -33.14 5.60 -8.70
CA ALA E 19 -32.11 6.44 -9.27
C ALA E 19 -31.54 7.39 -8.20
N VAL E 20 -32.40 7.92 -7.37
CA VAL E 20 -31.96 8.85 -6.31
C VAL E 20 -30.99 8.16 -5.36
N GLY E 21 -31.40 7.04 -4.78
CA GLY E 21 -30.57 6.36 -3.78
C GLY E 21 -29.27 5.92 -4.37
N SER E 22 -29.36 5.39 -5.58
CA SER E 22 -28.18 4.90 -6.29
C SER E 22 -27.18 6.06 -6.56
N SER E 23 -27.69 7.20 -7.01
CA SER E 23 -26.87 8.36 -7.25
C SER E 23 -26.29 8.96 -5.98
N TYR E 24 -27.06 8.88 -4.90
CA TYR E 24 -26.59 9.34 -3.62
C TYR E 24 -25.39 8.50 -3.21
N ALA E 25 -25.50 7.19 -3.40
CA ALA E 25 -24.42 6.28 -3.03
C ALA E 25 -23.19 6.60 -3.83
N TYR E 26 -23.37 6.85 -5.11
CA TYR E 26 -22.25 7.19 -5.96
C TYR E 26 -21.58 8.49 -5.51
N ALA E 27 -22.39 9.49 -5.18
CA ALA E 27 -21.85 10.75 -4.75
C ALA E 27 -21.00 10.57 -3.48
N MET E 28 -21.50 9.77 -2.55
CA MET E 28 -20.81 9.50 -1.29
C MET E 28 -19.48 8.81 -1.56
N VAL E 29 -19.48 7.88 -2.51
CA VAL E 29 -18.25 7.19 -2.92
C VAL E 29 -17.23 8.16 -3.53
N LEU E 30 -17.66 8.93 -4.51
CA LEU E 30 -16.78 9.85 -5.19
C LEU E 30 -16.17 10.86 -4.27
N GLN E 31 -16.91 11.34 -3.30
CA GLN E 31 -16.39 12.38 -2.43
C GLN E 31 -15.85 11.84 -1.16
N GLY E 32 -15.80 10.52 -1.03
CA GLY E 32 -15.20 9.92 0.13
C GLY E 32 -15.86 10.29 1.44
N ILE E 33 -17.17 10.36 1.46
CA ILE E 33 -17.92 10.59 2.66
C ILE E 33 -18.40 9.25 3.24
N ALA E 34 -18.10 9.03 4.52
CA ALA E 34 -18.39 7.80 5.24
C ALA E 34 -17.54 6.62 4.76
N GLN E 35 -17.39 5.63 5.64
CA GLN E 35 -16.57 4.46 5.33
C GLN E 35 -17.39 3.22 5.02
N GLU E 36 -18.70 3.26 5.22
CA GLU E 36 -19.53 2.06 4.99
C GLU E 36 -20.92 2.43 4.51
N ILE E 37 -21.38 1.78 3.44
CA ILE E 37 -22.72 2.02 2.91
C ILE E 37 -23.43 0.70 2.71
N GLY E 38 -24.53 0.53 3.42
CA GLY E 38 -25.41 -0.61 3.23
C GLY E 38 -26.62 -0.17 2.46
N ILE E 39 -26.98 -0.93 1.44
CA ILE E 39 -28.09 -0.56 0.56
C ILE E 39 -29.25 -1.52 0.72
N VAL E 40 -30.40 -1.00 1.12
CA VAL E 40 -31.59 -1.82 1.43
C VAL E 40 -32.71 -1.51 0.47
N ASP E 41 -33.26 -2.53 -0.17
CA ASP E 41 -34.39 -2.34 -1.08
C ASP E 41 -35.08 -3.68 -1.28
N ILE E 42 -36.39 -3.64 -1.48
CA ILE E 42 -37.14 -4.86 -1.76
C ILE E 42 -36.57 -5.65 -2.95
N PHE E 43 -36.06 -4.98 -3.99
CA PHE E 43 -35.32 -5.64 -5.10
C PHE E 43 -33.87 -5.97 -4.72
N LYS E 44 -33.68 -7.16 -4.13
CA LYS E 44 -32.37 -7.59 -3.64
C LYS E 44 -31.36 -7.70 -4.76
N ASP E 45 -31.78 -8.16 -5.93
CA ASP E 45 -30.85 -8.24 -7.06
C ASP E 45 -30.32 -6.88 -7.48
N LYS E 46 -31.20 -5.89 -7.56
CA LYS E 46 -30.78 -4.58 -7.98
C LYS E 46 -29.76 -4.04 -6.96
N THR E 47 -29.99 -4.24 -5.66
CA THR E 47 -29.05 -3.69 -4.69
C THR E 47 -27.69 -4.36 -4.72
N LYS E 48 -27.67 -5.66 -4.92
CA LYS E 48 -26.41 -6.37 -5.13
C LYS E 48 -25.71 -5.77 -6.36
N GLY E 49 -26.47 -5.54 -7.41
CA GLY E 49 -25.96 -5.01 -8.65
C GLY E 49 -25.27 -3.68 -8.47
N ASP E 50 -25.90 -2.78 -7.73
CA ASP E 50 -25.34 -1.45 -7.50
C ASP E 50 -24.12 -1.53 -6.60
N ALA E 51 -24.24 -2.29 -5.51
CA ALA E 51 -23.12 -2.47 -4.60
C ALA E 51 -21.87 -2.85 -5.34
N ILE E 52 -21.93 -3.82 -6.22
CA ILE E 52 -20.70 -4.30 -6.83
C ILE E 52 -20.27 -3.43 -7.99
N ASP E 53 -21.20 -2.63 -8.53
CA ASP E 53 -20.81 -1.69 -9.59
C ASP E 53 -20.09 -0.53 -8.95
N LEU E 54 -20.61 -0.09 -7.79
CA LEU E 54 -19.99 0.99 -7.02
C LEU E 54 -18.63 0.63 -6.43
N GLU E 55 -18.45 -0.64 -6.07
CA GLU E 55 -17.14 -1.10 -5.59
C GLU E 55 -16.04 -0.88 -6.60
N ASP E 56 -16.35 -1.01 -7.89
CA ASP E 56 -15.35 -0.81 -8.93
C ASP E 56 -14.76 0.60 -8.92
N ALA E 57 -15.47 1.56 -8.32
CA ALA E 57 -14.98 2.93 -8.26
C ALA E 57 -13.95 3.16 -7.16
N LEU E 58 -13.90 2.26 -6.18
CA LEU E 58 -13.13 2.50 -4.95
C LEU E 58 -11.63 2.60 -5.10
N PRO E 59 -11.04 1.82 -6.01
CA PRO E 59 -9.60 2.02 -6.26
C PRO E 59 -9.21 3.41 -6.74
N PHE E 60 -10.17 4.22 -7.16
CA PHE E 60 -9.92 5.57 -7.60
C PHE E 60 -10.37 6.61 -6.57
N THR E 61 -10.72 6.21 -5.37
CA THR E 61 -11.30 7.13 -4.36
C THR E 61 -10.85 6.64 -3.00
N SER E 62 -11.50 7.02 -1.92
CA SER E 62 -11.15 6.39 -0.63
C SER E 62 -11.91 5.06 -0.43
N PRO E 63 -11.48 4.23 0.54
CA PRO E 63 -12.10 2.92 0.76
C PRO E 63 -13.43 2.98 1.43
N LYS E 64 -14.22 1.95 1.19
CA LYS E 64 -15.55 1.84 1.75
C LYS E 64 -15.95 0.40 1.74
N LYS E 65 -16.71 0.00 2.74
CA LYS E 65 -17.40 -1.28 2.71
C LYS E 65 -18.78 -0.96 2.10
N ILE E 66 -19.08 -1.53 0.93
CA ILE E 66 -20.37 -1.32 0.26
C ILE E 66 -21.03 -2.64 0.00
N TYR E 67 -22.30 -2.78 0.37
CA TYR E 67 -22.97 -4.07 0.25
C TYR E 67 -24.48 -3.93 0.23
N SER E 68 -25.12 -4.97 -0.30
CA SER E 68 -26.57 -5.16 -0.20
C SER E 68 -26.93 -5.47 1.23
N ALA E 69 -27.80 -4.68 1.85
CA ALA E 69 -28.03 -4.77 3.28
C ALA E 69 -29.45 -5.08 3.67
N GLU E 70 -29.62 -5.37 4.96
CA GLU E 70 -30.91 -5.63 5.60
C GLU E 70 -31.15 -4.56 6.65
N TYR E 71 -32.40 -4.37 7.06
CA TYR E 71 -32.73 -3.38 8.08
C TYR E 71 -31.96 -3.60 9.37
N SER E 72 -31.63 -4.86 9.66
CA SER E 72 -30.90 -5.19 10.89
C SER E 72 -29.47 -4.63 10.88
N ASP E 73 -28.93 -4.40 9.68
CA ASP E 73 -27.61 -3.79 9.51
C ASP E 73 -27.56 -2.33 10.00
N ALA E 74 -28.68 -1.73 10.37
CA ALA E 74 -28.67 -0.38 10.88
C ALA E 74 -28.33 -0.28 12.36
N LYS E 75 -28.14 -1.41 13.03
CA LYS E 75 -27.92 -1.41 14.48
C LYS E 75 -26.94 -0.32 14.89
N ASP E 76 -25.82 -0.23 14.17
CA ASP E 76 -24.73 0.66 14.54
C ASP E 76 -24.48 1.74 13.50
N ALA E 77 -25.49 2.02 12.69
CA ALA E 77 -25.33 3.03 11.65
C ALA E 77 -25.40 4.41 12.25
N ASP E 78 -24.66 5.32 11.64
CA ASP E 78 -24.71 6.73 12.02
C ASP E 78 -25.94 7.39 11.40
N LEU E 79 -26.35 6.88 10.26
CA LEU E 79 -27.21 7.60 9.37
C LEU E 79 -28.11 6.66 8.62
N VAL E 80 -29.40 6.94 8.62
CA VAL E 80 -30.33 6.19 7.82
C VAL E 80 -31.00 7.16 6.89
N VAL E 81 -30.87 6.90 5.60
CA VAL E 81 -31.37 7.76 4.55
C VAL E 81 -32.51 7.03 3.81
N ILE E 82 -33.69 7.64 3.79
CA ILE E 82 -34.87 7.03 3.23
C ILE E 82 -35.26 7.72 1.94
N THR E 83 -35.09 7.01 0.84
CA THR E 83 -35.40 7.53 -0.49
C THR E 83 -36.53 6.63 -0.94
N ALA E 84 -37.16 6.93 -2.08
CA ALA E 84 -38.21 6.07 -2.63
C ALA E 84 -39.52 5.98 -1.81
N GLY E 85 -40.48 6.81 -2.20
CA GLY E 85 -41.84 6.68 -1.74
C GLY E 85 -42.68 6.25 -2.92
N ALA E 86 -43.90 5.81 -2.66
CA ALA E 86 -44.77 5.38 -3.74
C ALA E 86 -45.31 6.63 -4.44
N PRO E 87 -45.30 6.64 -5.77
CA PRO E 87 -45.81 7.82 -6.46
C PRO E 87 -47.33 7.91 -6.35
N GLN E 88 -47.88 9.12 -6.47
CA GLN E 88 -49.35 9.32 -6.50
C GLN E 88 -49.98 8.90 -7.84
N LYS E 89 -50.97 8.01 -7.81
CA LYS E 89 -51.77 7.70 -9.05
C LYS E 89 -53.02 8.61 -9.25
N PRO E 90 -53.51 8.74 -10.50
CA PRO E 90 -54.73 9.52 -10.69
C PRO E 90 -55.91 8.78 -10.07
N GLY E 91 -56.72 9.54 -9.40
CA GLY E 91 -57.82 8.95 -8.61
C GLY E 91 -57.52 8.73 -7.15
N GLU E 92 -56.26 8.91 -6.76
CA GLU E 92 -55.86 9.07 -5.35
C GLU E 92 -55.83 10.55 -4.96
N THR E 93 -56.33 10.83 -3.77
CA THR E 93 -56.12 12.16 -3.10
C THR E 93 -54.74 12.27 -2.45
N ARG E 94 -54.29 13.47 -2.12
CA ARG E 94 -53.06 13.62 -1.33
C ARG E 94 -53.16 12.84 -0.01
N LEU E 95 -54.34 12.80 0.58
CA LEU E 95 -54.55 11.97 1.76
C LEU E 95 -54.28 10.49 1.52
N ASP E 96 -54.72 9.98 0.37
CA ASP E 96 -54.41 8.60 -0.06
C ASP E 96 -52.92 8.31 -0.29
N LEU E 97 -52.27 9.25 -0.94
CA LEU E 97 -50.85 9.11 -1.17
C LEU E 97 -50.19 8.98 0.17
N VAL E 98 -50.57 9.88 1.07
CA VAL E 98 -50.08 9.80 2.43
C VAL E 98 -50.35 8.49 3.19
N ASN E 99 -51.54 7.89 3.09
CA ASN E 99 -51.79 6.61 3.78
C ASN E 99 -51.00 5.46 3.15
N LYS E 100 -50.97 5.41 1.83
CA LYS E 100 -50.20 4.39 1.13
C LYS E 100 -48.73 4.41 1.58
N ASN E 101 -48.16 5.62 1.69
CA ASN E 101 -46.74 5.80 2.04
C ASN E 101 -46.45 5.64 3.52
N LEU E 102 -47.39 6.02 4.37
CA LEU E 102 -47.27 5.68 5.79
C LEU E 102 -47.18 4.20 6.06
N LYS E 103 -48.00 3.42 5.37
CA LYS E 103 -47.94 1.98 5.50
C LYS E 103 -46.54 1.45 5.18
N ILE E 104 -45.99 1.91 4.07
CA ILE E 104 -44.64 1.52 3.66
C ILE E 104 -43.61 2.04 4.67
N LEU E 105 -43.67 3.32 4.96
CA LEU E 105 -42.71 3.94 5.82
C LEU E 105 -42.71 3.20 7.16
N LYS E 106 -43.86 2.77 7.71
CA LYS E 106 -43.91 1.97 8.97
C LYS E 106 -43.08 0.68 8.90
N SER E 107 -43.18 -0.03 7.79
CA SER E 107 -42.42 -1.26 7.59
C SER E 107 -40.93 -1.06 7.36
N ILE E 108 -40.47 0.19 7.27
CA ILE E 108 -39.07 0.49 7.22
C ILE E 108 -38.69 0.91 8.61
N VAL E 109 -39.37 1.93 9.14
CA VAL E 109 -38.91 2.55 10.36
C VAL E 109 -38.93 1.57 11.53
N ASP E 110 -39.96 0.74 11.62
CA ASP E 110 -40.09 -0.20 12.75
C ASP E 110 -38.94 -1.22 12.84
N PRO E 111 -38.65 -1.97 11.74
CA PRO E 111 -37.46 -2.83 11.77
C PRO E 111 -36.12 -2.09 12.01
N ILE E 112 -36.02 -0.83 11.56
CA ILE E 112 -34.79 -0.07 11.77
C ILE E 112 -34.59 0.25 13.24
N VAL E 113 -35.63 0.75 13.87
CA VAL E 113 -35.56 1.07 15.29
C VAL E 113 -35.32 -0.20 16.11
N ASP E 114 -36.04 -1.26 15.77
CA ASP E 114 -35.85 -2.56 16.43
C ASP E 114 -34.42 -3.07 16.31
N SER E 115 -33.71 -2.72 15.24
CA SER E 115 -32.32 -3.15 15.09
C SER E 115 -31.42 -2.58 16.17
N GLY E 116 -31.86 -1.51 16.82
CA GLY E 116 -31.01 -0.79 17.77
C GLY E 116 -30.49 0.53 17.22
N PHE E 117 -30.87 0.89 15.99
CA PHE E 117 -30.36 2.10 15.36
C PHE E 117 -30.52 3.29 16.27
N ASN E 118 -29.47 4.06 16.44
CA ASN E 118 -29.50 5.13 17.40
C ASN E 118 -28.81 6.36 16.82
N GLY E 119 -29.08 6.59 15.53
CA GLY E 119 -28.43 7.66 14.78
C GLY E 119 -29.37 8.78 14.37
N ILE E 120 -29.24 9.22 13.13
CA ILE E 120 -30.07 10.30 12.58
C ILE E 120 -30.79 9.75 11.36
N PHE E 121 -32.05 10.12 11.21
CA PHE E 121 -32.80 9.78 10.03
C PHE E 121 -32.72 10.95 9.10
N LEU E 122 -32.34 10.69 7.85
CA LEU E 122 -32.39 11.69 6.82
C LEU E 122 -33.41 11.21 5.78
N VAL E 123 -34.45 12.01 5.57
CA VAL E 123 -35.61 11.60 4.75
C VAL E 123 -35.70 12.42 3.47
N ALA E 124 -35.82 11.72 2.35
CA ALA E 124 -35.91 12.36 1.04
C ALA E 124 -37.09 11.87 0.18
N ALA E 125 -37.74 10.80 0.58
CA ALA E 125 -38.94 10.35 -0.11
C ALA E 125 -40.03 11.42 -0.15
N ASN E 126 -40.81 11.47 -1.25
CA ASN E 126 -41.92 12.43 -1.35
C ASN E 126 -43.29 11.91 -0.92
N PRO E 127 -44.17 12.76 -0.38
CA PRO E 127 -43.95 14.17 0.02
C PRO E 127 -43.07 14.26 1.26
N VAL E 128 -41.98 15.00 1.15
CA VAL E 128 -40.88 14.92 2.10
C VAL E 128 -41.19 15.49 3.49
N ASP E 129 -41.86 16.62 3.57
CA ASP E 129 -42.11 17.23 4.87
C ASP E 129 -43.10 16.37 5.66
N ILE E 130 -44.06 15.78 4.97
CA ILE E 130 -45.02 14.88 5.62
C ILE E 130 -44.32 13.59 6.09
N LEU E 131 -43.53 12.99 5.21
CA LEU E 131 -42.86 11.73 5.56
C LEU E 131 -41.82 11.94 6.61
N THR E 132 -41.25 13.14 6.67
CA THR E 132 -40.33 13.47 7.74
C THR E 132 -41.09 13.44 9.08
N TYR E 133 -42.23 14.12 9.15
CA TYR E 133 -43.11 14.10 10.34
C TYR E 133 -43.50 12.66 10.72
N ALA E 134 -43.98 11.92 9.74
CA ALA E 134 -44.28 10.52 9.93
C ALA E 134 -43.13 9.75 10.54
N THR E 135 -41.93 10.00 10.05
CA THR E 135 -40.75 9.24 10.47
C THR E 135 -40.46 9.55 11.94
N TRP E 136 -40.61 10.82 12.30
CA TRP E 136 -40.50 11.23 13.69
C TRP E 136 -41.52 10.49 14.55
N LYS E 137 -42.80 10.60 14.17
CA LYS E 137 -43.91 9.92 14.88
C LYS E 137 -43.65 8.41 15.02
N LEU E 138 -43.39 7.73 13.93
CA LEU E 138 -43.16 6.28 14.00
C LEU E 138 -41.91 5.86 14.75
N SER E 139 -40.87 6.67 14.75
CA SER E 139 -39.58 6.24 15.29
C SER E 139 -39.46 6.52 16.78
N GLY E 140 -40.12 7.58 17.22
CA GLY E 140 -39.96 8.07 18.58
C GLY E 140 -38.65 8.79 18.84
N PHE E 141 -37.88 9.08 17.79
CA PHE E 141 -36.60 9.79 17.92
C PHE E 141 -36.84 11.23 18.26
N PRO E 142 -35.84 11.91 18.82
CA PRO E 142 -36.00 13.32 19.04
C PRO E 142 -36.20 14.08 17.72
N LYS E 143 -36.88 15.20 17.84
CA LYS E 143 -37.21 16.07 16.73
C LYS E 143 -36.02 16.39 15.88
N ASN E 144 -34.92 16.68 16.55
CA ASN E 144 -33.78 17.24 15.87
C ASN E 144 -32.90 16.16 15.25
N ARG E 145 -33.23 14.89 15.51
CA ARG E 145 -32.54 13.78 14.87
C ARG E 145 -33.38 13.15 13.73
N VAL E 146 -34.39 13.88 13.25
CA VAL E 146 -35.13 13.46 12.08
C VAL E 146 -35.19 14.64 11.15
N VAL E 147 -34.60 14.47 9.98
CA VAL E 147 -34.29 15.60 9.14
C VAL E 147 -34.77 15.29 7.75
N GLY E 148 -35.43 16.24 7.12
CA GLY E 148 -35.85 16.04 5.73
C GLY E 148 -35.07 16.93 4.81
N SER E 149 -34.97 16.53 3.55
CA SER E 149 -34.23 17.31 2.59
C SER E 149 -34.96 18.61 2.32
N GLY E 150 -36.27 18.59 2.45
CA GLY E 150 -37.06 19.82 2.37
C GLY E 150 -36.80 20.60 1.10
N THR E 151 -36.49 21.87 1.24
CA THR E 151 -36.31 22.73 0.11
C THR E 151 -34.81 22.96 -0.22
N SER E 152 -33.93 22.04 0.18
CA SER E 152 -32.53 22.17 -0.16
C SER E 152 -32.34 22.15 -1.66
N LEU E 153 -33.04 21.24 -2.33
CA LEU E 153 -32.90 21.11 -3.77
C LEU E 153 -33.48 22.28 -4.53
N ASP E 154 -34.64 22.73 -4.11
CA ASP E 154 -35.23 23.91 -4.74
C ASP E 154 -34.33 25.13 -4.58
N THR E 155 -33.74 25.27 -3.39
CA THR E 155 -32.82 26.35 -3.11
C THR E 155 -31.60 26.29 -4.01
N ALA E 156 -31.06 25.10 -4.20
CA ALA E 156 -29.95 24.93 -5.11
C ALA E 156 -30.34 25.34 -6.52
N ARG E 157 -31.51 24.91 -6.95
CA ARG E 157 -32.02 25.25 -8.27
C ARG E 157 -32.17 26.74 -8.44
N PHE E 158 -32.66 27.36 -7.39
CA PHE E 158 -32.89 28.79 -7.36
C PHE E 158 -31.57 29.53 -7.44
N ARG E 159 -30.60 29.06 -6.70
CA ARG E 159 -29.30 29.70 -6.74
C ARG E 159 -28.63 29.58 -8.11
N GLN E 160 -28.69 28.40 -8.68
CA GLN E 160 -28.08 28.15 -9.97
C GLN E 160 -28.76 28.95 -11.05
N SER E 161 -30.05 29.10 -10.92
CA SER E 161 -30.82 29.87 -11.86
C SER E 161 -30.38 31.34 -11.89
N ILE E 162 -30.27 31.93 -10.72
CA ILE E 162 -29.80 33.29 -10.56
C ILE E 162 -28.35 33.43 -11.03
N ALA E 163 -27.52 32.48 -10.58
CA ALA E 163 -26.12 32.44 -10.96
C ALA E 163 -25.91 32.52 -12.49
N LYS E 164 -26.68 31.73 -13.24
CA LYS E 164 -26.63 31.76 -14.70
C LYS E 164 -26.98 33.14 -15.25
N MET E 165 -28.00 33.75 -14.66
CA MET E 165 -28.49 34.99 -15.16
C MET E 165 -27.45 36.04 -15.04
N VAL E 166 -26.80 36.07 -13.91
CA VAL E 166 -25.94 37.15 -13.55
C VAL E 166 -24.47 36.80 -13.86
N ASN E 167 -24.26 35.57 -14.31
CA ASN E 167 -22.93 35.05 -14.66
C ASN E 167 -21.90 35.07 -13.50
N VAL E 168 -22.30 34.39 -12.44
CA VAL E 168 -21.53 34.31 -11.21
C VAL E 168 -21.59 32.87 -10.66
N ASP E 169 -20.51 32.42 -10.07
CA ASP E 169 -20.45 31.14 -9.35
C ASP E 169 -21.60 31.00 -8.39
N ALA E 170 -22.38 29.93 -8.50
CA ALA E 170 -23.58 29.77 -7.66
C ALA E 170 -23.26 29.77 -6.17
N ARG E 171 -22.04 29.41 -5.80
CA ARG E 171 -21.62 29.50 -4.40
C ARG E 171 -21.54 30.91 -3.88
N SER E 172 -21.48 31.90 -4.73
CA SER E 172 -21.55 33.28 -4.33
C SER E 172 -22.97 33.85 -4.37
N VAL E 173 -23.96 32.99 -4.55
CA VAL E 173 -25.38 33.41 -4.65
C VAL E 173 -26.11 32.80 -3.51
N HIS E 174 -26.82 33.62 -2.76
CA HIS E 174 -27.45 33.20 -1.52
C HIS E 174 -28.91 33.58 -1.60
N ALA E 175 -29.75 32.58 -1.74
CA ALA E 175 -31.20 32.76 -1.89
C ALA E 175 -31.90 31.49 -1.46
N TYR E 176 -33.00 31.61 -0.77
CA TYR E 176 -33.75 30.45 -0.32
C TYR E 176 -35.10 30.23 -1.01
N ILE E 177 -35.48 28.97 -1.08
CA ILE E 177 -36.86 28.59 -1.23
C ILE E 177 -37.24 27.97 0.09
N MET E 178 -38.39 28.37 0.64
CA MET E 178 -38.89 27.78 1.88
C MET E 178 -40.30 27.31 1.70
N GLY E 179 -40.78 26.61 2.72
CA GLY E 179 -42.15 26.14 2.82
C GLY E 179 -42.17 24.64 2.65
N GLU E 180 -43.35 24.11 2.39
CA GLU E 180 -43.44 22.72 2.01
C GLU E 180 -42.84 22.56 0.58
N HIS E 181 -41.96 21.60 0.41
CA HIS E 181 -41.41 21.25 -0.90
C HIS E 181 -42.58 20.82 -1.72
N GLY E 182 -42.81 21.49 -2.83
CA GLY E 182 -43.97 21.24 -3.63
C GLY E 182 -44.58 22.56 -4.05
N ASP E 183 -45.86 22.54 -4.44
CA ASP E 183 -46.49 23.66 -5.15
C ASP E 183 -46.61 24.89 -4.30
N THR E 184 -46.67 24.75 -2.98
CA THR E 184 -46.87 25.91 -2.11
C THR E 184 -45.57 26.52 -1.60
N GLU E 185 -44.44 26.05 -2.08
CA GLU E 185 -43.16 26.62 -1.72
C GLU E 185 -43.03 28.01 -2.31
N PHE E 186 -42.11 28.81 -1.81
CA PHE E 186 -41.98 30.19 -2.27
C PHE E 186 -40.55 30.70 -2.11
N PRO E 187 -40.16 31.66 -2.96
CA PRO E 187 -38.87 32.27 -2.85
C PRO E 187 -38.82 33.35 -1.79
N VAL E 188 -37.66 33.53 -1.17
CA VAL E 188 -37.46 34.57 -0.17
C VAL E 188 -36.62 35.67 -0.79
N TRP E 189 -37.21 36.37 -1.72
CA TRP E 189 -36.50 37.46 -2.47
C TRP E 189 -35.94 38.56 -1.58
N SER E 190 -36.61 38.80 -0.45
CA SER E 190 -36.24 39.88 0.44
C SER E 190 -34.80 39.76 0.89
N HIS E 191 -34.30 38.52 1.06
CA HIS E 191 -32.96 38.27 1.61
C HIS E 191 -32.03 37.67 0.61
N ALA E 192 -32.54 37.45 -0.59
CA ALA E 192 -31.73 36.84 -1.63
C ALA E 192 -30.67 37.84 -2.07
N ASN E 193 -29.47 37.36 -2.31
CA ASN E 193 -28.39 38.26 -2.67
C ASN E 193 -27.28 37.55 -3.40
N ILE E 194 -26.45 38.35 -4.02
CA ILE E 194 -25.31 37.89 -4.74
C ILE E 194 -24.14 38.63 -4.14
N GLY E 195 -23.27 37.88 -3.48
CA GLY E 195 -22.11 38.46 -2.82
C GLY E 195 -22.47 39.60 -1.87
N GLY E 196 -23.61 39.45 -1.20
CA GLY E 196 -24.06 40.44 -0.22
C GLY E 196 -25.02 41.48 -0.76
N VAL E 197 -24.86 41.86 -2.03
CA VAL E 197 -25.79 42.77 -2.75
C VAL E 197 -27.14 42.08 -2.97
N THR E 198 -28.23 42.67 -2.45
CA THR E 198 -29.54 42.02 -2.54
C THR E 198 -30.05 42.01 -3.98
N ILE E 199 -31.04 41.16 -4.24
CA ILE E 199 -31.65 41.16 -5.57
C ILE E 199 -32.31 42.52 -5.89
N ALA E 200 -33.01 43.11 -4.93
CA ALA E 200 -33.58 44.44 -5.11
C ALA E 200 -32.49 45.40 -5.55
N GLU E 201 -31.39 45.44 -4.80
CA GLU E 201 -30.28 46.36 -5.11
C GLU E 201 -29.66 46.07 -6.50
N TRP E 202 -29.61 44.80 -6.86
CA TRP E 202 -29.00 44.35 -8.11
C TRP E 202 -29.80 44.78 -9.31
N VAL E 203 -31.12 44.63 -9.21
CA VAL E 203 -32.04 45.07 -10.26
C VAL E 203 -31.99 46.59 -10.48
N LYS E 204 -31.87 47.35 -9.38
CA LYS E 204 -31.70 48.81 -9.45
C LYS E 204 -30.46 49.20 -10.23
N ALA E 205 -29.39 48.45 -10.06
CA ALA E 205 -28.15 48.71 -10.78
C ALA E 205 -28.19 48.21 -12.24
N HIS E 206 -29.06 47.22 -12.51
CA HIS E 206 -29.12 46.51 -13.78
C HIS E 206 -30.59 46.39 -14.19
N PRO E 207 -31.19 47.53 -14.60
CA PRO E 207 -32.63 47.60 -14.90
C PRO E 207 -33.05 46.85 -16.17
N GLU E 208 -32.10 46.44 -17.00
CA GLU E 208 -32.35 45.41 -18.02
C GLU E 208 -33.05 44.17 -17.45
N ILE E 209 -32.78 43.84 -16.20
CA ILE E 209 -33.44 42.70 -15.55
C ILE E 209 -34.83 43.17 -15.19
N LYS E 210 -35.83 42.66 -15.90
CA LYS E 210 -37.24 43.06 -15.69
C LYS E 210 -37.83 42.15 -14.57
N GLU E 211 -38.78 42.72 -13.86
CA GLU E 211 -39.47 42.10 -12.73
C GLU E 211 -40.16 40.76 -13.14
N ASP E 212 -40.71 40.70 -14.34
CA ASP E 212 -41.37 39.48 -14.86
C ASP E 212 -40.36 38.32 -15.13
N LYS E 213 -39.13 38.63 -15.51
CA LYS E 213 -38.08 37.61 -15.60
C LYS E 213 -37.91 36.88 -14.27
N LEU E 214 -37.82 37.64 -13.17
CA LEU E 214 -37.57 37.05 -11.86
C LEU E 214 -38.75 36.18 -11.43
N VAL E 215 -39.95 36.60 -11.77
CA VAL E 215 -41.11 35.78 -11.47
C VAL E 215 -41.06 34.47 -12.26
N LYS E 216 -40.71 34.54 -13.55
CA LYS E 216 -40.63 33.35 -14.36
C LYS E 216 -39.55 32.41 -13.79
N MET E 217 -38.44 32.98 -13.35
CA MET E 217 -37.29 32.24 -12.84
C MET E 217 -37.73 31.35 -11.69
N PHE E 218 -38.51 31.93 -10.76
CA PHE E 218 -39.04 31.14 -9.66
C PHE E 218 -40.09 30.08 -10.10
N GLU E 219 -41.04 30.48 -10.94
CA GLU E 219 -41.98 29.53 -11.44
C GLU E 219 -41.26 28.34 -12.11
N ASP E 220 -40.23 28.64 -12.90
CA ASP E 220 -39.44 27.59 -13.55
C ASP E 220 -38.78 26.71 -12.51
N VAL E 221 -38.24 27.30 -11.46
CA VAL E 221 -37.67 26.52 -10.38
C VAL E 221 -38.74 25.60 -9.76
N ARG E 222 -39.90 26.13 -9.39
CA ARG E 222 -40.96 25.31 -8.82
C ARG E 222 -41.39 24.16 -9.72
N ASN E 223 -41.34 24.36 -11.04
CA ASN E 223 -41.73 23.34 -12.02
C ASN E 223 -40.57 22.54 -12.58
N LYS E 224 -39.38 22.71 -12.03
CA LYS E 224 -38.18 22.12 -12.65
C LYS E 224 -38.24 20.60 -12.69
N ALA E 225 -38.77 20.00 -11.67
CA ALA E 225 -38.87 18.56 -11.66
C ALA E 225 -39.66 18.08 -12.87
N TYR E 226 -40.80 18.72 -13.10
CA TYR E 226 -41.68 18.35 -14.20
C TYR E 226 -40.94 18.49 -15.51
N GLU E 227 -40.21 19.60 -15.70
CA GLU E 227 -39.43 19.81 -16.93
C GLU E 227 -38.41 18.67 -17.13
N ILE E 228 -37.74 18.29 -16.07
CA ILE E 228 -36.72 17.24 -16.16
C ILE E 228 -37.36 15.92 -16.50
N ILE E 229 -38.47 15.61 -15.87
CA ILE E 229 -39.14 14.31 -16.10
C ILE E 229 -39.64 14.25 -17.56
N LYS E 230 -40.21 15.34 -18.05
CA LYS E 230 -40.62 15.48 -19.43
C LYS E 230 -39.45 15.13 -20.35
N LEU E 231 -38.25 15.59 -20.00
CA LEU E 231 -37.11 15.47 -20.88
C LEU E 231 -36.39 14.17 -20.76
N LYS E 232 -36.38 13.55 -19.59
CA LYS E 232 -35.52 12.38 -19.40
C LYS E 232 -36.04 11.35 -18.44
N GLY E 233 -37.27 11.48 -17.98
CA GLY E 233 -37.94 10.40 -17.29
C GLY E 233 -37.96 10.51 -15.79
N ALA E 234 -36.88 11.01 -15.21
CA ALA E 234 -36.78 11.16 -13.76
C ALA E 234 -35.74 12.22 -13.43
N THR E 235 -35.70 12.67 -12.17
CA THR E 235 -34.69 13.63 -11.70
C THR E 235 -33.95 12.96 -10.55
N PHE E 236 -32.64 13.10 -10.52
CA PHE E 236 -31.92 12.50 -9.43
C PHE E 236 -30.59 13.14 -9.06
N TYR E 237 -29.87 13.73 -10.00
CA TYR E 237 -28.54 14.26 -9.68
C TYR E 237 -28.57 15.40 -8.64
N GLY E 238 -29.54 16.29 -8.74
CA GLY E 238 -29.69 17.37 -7.76
C GLY E 238 -29.93 16.89 -6.33
N ILE E 239 -30.98 16.08 -6.11
CA ILE E 239 -31.31 15.62 -4.79
C ILE E 239 -30.21 14.74 -4.22
N ALA E 240 -29.64 13.87 -5.05
CA ALA E 240 -28.51 13.03 -4.60
C ALA E 240 -27.38 13.90 -4.03
N THR E 241 -26.98 14.90 -4.80
CA THR E 241 -25.94 15.81 -4.40
C THR E 241 -26.30 16.52 -3.07
N ALA E 242 -27.56 16.97 -2.94
CA ALA E 242 -28.00 17.63 -1.73
C ALA E 242 -27.91 16.68 -0.56
N LEU E 243 -28.37 15.45 -0.75
CA LEU E 243 -28.27 14.50 0.32
C LEU E 243 -26.84 14.26 0.78
N ALA E 244 -25.92 14.19 -0.17
CA ALA E 244 -24.50 14.01 0.16
C ALA E 244 -24.01 15.22 0.95
N ARG E 245 -24.45 16.41 0.56
CA ARG E 245 -24.04 17.60 1.26
C ARG E 245 -24.50 17.55 2.71
N ILE E 246 -25.74 17.10 2.92
CA ILE E 246 -26.33 17.07 4.24
C ILE E 246 -25.61 16.02 5.06
N SER E 247 -25.40 14.86 4.45
CA SER E 247 -24.62 13.82 5.10
C SER E 247 -23.24 14.32 5.54
N LYS E 248 -22.54 15.07 4.69
CA LYS E 248 -21.21 15.55 5.04
C LYS E 248 -21.27 16.49 6.24
N ALA E 249 -22.30 17.32 6.28
CA ALA E 249 -22.45 18.29 7.36
C ALA E 249 -22.67 17.62 8.69
N ILE E 250 -23.46 16.57 8.69
CA ILE E 250 -23.63 15.78 9.89
C ILE E 250 -22.31 15.08 10.22
N LEU E 251 -21.81 14.28 9.29
CA LEU E 251 -20.67 13.39 9.60
C LEU E 251 -19.38 14.14 9.94
N ASN E 252 -19.18 15.34 9.41
CA ASN E 252 -18.03 16.16 9.80
C ASN E 252 -18.38 17.28 10.77
N ASP E 253 -19.57 17.19 11.38
CA ASP E 253 -19.94 18.08 12.49
C ASP E 253 -19.74 19.57 12.14
N GLU E 254 -20.26 19.99 10.99
CA GLU E 254 -19.92 21.27 10.38
C GLU E 254 -20.61 22.50 11.00
N ASN E 255 -21.78 22.33 11.61
CA ASN E 255 -22.63 23.47 12.00
C ASN E 255 -22.89 24.35 10.80
N ALA E 256 -23.31 23.69 9.73
CA ALA E 256 -23.57 24.34 8.48
C ALA E 256 -25.01 24.80 8.48
N VAL E 257 -25.27 25.88 7.74
CA VAL E 257 -26.61 26.37 7.52
C VAL E 257 -27.15 25.82 6.21
N LEU E 258 -28.27 25.12 6.26
CA LEU E 258 -28.89 24.55 5.04
C LEU E 258 -30.39 24.62 5.16
N PRO E 259 -31.10 24.71 4.03
CA PRO E 259 -32.57 24.67 4.12
C PRO E 259 -33.03 23.23 4.26
N LEU E 260 -33.80 22.92 5.30
CA LEU E 260 -34.16 21.55 5.58
C LEU E 260 -35.55 21.45 6.15
N SER E 261 -36.14 20.26 6.07
CA SER E 261 -37.38 19.98 6.80
C SER E 261 -37.08 19.85 8.27
N VAL E 262 -37.57 20.80 9.06
CA VAL E 262 -37.36 20.78 10.50
C VAL E 262 -38.64 21.04 11.27
N TYR E 263 -38.65 20.63 12.54
CA TYR E 263 -39.83 20.72 13.39
C TYR E 263 -40.07 22.11 13.88
N MET E 264 -41.28 22.61 13.66
CA MET E 264 -41.64 23.94 14.11
C MET E 264 -42.12 23.90 15.57
N ASP E 265 -41.41 24.63 16.42
CA ASP E 265 -41.77 24.85 17.82
C ASP E 265 -41.97 26.33 18.06
N GLY E 266 -42.88 26.95 17.32
CA GLY E 266 -43.15 28.39 17.46
C GLY E 266 -42.63 29.31 16.36
N GLN E 267 -41.62 28.88 15.64
CA GLN E 267 -41.05 29.73 14.60
C GLN E 267 -42.10 30.08 13.55
N TYR E 268 -42.08 31.32 13.07
CA TYR E 268 -43.03 31.80 12.06
C TYR E 268 -44.48 31.63 12.57
N GLY E 269 -44.66 31.45 13.87
CA GLY E 269 -45.98 31.20 14.44
C GLY E 269 -46.46 29.77 14.23
N LEU E 270 -45.55 28.85 13.97
CA LEU E 270 -45.95 27.52 13.45
C LEU E 270 -45.62 26.51 14.50
N ASN E 271 -46.37 25.40 14.48
CA ASN E 271 -46.26 24.36 15.52
C ASN E 271 -46.60 22.94 15.09
N ASP E 272 -45.78 22.00 15.55
CA ASP E 272 -46.05 20.60 15.36
C ASP E 272 -46.22 20.19 13.91
N ILE E 273 -45.34 20.74 13.07
CA ILE E 273 -45.10 20.21 11.74
C ILE E 273 -43.64 20.34 11.38
N TYR E 274 -43.23 19.54 10.38
CA TYR E 274 -41.95 19.70 9.72
C TYR E 274 -42.23 20.46 8.48
N ILE E 275 -41.41 21.49 8.27
CA ILE E 275 -41.49 22.35 7.11
C ILE E 275 -40.10 22.93 6.81
N GLY E 276 -39.90 23.39 5.60
CA GLY E 276 -38.60 23.79 5.12
C GLY E 276 -38.23 25.17 5.54
N THR E 277 -37.09 25.28 6.22
CA THR E 277 -36.47 26.57 6.61
C THR E 277 -34.95 26.43 6.80
N PRO E 278 -34.18 27.51 6.67
CA PRO E 278 -32.77 27.44 7.02
C PRO E 278 -32.53 26.97 8.46
N ALA E 279 -31.56 26.06 8.63
CA ALA E 279 -31.28 25.53 9.93
C ALA E 279 -29.82 25.25 10.06
N VAL E 280 -29.31 25.24 11.29
CA VAL E 280 -27.94 24.86 11.54
C VAL E 280 -27.90 23.37 11.86
N ILE E 281 -27.01 22.64 11.21
CA ILE E 281 -26.96 21.20 11.41
C ILE E 281 -25.54 20.74 11.71
N ASN E 282 -25.43 19.73 12.56
CA ASN E 282 -24.13 19.14 12.91
C ASN E 282 -24.26 17.64 13.23
N ARG E 283 -23.26 17.05 13.88
CA ARG E 283 -23.28 15.62 14.17
C ARG E 283 -24.48 15.18 14.98
N ASN E 284 -25.06 16.09 15.74
CA ASN E 284 -26.24 15.77 16.55
C ASN E 284 -27.56 16.17 15.92
N GLY E 285 -27.53 16.46 14.62
CA GLY E 285 -28.72 16.85 13.91
C GLY E 285 -28.91 18.35 14.04
N ILE E 286 -30.18 18.76 14.12
CA ILE E 286 -30.52 20.15 14.07
C ILE E 286 -30.15 20.82 15.39
N GLN E 287 -29.35 21.89 15.31
CA GLN E 287 -28.98 22.67 16.48
C GLN E 287 -29.87 23.90 16.61
N ASN E 288 -29.97 24.67 15.56
CA ASN E 288 -30.69 25.89 15.57
C ASN E 288 -31.65 25.86 14.38
N ILE E 289 -32.75 26.57 14.48
CA ILE E 289 -33.59 26.84 13.33
C ILE E 289 -33.57 28.32 13.05
N LEU E 290 -33.06 28.74 11.91
CA LEU E 290 -33.01 30.17 11.64
C LEU E 290 -34.39 30.62 11.20
N GLU E 291 -34.81 31.75 11.71
CA GLU E 291 -36.11 32.26 11.43
C GLU E 291 -35.93 33.55 10.66
N ILE E 292 -36.10 33.47 9.35
CA ILE E 292 -35.87 34.63 8.50
C ILE E 292 -37.01 35.59 8.70
N PRO E 293 -36.71 36.89 8.95
CA PRO E 293 -37.80 37.89 8.99
C PRO E 293 -38.36 38.09 7.58
N LEU E 294 -39.56 37.60 7.35
CA LEU E 294 -40.17 37.65 6.03
C LEU E 294 -40.96 38.94 5.82
N THR E 295 -41.17 39.34 4.56
CA THR E 295 -42.11 40.40 4.22
C THR E 295 -43.54 39.89 4.46
N ASP E 296 -44.53 40.78 4.32
CA ASP E 296 -45.91 40.36 4.52
C ASP E 296 -46.26 39.30 3.49
N HIS E 297 -45.96 39.58 2.22
CA HIS E 297 -46.25 38.64 1.12
C HIS E 297 -45.59 37.27 1.34
N GLU E 298 -44.31 37.30 1.67
CA GLU E 298 -43.56 36.08 2.01
C GLU E 298 -44.14 35.32 3.21
N GLU E 299 -44.48 36.05 4.28
CA GLU E 299 -45.04 35.41 5.48
C GLU E 299 -46.36 34.72 5.16
N GLU E 300 -47.17 35.40 4.37
CA GLU E 300 -48.42 34.84 3.93
C GLU E 300 -48.18 33.51 3.23
N SER E 301 -47.24 33.49 2.28
CA SER E 301 -46.89 32.26 1.58
C SER E 301 -46.47 31.15 2.56
N MET E 302 -45.66 31.48 3.56
CA MET E 302 -45.28 30.50 4.56
C MET E 302 -46.47 29.94 5.30
N GLN E 303 -47.40 30.82 5.65
CA GLN E 303 -48.59 30.44 6.40
C GLN E 303 -49.47 29.52 5.60
N LYS E 304 -49.70 29.88 4.35
CA LYS E 304 -50.53 29.08 3.46
C LYS E 304 -49.93 27.71 3.29
N SER E 305 -48.63 27.71 3.05
CA SER E 305 -47.91 26.47 2.86
C SER E 305 -48.05 25.58 4.10
N ALA E 306 -47.87 26.20 5.27
CA ALA E 306 -47.97 25.46 6.53
C ALA E 306 -49.38 24.99 6.85
N SER E 307 -50.39 25.85 6.59
CA SER E 307 -51.80 25.45 6.89
C SER E 307 -52.23 24.27 6.07
N GLN E 308 -52.05 24.34 4.75
CA GLN E 308 -52.38 23.22 3.89
C GLN E 308 -51.68 21.96 4.39
N LEU E 309 -50.41 22.11 4.70
CA LEU E 309 -49.60 20.97 5.06
C LEU E 309 -50.11 20.36 6.34
N LYS E 310 -50.50 21.20 7.27
CA LYS E 310 -50.94 20.74 8.53
C LYS E 310 -52.28 20.10 8.49
N LYS E 311 -53.20 20.61 7.66
CA LYS E 311 -54.51 20.04 7.51
C LYS E 311 -54.31 18.60 7.04
N VAL E 312 -53.41 18.36 6.08
CA VAL E 312 -53.20 17.03 5.56
C VAL E 312 -52.64 16.10 6.62
N LEU E 313 -51.70 16.59 7.40
CA LEU E 313 -51.14 15.77 8.50
C LEU E 313 -52.18 15.30 9.53
N THR E 314 -53.00 16.23 10.00
CA THR E 314 -54.05 15.93 10.98
C THR E 314 -54.96 14.84 10.46
N ASP E 315 -55.50 15.06 9.27
CA ASP E 315 -56.42 14.11 8.63
C ASP E 315 -55.77 12.74 8.51
N ALA E 316 -54.51 12.69 8.11
CA ALA E 316 -53.80 11.44 7.96
C ALA E 316 -53.66 10.70 9.25
N PHE E 317 -53.51 11.43 10.36
CA PHE E 317 -53.43 10.78 11.68
C PHE E 317 -54.74 10.91 12.49
N ALA E 318 -55.75 10.08 12.15
CA ALA E 318 -57.10 10.23 12.73
C ALA E 318 -58.08 9.13 12.24
N SER F 3 -27.25 9.78 21.33
CA SER F 3 -27.00 9.54 19.84
C SER F 3 -25.58 9.11 19.47
N ILE F 4 -25.50 8.08 18.65
CA ILE F 4 -24.22 7.50 18.25
C ILE F 4 -23.38 8.51 17.46
N THR F 5 -24.04 9.37 16.69
CA THR F 5 -23.36 10.38 15.90
C THR F 5 -22.66 11.42 16.75
N ASP F 6 -22.94 11.45 18.05
CA ASP F 6 -22.20 12.35 18.95
C ASP F 6 -20.68 12.08 18.89
N LYS F 7 -20.34 10.87 18.51
CA LYS F 7 -18.97 10.45 18.33
C LYS F 7 -18.36 10.84 17.01
N ASP F 8 -19.10 11.50 16.14
CA ASP F 8 -18.51 11.97 14.88
C ASP F 8 -17.84 13.33 15.06
N HIS F 9 -16.94 13.42 16.02
CA HIS F 9 -16.16 14.64 16.23
C HIS F 9 -14.75 14.17 16.50
N GLN F 10 -13.83 14.51 15.62
CA GLN F 10 -12.46 14.03 15.71
C GLN F 10 -11.51 15.11 16.22
N LYS F 11 -10.68 14.71 17.16
CA LYS F 11 -9.88 15.64 17.92
C LYS F 11 -8.42 15.21 17.96
N VAL F 12 -7.55 16.14 17.62
CA VAL F 12 -6.13 15.91 17.64
C VAL F 12 -5.48 16.87 18.60
N ILE F 13 -4.65 16.35 19.49
CA ILE F 13 -3.79 17.17 20.32
C ILE F 13 -2.40 17.06 19.74
N LEU F 14 -1.85 18.21 19.38
CA LEU F 14 -0.52 18.31 18.79
C LEU F 14 0.40 18.82 19.87
N VAL F 15 1.46 18.10 20.14
CA VAL F 15 2.43 18.53 21.15
C VAL F 15 3.71 18.92 20.45
N GLY F 16 4.09 20.19 20.59
CA GLY F 16 5.21 20.72 19.86
C GLY F 16 4.77 21.62 18.72
N ASP F 17 5.06 22.90 18.84
CA ASP F 17 4.65 23.88 17.85
C ASP F 17 5.84 24.54 17.17
N GLY F 18 6.84 23.73 16.81
CA GLY F 18 7.89 24.22 15.94
C GLY F 18 7.39 24.34 14.52
N ALA F 19 8.30 24.46 13.58
CA ALA F 19 7.93 24.48 12.16
C ALA F 19 7.17 23.20 11.74
N VAL F 20 7.60 22.04 12.23
CA VAL F 20 6.93 20.80 11.87
C VAL F 20 5.47 20.75 12.37
N GLY F 21 5.27 20.97 13.67
CA GLY F 21 3.95 20.88 14.26
C GLY F 21 3.06 21.91 13.60
N SER F 22 3.61 23.11 13.41
CA SER F 22 2.83 24.22 12.86
C SER F 22 2.37 23.91 11.44
N SER F 23 3.28 23.36 10.64
CA SER F 23 2.95 22.94 9.28
C SER F 23 1.99 21.78 9.24
N TYR F 24 2.12 20.88 10.20
CA TYR F 24 1.20 19.73 10.30
C TYR F 24 -0.20 20.26 10.54
N ALA F 25 -0.31 21.22 11.44
CA ALA F 25 -1.62 21.80 11.74
C ALA F 25 -2.20 22.45 10.50
N TYR F 26 -1.37 23.17 9.76
CA TYR F 26 -1.83 23.82 8.54
C TYR F 26 -2.28 22.79 7.51
N ALA F 27 -1.51 21.72 7.35
CA ALA F 27 -1.89 20.68 6.42
C ALA F 27 -3.25 20.08 6.79
N MET F 28 -3.47 19.85 8.08
CA MET F 28 -4.72 19.27 8.56
C MET F 28 -5.87 20.22 8.28
N VAL F 29 -5.63 21.51 8.50
CA VAL F 29 -6.61 22.53 8.18
C VAL F 29 -6.97 22.55 6.68
N LEU F 30 -5.96 22.68 5.85
CA LEU F 30 -6.15 22.77 4.42
C LEU F 30 -6.86 21.58 3.82
N GLN F 31 -6.58 20.39 4.31
CA GLN F 31 -7.21 19.21 3.76
C GLN F 31 -8.42 18.79 4.57
N GLY F 32 -8.84 19.58 5.54
CA GLY F 32 -10.05 19.28 6.27
C GLY F 32 -10.04 17.92 6.97
N ILE F 33 -8.93 17.56 7.59
CA ILE F 33 -8.83 16.36 8.39
C ILE F 33 -9.01 16.72 9.86
N ALA F 34 -9.93 16.03 10.52
CA ALA F 34 -10.31 16.25 11.93
C ALA F 34 -11.05 17.55 12.13
N GLN F 35 -11.82 17.61 13.20
CA GLN F 35 -12.64 18.79 13.48
C GLN F 35 -12.09 19.65 14.62
N GLU F 36 -11.07 19.17 15.33
CA GLU F 36 -10.54 19.92 16.48
C GLU F 36 -9.05 19.69 16.62
N ILE F 37 -8.30 20.78 16.73
CA ILE F 37 -6.88 20.69 16.96
C ILE F 37 -6.50 21.55 18.16
N GLY F 38 -5.95 20.90 19.17
CA GLY F 38 -5.39 21.58 20.34
C GLY F 38 -3.87 21.58 20.23
N ILE F 39 -3.25 22.73 20.44
CA ILE F 39 -1.82 22.85 20.26
C ILE F 39 -1.16 23.11 21.62
N VAL F 40 -0.22 22.24 21.98
CA VAL F 40 0.44 22.31 23.27
C VAL F 40 1.92 22.55 23.08
N ASP F 41 2.46 23.54 23.76
CA ASP F 41 3.90 23.79 23.71
C ASP F 41 4.27 24.64 24.90
N ILE F 42 5.50 24.47 25.37
CA ILE F 42 6.00 25.31 26.46
C ILE F 42 5.84 26.80 26.18
N PHE F 43 6.06 27.22 24.93
CA PHE F 43 5.84 28.63 24.52
C PHE F 43 4.36 28.90 24.27
N LYS F 44 3.66 29.30 25.32
CA LYS F 44 2.22 29.54 25.25
C LYS F 44 1.85 30.66 24.29
N ASP F 45 2.65 31.71 24.24
CA ASP F 45 2.39 32.78 23.28
C ASP F 45 2.47 32.34 21.83
N LYS F 46 3.49 31.54 21.49
CA LYS F 46 3.63 31.06 20.15
C LYS F 46 2.42 30.20 19.78
N THR F 47 1.94 29.35 20.68
CA THR F 47 0.81 28.50 20.34
C THR F 47 -0.49 29.26 20.15
N LYS F 48 -0.71 30.28 20.95
CA LYS F 48 -1.84 31.17 20.74
C LYS F 48 -1.72 31.83 19.39
N GLY F 49 -0.52 32.28 19.07
CA GLY F 49 -0.24 32.93 17.79
C GLY F 49 -0.60 32.08 16.59
N ASP F 50 -0.19 30.82 16.61
CA ASP F 50 -0.47 29.91 15.51
C ASP F 50 -1.95 29.58 15.42
N ALA F 51 -2.56 29.24 16.57
CA ALA F 51 -3.97 28.95 16.63
C ALA F 51 -4.77 30.04 15.92
N ILE F 52 -4.54 31.30 16.23
CA ILE F 52 -5.41 32.30 15.66
C ILE F 52 -5.01 32.67 14.24
N ASP F 53 -3.78 32.35 13.85
CA ASP F 53 -3.38 32.57 12.47
C ASP F 53 -4.04 31.51 11.61
N LEU F 54 -4.00 30.27 12.07
CA LEU F 54 -4.65 29.16 11.40
C LEU F 54 -6.17 29.28 11.32
N GLU F 55 -6.79 29.88 12.31
CA GLU F 55 -8.23 30.14 12.25
C GLU F 55 -8.63 30.96 11.06
N ASP F 56 -7.77 31.90 10.66
CA ASP F 56 -8.07 32.75 9.52
C ASP F 56 -8.24 31.96 8.23
N ALA F 57 -7.71 30.73 8.18
CA ALA F 57 -7.83 29.90 6.99
C ALA F 57 -9.17 29.20 6.87
N LEU F 58 -9.89 29.09 7.98
CA LEU F 58 -11.06 28.22 8.04
C LEU F 58 -12.22 28.63 7.14
N PRO F 59 -12.44 29.93 6.92
CA PRO F 59 -13.54 30.30 6.03
C PRO F 59 -13.33 29.82 4.59
N PHE F 60 -12.12 29.40 4.26
CA PHE F 60 -11.80 28.87 2.95
C PHE F 60 -11.64 27.37 2.94
N THR F 61 -12.01 26.69 4.00
CA THR F 61 -11.79 25.22 4.13
C THR F 61 -12.95 24.66 4.94
N SER F 62 -12.83 23.50 5.52
CA SER F 62 -13.91 23.05 6.44
C SER F 62 -13.68 23.61 7.87
N PRO F 63 -14.72 23.59 8.73
CA PRO F 63 -14.60 24.14 10.09
C PRO F 63 -13.79 23.29 11.03
N LYS F 64 -13.25 23.93 12.05
CA LYS F 64 -12.43 23.29 13.04
C LYS F 64 -12.42 24.16 14.27
N LYS F 65 -12.34 23.54 15.42
CA LYS F 65 -12.05 24.23 16.65
C LYS F 65 -10.52 24.15 16.79
N ILE F 66 -9.85 25.29 16.78
CA ILE F 66 -8.40 25.33 16.94
C ILE F 66 -8.04 26.22 18.09
N TYR F 67 -7.18 25.76 18.98
CA TYR F 67 -6.84 26.55 20.16
C TYR F 67 -5.53 26.15 20.79
N SER F 68 -4.97 27.07 21.57
CA SER F 68 -3.80 26.78 22.42
C SER F 68 -4.27 25.87 23.55
N ALA F 69 -3.63 24.71 23.70
CA ALA F 69 -4.14 23.69 24.62
C ALA F 69 -3.17 23.30 25.72
N GLU F 70 -3.72 22.55 26.66
CA GLU F 70 -2.98 21.94 27.76
C GLU F 70 -3.04 20.42 27.63
N TYR F 71 -2.12 19.72 28.28
CA TYR F 71 -2.10 18.27 28.26
C TYR F 71 -3.44 17.67 28.71
N SER F 72 -4.14 18.34 29.60
CA SER F 72 -5.43 17.85 30.13
C SER F 72 -6.50 17.81 29.05
N ASP F 73 -6.34 18.63 28.03
CA ASP F 73 -7.24 18.66 26.87
C ASP F 73 -7.17 17.37 26.04
N ALA F 74 -6.24 16.47 26.34
CA ALA F 74 -6.17 15.19 25.60
C ALA F 74 -7.15 14.14 26.11
N LYS F 75 -7.89 14.43 27.19
CA LYS F 75 -8.78 13.44 27.79
C LYS F 75 -9.55 12.66 26.75
N ASP F 76 -10.14 13.38 25.81
CA ASP F 76 -11.04 12.78 24.83
C ASP F 76 -10.50 12.89 23.40
N ALA F 77 -9.21 13.06 23.26
CA ALA F 77 -8.62 13.16 21.95
C ALA F 77 -8.55 11.78 21.27
N ASP F 78 -8.69 11.80 19.94
CA ASP F 78 -8.49 10.60 19.14
C ASP F 78 -7.01 10.34 18.93
N LEU F 79 -6.23 11.42 18.93
CA LEU F 79 -4.89 11.38 18.38
C LEU F 79 -4.01 12.32 19.13
N VAL F 80 -2.85 11.83 19.58
CA VAL F 80 -1.82 12.72 20.17
C VAL F 80 -0.57 12.61 19.34
N VAL F 81 -0.15 13.74 18.78
CA VAL F 81 0.97 13.82 17.84
C VAL F 81 2.11 14.57 18.50
N ILE F 82 3.25 13.90 18.62
CA ILE F 82 4.39 14.45 19.35
C ILE F 82 5.48 14.86 18.38
N THR F 83 5.75 16.17 18.29
CA THR F 83 6.78 16.71 17.37
C THR F 83 8.06 17.40 17.87
N ALA F 84 8.14 17.82 19.09
CA ALA F 84 9.33 18.60 19.39
C ALA F 84 10.27 17.74 20.19
N GLY F 85 11.41 17.43 19.59
CA GLY F 85 12.48 16.80 20.32
C GLY F 85 13.66 17.72 20.31
N ALA F 86 14.45 17.63 21.36
CA ALA F 86 15.54 18.55 21.49
C ALA F 86 16.60 18.13 20.45
N PRO F 87 17.16 19.11 19.70
CA PRO F 87 18.17 18.76 18.70
C PRO F 87 19.48 18.31 19.35
N GLN F 88 20.24 17.47 18.66
CA GLN F 88 21.56 17.06 19.17
C GLN F 88 22.56 18.24 19.09
N LYS F 89 23.10 18.65 20.24
CA LYS F 89 24.07 19.76 20.33
C LYS F 89 25.41 19.15 19.89
N PRO F 90 26.33 19.99 19.34
CA PRO F 90 27.60 19.38 18.97
C PRO F 90 28.42 18.95 20.17
N GLY F 91 29.00 17.77 20.05
CA GLY F 91 29.73 17.17 21.15
C GLY F 91 28.93 16.24 22.06
N GLU F 92 27.62 16.13 21.85
CA GLU F 92 26.80 15.12 22.57
C GLU F 92 26.88 13.82 21.81
N THR F 93 26.85 12.70 22.55
CA THR F 93 26.65 11.36 22.00
C THR F 93 25.17 11.08 21.68
N ARG F 94 24.91 10.11 20.83
CA ARG F 94 23.54 9.69 20.63
C ARG F 94 22.88 9.26 21.95
N LEU F 95 23.64 8.64 22.82
CA LEU F 95 23.10 8.27 24.12
C LEU F 95 22.63 9.49 24.90
N ASP F 96 23.39 10.56 24.84
CA ASP F 96 23.01 11.81 25.51
C ASP F 96 21.77 12.49 24.92
N LEU F 97 21.70 12.48 23.60
CA LEU F 97 20.54 13.03 22.92
C LEU F 97 19.35 12.26 23.42
N VAL F 98 19.48 10.94 23.43
CA VAL F 98 18.43 10.10 23.98
C VAL F 98 18.01 10.37 25.44
N ASN F 99 18.94 10.59 26.36
CA ASN F 99 18.53 10.87 27.76
C ASN F 99 17.88 12.23 27.88
N LYS F 100 18.44 13.22 27.19
CA LYS F 100 17.86 14.58 27.22
C LYS F 100 16.39 14.53 26.75
N ASN F 101 16.14 13.77 25.68
CA ASN F 101 14.79 13.66 25.10
C ASN F 101 13.82 12.74 25.82
N LEU F 102 14.32 11.68 26.43
CA LEU F 102 13.50 10.90 27.37
C LEU F 102 12.96 11.73 28.52
N LYS F 103 13.80 12.57 29.12
CA LYS F 103 13.38 13.43 30.23
C LYS F 103 12.20 14.28 29.79
N ILE F 104 12.30 14.89 28.62
CA ILE F 104 11.24 15.70 28.06
C ILE F 104 10.02 14.84 27.73
N LEU F 105 10.23 13.77 26.96
CA LEU F 105 9.15 12.91 26.55
C LEU F 105 8.34 12.43 27.78
N LYS F 106 8.98 12.07 28.91
CA LYS F 106 8.30 11.65 30.17
C LYS F 106 7.32 12.71 30.64
N SER F 107 7.76 13.98 30.61
CA SER F 107 6.92 15.09 31.07
C SER F 107 5.78 15.44 30.13
N ILE F 108 5.71 14.76 28.99
CA ILE F 108 4.60 14.91 28.08
C ILE F 108 3.72 13.71 28.28
N VAL F 109 4.28 12.53 28.11
CA VAL F 109 3.46 11.33 28.08
C VAL F 109 2.72 11.10 29.40
N ASP F 110 3.35 11.37 30.52
CA ASP F 110 2.71 11.17 31.80
C ASP F 110 1.45 12.03 32.02
N PRO F 111 1.56 13.34 31.87
CA PRO F 111 0.32 14.14 31.99
C PRO F 111 -0.77 13.77 30.98
N ILE F 112 -0.36 13.29 29.82
CA ILE F 112 -1.32 12.94 28.77
C ILE F 112 -2.12 11.75 29.19
N VAL F 113 -1.41 10.72 29.62
CA VAL F 113 -2.07 9.50 30.07
C VAL F 113 -2.94 9.81 31.29
N ASP F 114 -2.41 10.60 32.20
CA ASP F 114 -3.16 11.02 33.38
C ASP F 114 -4.43 11.77 33.02
N SER F 115 -4.46 12.45 31.89
CA SER F 115 -5.68 13.15 31.49
C SER F 115 -6.84 12.20 31.20
N GLY F 116 -6.54 10.93 30.93
CA GLY F 116 -7.53 9.98 30.51
C GLY F 116 -7.41 9.63 29.04
N PHE F 117 -6.43 10.19 28.34
CA PHE F 117 -6.28 9.97 26.90
C PHE F 117 -6.33 8.47 26.60
N ASN F 118 -7.13 8.09 25.64
CA ASN F 118 -7.32 6.70 25.36
C ASN F 118 -7.36 6.48 23.85
N GLY F 119 -6.46 7.19 23.13
CA GLY F 119 -6.40 7.17 21.68
C GLY F 119 -5.15 6.52 21.13
N ILE F 120 -4.57 7.17 20.11
CA ILE F 120 -3.36 6.65 19.44
C ILE F 120 -2.29 7.72 19.58
N PHE F 121 -1.06 7.29 19.84
CA PHE F 121 0.07 8.19 19.85
C PHE F 121 0.71 8.13 18.48
N LEU F 122 0.90 9.28 17.86
CA LEU F 122 1.68 9.38 16.65
C LEU F 122 2.93 10.20 16.96
N VAL F 123 4.10 9.59 16.79
CA VAL F 123 5.37 10.18 17.20
C VAL F 123 6.25 10.56 15.99
N ALA F 124 6.71 11.80 15.98
CA ALA F 124 7.57 12.27 14.90
C ALA F 124 8.85 12.94 15.37
N ALA F 125 8.97 13.24 16.65
CA ALA F 125 10.18 13.82 17.19
C ALA F 125 11.38 12.90 16.92
N ASN F 126 12.55 13.49 16.65
CA ASN F 126 13.77 12.69 16.42
C ASN F 126 14.61 12.45 17.66
N PRO F 127 15.30 11.29 17.75
CA PRO F 127 15.27 10.13 16.83
C PRO F 127 13.99 9.31 17.00
N VAL F 128 13.27 9.14 15.90
CA VAL F 128 11.86 8.76 15.96
C VAL F 128 11.60 7.32 16.41
N ASP F 129 12.40 6.37 15.93
CA ASP F 129 12.17 4.97 16.29
C ASP F 129 12.47 4.75 17.78
N ILE F 130 13.48 5.45 18.31
CA ILE F 130 13.78 5.39 19.74
C ILE F 130 12.68 6.06 20.58
N LEU F 131 12.28 7.27 20.19
CA LEU F 131 11.25 7.96 20.93
C LEU F 131 9.90 7.24 20.83
N THR F 132 9.68 6.52 19.75
CA THR F 132 8.45 5.76 19.62
C THR F 132 8.42 4.65 20.69
N TYR F 133 9.52 3.88 20.78
CA TYR F 133 9.69 2.86 21.82
C TYR F 133 9.50 3.47 23.20
N ALA F 134 10.22 4.55 23.46
CA ALA F 134 10.08 5.26 24.72
C ALA F 134 8.63 5.58 25.04
N THR F 135 7.89 6.03 24.03
CA THR F 135 6.52 6.48 24.21
C THR F 135 5.67 5.28 24.61
N TRP F 136 5.92 4.14 23.97
CA TRP F 136 5.24 2.90 24.32
C TRP F 136 5.53 2.54 25.77
N LYS F 137 6.82 2.45 26.09
CA LYS F 137 7.27 2.15 27.47
C LYS F 137 6.61 3.10 28.47
N LEU F 138 6.73 4.40 28.28
CA LEU F 138 6.22 5.36 29.26
C LEU F 138 4.70 5.37 29.36
N SER F 139 4.00 5.05 28.28
CA SER F 139 2.54 5.22 28.26
C SER F 139 1.82 3.99 28.75
N GLY F 140 2.42 2.83 28.53
CA GLY F 140 1.77 1.57 28.81
C GLY F 140 0.68 1.21 27.83
N PHE F 141 0.60 1.95 26.72
CA PHE F 141 -0.42 1.67 25.66
C PHE F 141 -0.04 0.42 24.90
N PRO F 142 -1.00 -0.20 24.24
CA PRO F 142 -0.65 -1.33 23.39
C PRO F 142 0.31 -0.94 22.25
N LYS F 143 1.12 -1.91 21.84
CA LYS F 143 2.13 -1.76 20.80
C LYS F 143 1.58 -1.09 19.56
N ASN F 144 0.39 -1.53 19.18
CA ASN F 144 -0.15 -1.13 17.91
C ASN F 144 -0.84 0.23 17.93
N ARG F 145 -0.98 0.82 19.12
CA ARG F 145 -1.52 2.16 19.26
C ARG F 145 -0.42 3.18 19.54
N VAL F 146 0.82 2.81 19.27
CA VAL F 146 1.91 3.78 19.34
C VAL F 146 2.65 3.66 18.03
N VAL F 147 2.67 4.75 17.27
CA VAL F 147 3.10 4.70 15.90
C VAL F 147 4.08 5.80 15.65
N GLY F 148 5.17 5.49 14.96
CA GLY F 148 6.13 6.53 14.62
C GLY F 148 6.12 6.78 13.14
N SER F 149 6.54 7.97 12.73
CA SER F 149 6.55 8.30 11.34
C SER F 149 7.58 7.45 10.63
N GLY F 150 8.62 7.06 11.33
CA GLY F 150 9.63 6.15 10.79
C GLY F 150 10.16 6.62 9.45
N THR F 151 10.11 5.74 8.46
CA THR F 151 10.72 6.02 7.17
C THR F 151 9.69 6.41 6.12
N SER F 152 8.53 6.91 6.56
CA SER F 152 7.54 7.41 5.61
C SER F 152 8.10 8.54 4.77
N LEU F 153 8.79 9.47 5.42
CA LEU F 153 9.31 10.61 4.74
C LEU F 153 10.43 10.23 3.79
N ASP F 154 11.33 9.37 4.24
CA ASP F 154 12.44 8.94 3.38
C ASP F 154 11.92 8.22 2.17
N THR F 155 10.89 7.41 2.39
CA THR F 155 10.22 6.72 1.31
C THR F 155 9.62 7.71 0.31
N ALA F 156 8.98 8.75 0.80
CA ALA F 156 8.41 9.74 -0.08
C ALA F 156 9.51 10.40 -0.89
N ARG F 157 10.60 10.74 -0.22
CA ARG F 157 11.75 11.37 -0.89
C ARG F 157 12.32 10.47 -1.98
N PHE F 158 12.37 9.18 -1.64
CA PHE F 158 12.88 8.16 -2.53
C PHE F 158 11.98 8.04 -3.74
N ARG F 159 10.68 8.01 -3.50
CA ARG F 159 9.74 7.91 -4.61
C ARG F 159 9.81 9.14 -5.53
N GLN F 160 9.87 10.32 -4.93
CA GLN F 160 9.94 11.53 -5.71
C GLN F 160 11.21 11.61 -6.52
N SER F 161 12.28 11.13 -5.93
CA SER F 161 13.55 11.13 -6.58
C SER F 161 13.52 10.29 -7.87
N ILE F 162 13.02 9.08 -7.74
CA ILE F 162 12.85 8.18 -8.86
C ILE F 162 11.87 8.75 -9.89
N ALA F 163 10.76 9.26 -9.41
CA ALA F 163 9.73 9.89 -10.23
C ALA F 163 10.33 10.94 -11.15
N LYS F 164 11.18 11.82 -10.61
CA LYS F 164 11.82 12.87 -11.40
C LYS F 164 12.73 12.30 -12.47
N MET F 165 13.46 11.27 -12.11
CA MET F 165 14.38 10.66 -13.02
C MET F 165 13.65 10.08 -14.21
N VAL F 166 12.57 9.35 -13.97
CA VAL F 166 11.90 8.63 -15.07
C VAL F 166 10.74 9.43 -15.66
N ASN F 167 10.50 10.61 -15.10
CA ASN F 167 9.43 11.50 -15.52
C ASN F 167 8.02 10.89 -15.41
N VAL F 168 7.68 10.49 -14.20
CA VAL F 168 6.41 9.86 -13.88
C VAL F 168 5.87 10.38 -12.54
N ASP F 169 4.56 10.52 -12.43
CA ASP F 169 3.89 10.88 -11.19
C ASP F 169 4.38 10.00 -10.05
N ALA F 170 4.86 10.60 -8.97
CA ALA F 170 5.42 9.83 -7.87
C ALA F 170 4.43 8.85 -7.26
N ARG F 171 3.12 9.11 -7.43
CA ARG F 171 2.12 8.16 -6.95
C ARG F 171 2.11 6.84 -7.72
N SER F 172 2.71 6.81 -8.90
CA SER F 172 2.89 5.59 -9.66
C SER F 172 4.25 4.94 -9.41
N VAL F 173 4.97 5.39 -8.39
CA VAL F 173 6.28 4.86 -8.09
C VAL F 173 6.18 4.26 -6.73
N HIS F 174 6.65 3.03 -6.59
CA HIS F 174 6.49 2.27 -5.37
C HIS F 174 7.85 1.73 -4.95
N ALA F 175 8.40 2.29 -3.88
CA ALA F 175 9.72 1.95 -3.40
C ALA F 175 9.81 2.30 -1.95
N TYR F 176 10.49 1.50 -1.17
CA TYR F 176 10.63 1.79 0.26
C TYR F 176 12.04 2.11 0.72
N ILE F 177 12.11 2.91 1.76
CA ILE F 177 13.27 2.98 2.61
C ILE F 177 12.80 2.39 3.93
N MET F 178 13.61 1.49 4.47
CA MET F 178 13.32 0.86 5.73
C MET F 178 14.50 0.97 6.65
N GLY F 179 14.25 0.63 7.91
CA GLY F 179 15.25 0.60 8.94
C GLY F 179 15.00 1.70 9.92
N GLU F 180 16.02 2.00 10.70
CA GLU F 180 15.95 3.17 11.55
C GLU F 180 16.04 4.38 10.67
N HIS F 181 15.14 5.34 10.87
CA HIS F 181 15.22 6.63 10.18
C HIS F 181 16.52 7.27 10.63
N GLY F 182 17.40 7.57 9.68
CA GLY F 182 18.70 8.12 10.00
C GLY F 182 19.73 7.44 9.14
N ASP F 183 21.00 7.46 9.59
CA ASP F 183 22.14 7.07 8.73
C ASP F 183 22.17 5.59 8.35
N THR F 184 21.57 4.70 9.14
CA THR F 184 21.59 3.26 8.84
C THR F 184 20.39 2.77 8.07
N GLU F 185 19.53 3.67 7.61
CA GLU F 185 18.38 3.29 6.77
C GLU F 185 18.88 2.80 5.41
N PHE F 186 18.04 2.10 4.66
CA PHE F 186 18.47 1.55 3.38
C PHE F 186 17.30 1.41 2.41
N PRO F 187 17.59 1.47 1.12
CA PRO F 187 16.57 1.25 0.12
C PRO F 187 16.28 -0.22 -0.14
N VAL F 188 15.05 -0.52 -0.53
CA VAL F 188 14.64 -1.89 -0.83
C VAL F 188 14.47 -1.99 -2.32
N TRP F 189 15.60 -1.92 -3.03
CA TRP F 189 15.59 -1.94 -4.50
C TRP F 189 14.91 -3.17 -5.05
N SER F 190 14.98 -4.26 -4.32
CA SER F 190 14.48 -5.53 -4.83
C SER F 190 13.02 -5.49 -5.18
N HIS F 191 12.24 -4.70 -4.45
CA HIS F 191 10.79 -4.59 -4.67
C HIS F 191 10.36 -3.21 -5.18
N ALA F 192 11.32 -2.33 -5.41
CA ALA F 192 11.00 -1.02 -5.92
C ALA F 192 10.52 -1.16 -7.34
N ASN F 193 9.52 -0.38 -7.71
CA ASN F 193 9.00 -0.45 -9.05
C ASN F 193 8.26 0.80 -9.47
N ILE F 194 8.02 0.90 -10.77
CA ILE F 194 7.32 1.99 -11.36
C ILE F 194 6.21 1.33 -12.14
N GLY F 195 4.99 1.54 -11.66
CA GLY F 195 3.82 0.97 -12.31
C GLY F 195 3.89 -0.53 -12.45
N GLY F 196 4.49 -1.17 -11.46
CA GLY F 196 4.64 -2.64 -11.46
C GLY F 196 5.96 -3.17 -12.01
N VAL F 197 6.53 -2.46 -12.99
CA VAL F 197 7.85 -2.78 -13.55
C VAL F 197 8.94 -2.48 -12.53
N THR F 198 9.75 -3.49 -12.16
CA THR F 198 10.77 -3.31 -11.13
C THR F 198 11.90 -2.42 -11.62
N ILE F 199 12.68 -1.91 -10.67
CA ILE F 199 13.81 -1.05 -11.03
C ILE F 199 14.82 -1.85 -11.85
N ALA F 200 15.10 -3.09 -11.42
CA ALA F 200 15.96 -3.96 -12.21
C ALA F 200 15.47 -4.01 -13.67
N GLU F 201 14.19 -4.34 -13.85
CA GLU F 201 13.62 -4.47 -15.19
C GLU F 201 13.69 -3.17 -15.97
N TRP F 202 13.52 -2.05 -15.25
CA TRP F 202 13.50 -0.72 -15.87
C TRP F 202 14.88 -0.34 -16.41
N VAL F 203 15.91 -0.61 -15.60
CA VAL F 203 17.29 -0.38 -15.99
C VAL F 203 17.71 -1.21 -17.21
N LYS F 204 17.26 -2.47 -17.25
CA LYS F 204 17.52 -3.36 -18.37
C LYS F 204 16.88 -2.75 -19.67
N ALA F 205 15.71 -2.11 -19.57
CA ALA F 205 15.05 -1.49 -20.73
C ALA F 205 15.65 -0.12 -21.07
N HIS F 206 16.30 0.50 -20.08
CA HIS F 206 16.85 1.84 -20.19
C HIS F 206 18.27 1.85 -19.60
N PRO F 207 19.23 1.23 -20.30
CA PRO F 207 20.61 1.12 -19.82
C PRO F 207 21.41 2.44 -19.75
N GLU F 208 20.91 3.53 -20.36
CA GLU F 208 21.38 4.90 -20.01
C GLU F 208 21.46 5.10 -18.51
N ILE F 209 20.54 4.49 -17.76
CA ILE F 209 20.49 4.66 -16.31
C ILE F 209 21.60 3.78 -15.76
N LYS F 210 22.65 4.42 -15.29
CA LYS F 210 23.80 3.70 -14.78
C LYS F 210 23.60 3.35 -13.33
N GLU F 211 24.20 2.25 -12.90
CA GLU F 211 24.08 1.82 -11.52
C GLU F 211 24.51 2.85 -10.52
N ASP F 212 25.57 3.59 -10.83
CA ASP F 212 26.10 4.60 -9.90
C ASP F 212 25.12 5.75 -9.69
N LYS F 213 24.34 6.10 -10.71
CA LYS F 213 23.26 7.07 -10.54
C LYS F 213 22.27 6.66 -9.44
N LEU F 214 21.85 5.39 -9.47
CA LEU F 214 20.89 4.89 -8.47
C LEU F 214 21.48 4.90 -7.07
N VAL F 215 22.75 4.56 -6.94
CA VAL F 215 23.40 4.61 -5.65
C VAL F 215 23.44 6.06 -5.16
N LYS F 216 23.78 7.01 -6.03
CA LYS F 216 23.83 8.43 -5.63
C LYS F 216 22.45 8.93 -5.20
N MET F 217 21.43 8.48 -5.94
CA MET F 217 20.04 8.83 -5.67
C MET F 217 19.67 8.49 -4.24
N PHE F 218 20.03 7.30 -3.81
CA PHE F 218 19.74 6.88 -2.45
C PHE F 218 20.56 7.66 -1.45
N GLU F 219 21.85 7.81 -1.71
CA GLU F 219 22.71 8.61 -0.81
C GLU F 219 22.16 10.04 -0.63
N ASP F 220 21.73 10.64 -1.73
CA ASP F 220 21.08 11.94 -1.69
C ASP F 220 19.81 11.95 -0.86
N VAL F 221 19.00 10.92 -1.01
CA VAL F 221 17.82 10.75 -0.14
C VAL F 221 18.21 10.65 1.35
N ARG F 222 19.15 9.77 1.70
CA ARG F 222 19.58 9.64 3.07
C ARG F 222 20.12 10.94 3.66
N ASN F 223 20.74 11.78 2.83
CA ASN F 223 21.29 13.05 3.29
C ASN F 223 20.37 14.23 3.08
N LYS F 224 19.16 14.01 2.61
CA LYS F 224 18.31 15.09 2.18
C LYS F 224 18.02 16.08 3.32
N ALA F 225 17.80 15.60 4.53
CA ALA F 225 17.56 16.52 5.64
C ALA F 225 18.72 17.51 5.80
N TYR F 226 19.94 17.00 5.77
CA TYR F 226 21.11 17.80 5.94
C TYR F 226 21.19 18.83 4.82
N GLU F 227 20.93 18.42 3.57
CA GLU F 227 20.93 19.34 2.42
C GLU F 227 19.93 20.48 2.65
N ILE F 228 18.74 20.13 3.13
CA ILE F 228 17.70 21.12 3.32
C ILE F 228 18.09 22.08 4.41
N ILE F 229 18.66 21.57 5.49
CA ILE F 229 19.05 22.42 6.61
C ILE F 229 20.16 23.37 6.16
N LYS F 230 21.12 22.84 5.38
CA LYS F 230 22.18 23.65 4.81
C LYS F 230 21.58 24.79 4.02
N LEU F 231 20.51 24.54 3.29
CA LEU F 231 19.94 25.51 2.39
C LEU F 231 18.96 26.46 2.99
N LYS F 232 18.25 26.06 4.02
CA LYS F 232 17.20 26.93 4.54
C LYS F 232 16.95 26.80 6.02
N GLY F 233 17.77 26.07 6.75
CA GLY F 233 17.75 26.14 8.20
C GLY F 233 17.02 25.02 8.90
N ALA F 234 15.93 24.56 8.32
CA ALA F 234 15.17 23.45 8.89
C ALA F 234 14.37 22.79 7.81
N THR F 235 13.82 21.61 8.12
CA THR F 235 12.96 20.87 7.16
C THR F 235 11.64 20.71 7.83
N PHE F 236 10.56 20.86 7.09
CA PHE F 236 9.26 20.62 7.70
C PHE F 236 8.11 20.21 6.78
N TYR F 237 8.09 20.66 5.54
CA TYR F 237 6.96 20.38 4.69
C TYR F 237 6.74 18.88 4.47
N GLY F 238 7.82 18.15 4.25
CA GLY F 238 7.72 16.74 3.97
C GLY F 238 7.10 15.99 5.13
N ILE F 239 7.69 16.13 6.31
CA ILE F 239 7.23 15.38 7.48
C ILE F 239 5.83 15.79 7.89
N ALA F 240 5.52 17.09 7.80
CA ALA F 240 4.16 17.56 8.07
C ALA F 240 3.14 16.88 7.19
N THR F 241 3.41 16.86 5.89
CA THR F 241 2.55 16.18 4.95
C THR F 241 2.39 14.69 5.27
N ALA F 242 3.49 14.03 5.63
CA ALA F 242 3.43 12.62 5.97
C ALA F 242 2.57 12.39 7.22
N LEU F 243 2.77 13.22 8.24
CA LEU F 243 1.96 13.12 9.41
C LEU F 243 0.48 13.29 9.12
N ALA F 244 0.15 14.22 8.24
CA ALA F 244 -1.25 14.41 7.83
C ALA F 244 -1.78 13.15 7.10
N ARG F 245 -0.96 12.54 6.26
CA ARG F 245 -1.34 11.34 5.57
C ARG F 245 -1.65 10.22 6.54
N ILE F 246 -0.82 10.07 7.55
CA ILE F 246 -0.99 9.01 8.54
C ILE F 246 -2.23 9.32 9.36
N SER F 247 -2.40 10.56 9.78
CA SER F 247 -3.59 10.97 10.50
C SER F 247 -4.84 10.66 9.70
N LYS F 248 -4.83 10.89 8.41
CA LYS F 248 -6.02 10.64 7.58
C LYS F 248 -6.33 9.16 7.53
N ALA F 249 -5.29 8.35 7.44
CA ALA F 249 -5.44 6.91 7.39
C ALA F 249 -6.08 6.35 8.65
N ILE F 250 -5.66 6.88 9.79
CA ILE F 250 -6.27 6.48 11.04
C ILE F 250 -7.68 7.00 11.12
N LEU F 251 -7.85 8.30 10.99
CA LEU F 251 -9.18 8.90 11.21
C LEU F 251 -10.25 8.46 10.22
N ASN F 252 -9.90 8.09 8.98
CA ASN F 252 -10.87 7.54 8.02
C ASN F 252 -10.79 6.03 7.87
N ASP F 253 -10.08 5.37 8.79
CA ASP F 253 -10.10 3.94 8.90
C ASP F 253 -9.76 3.28 7.57
N GLU F 254 -8.67 3.71 6.96
CA GLU F 254 -8.37 3.35 5.58
C GLU F 254 -7.82 1.92 5.37
N ASN F 255 -7.15 1.33 6.36
CA ASN F 255 -6.34 0.11 6.13
C ASN F 255 -5.32 0.36 5.02
N ALA F 256 -4.61 1.45 5.15
CA ALA F 256 -3.62 1.87 4.18
C ALA F 256 -2.29 1.27 4.55
N VAL F 257 -1.48 1.02 3.52
CA VAL F 257 -0.13 0.53 3.71
C VAL F 257 0.82 1.71 3.69
N LEU F 258 1.60 1.88 4.73
CA LEU F 258 2.55 2.96 4.84
C LEU F 258 3.79 2.47 5.56
N PRO F 259 4.96 3.03 5.23
CA PRO F 259 6.14 2.70 6.05
C PRO F 259 6.12 3.45 7.37
N LEU F 260 6.21 2.74 8.49
CA LEU F 260 6.06 3.36 9.79
C LEU F 260 6.96 2.71 10.83
N SER F 261 7.24 3.43 11.90
CA SER F 261 7.89 2.83 13.05
C SER F 261 6.88 1.91 13.76
N VAL F 262 7.14 0.61 13.71
CA VAL F 262 6.28 -0.38 14.36
C VAL F 262 7.11 -1.38 15.19
N TYR F 263 6.45 -2.00 16.17
CA TYR F 263 7.08 -2.93 17.09
C TYR F 263 7.39 -4.26 16.43
N MET F 264 8.64 -4.71 16.54
CA MET F 264 9.07 -5.98 15.97
C MET F 264 8.84 -7.13 16.96
N ASP F 265 8.01 -8.08 16.54
CA ASP F 265 7.73 -9.31 17.29
C ASP F 265 8.13 -10.49 16.44
N GLY F 266 9.41 -10.52 16.03
CA GLY F 266 9.92 -11.60 15.22
C GLY F 266 10.22 -11.26 13.78
N GLN F 267 9.54 -10.26 13.24
CA GLN F 267 9.69 -9.94 11.80
C GLN F 267 11.14 -9.58 11.49
N TYR F 268 11.64 -10.05 10.34
CA TYR F 268 13.03 -9.87 9.94
C TYR F 268 14.05 -10.45 10.95
N GLY F 269 13.59 -11.32 11.85
CA GLY F 269 14.45 -11.79 12.92
C GLY F 269 14.69 -10.76 14.00
N LEU F 270 13.78 -9.81 14.15
CA LEU F 270 13.96 -8.71 15.10
C LEU F 270 12.97 -8.76 16.24
N ASN F 271 13.35 -8.17 17.36
CA ASN F 271 12.52 -8.21 18.55
C ASN F 271 12.67 -7.05 19.51
N ASP F 272 11.54 -6.63 20.07
CA ASP F 272 11.51 -5.63 21.11
C ASP F 272 12.22 -4.36 20.75
N ILE F 273 11.97 -3.92 19.52
CA ILE F 273 12.25 -2.54 19.10
C ILE F 273 11.22 -2.05 18.13
N TYR F 274 11.12 -0.73 18.03
CA TYR F 274 10.37 -0.10 16.96
C TYR F 274 11.35 0.21 15.89
N ILE F 275 10.98 -0.13 14.66
CA ILE F 275 11.77 0.15 13.50
C ILE F 275 10.86 0.28 12.27
N GLY F 276 11.39 0.91 11.24
CA GLY F 276 10.59 1.26 10.08
C GLY F 276 10.39 0.12 9.10
N THR F 277 9.12 -0.18 8.81
CA THR F 277 8.72 -1.18 7.81
C THR F 277 7.28 -0.89 7.31
N PRO F 278 6.93 -1.38 6.13
CA PRO F 278 5.56 -1.24 5.66
C PRO F 278 4.58 -1.90 6.62
N ALA F 279 3.49 -1.22 6.93
CA ALA F 279 2.49 -1.74 7.83
C ALA F 279 1.10 -1.27 7.40
N VAL F 280 0.08 -2.04 7.78
CA VAL F 280 -1.31 -1.67 7.48
C VAL F 280 -1.86 -0.93 8.67
N ILE F 281 -2.47 0.22 8.43
CA ILE F 281 -2.91 1.06 9.53
C ILE F 281 -4.37 1.46 9.35
N ASN F 282 -5.11 1.55 10.45
CA ASN F 282 -6.48 1.98 10.42
C ASN F 282 -6.87 2.68 11.71
N ARG F 283 -8.16 2.85 11.96
CA ARG F 283 -8.63 3.57 13.14
C ARG F 283 -8.10 3.01 14.45
N ASN F 284 -7.77 1.73 14.48
CA ASN F 284 -7.23 1.08 15.70
C ASN F 284 -5.71 0.96 15.73
N GLY F 285 -5.05 1.71 14.86
CA GLY F 285 -3.62 1.68 14.81
C GLY F 285 -3.19 0.54 13.91
N ILE F 286 -2.08 -0.10 14.26
CA ILE F 286 -1.40 -1.01 13.36
C ILE F 286 -2.17 -2.30 13.36
N GLN F 287 -2.55 -2.76 12.18
CA GLN F 287 -3.26 -4.01 12.04
C GLN F 287 -2.27 -5.09 11.68
N ASN F 288 -1.51 -4.88 10.62
CA ASN F 288 -0.57 -5.86 10.12
C ASN F 288 0.77 -5.21 9.98
N ILE F 289 1.83 -6.00 10.07
CA ILE F 289 3.14 -5.55 9.71
C ILE F 289 3.53 -6.32 8.48
N LEU F 290 3.76 -5.65 7.36
CA LEU F 290 4.21 -6.37 6.20
C LEU F 290 5.68 -6.68 6.34
N GLU F 291 6.04 -7.90 6.01
CA GLU F 291 7.40 -8.33 6.08
C GLU F 291 7.86 -8.54 4.66
N ILE F 292 8.60 -7.58 4.12
CA ILE F 292 9.08 -7.71 2.77
C ILE F 292 10.20 -8.77 2.75
N PRO F 293 10.12 -9.76 1.84
CA PRO F 293 11.24 -10.68 1.69
C PRO F 293 12.46 -9.95 1.09
N LEU F 294 13.47 -9.74 1.92
CA LEU F 294 14.63 -8.97 1.47
C LEU F 294 15.67 -9.86 0.83
N THR F 295 16.54 -9.28 0.01
CA THR F 295 17.72 -9.97 -0.45
C THR F 295 18.67 -10.17 0.72
N ASP F 296 19.77 -10.89 0.49
CA ASP F 296 20.77 -11.04 1.54
C ASP F 296 21.34 -9.68 1.93
N HIS F 297 21.79 -8.92 0.93
CA HIS F 297 22.36 -7.59 1.16
C HIS F 297 21.36 -6.72 1.96
N GLU F 298 20.11 -6.65 1.50
CA GLU F 298 19.08 -5.86 2.15
C GLU F 298 18.81 -6.32 3.59
N GLU F 299 18.77 -7.63 3.81
CA GLU F 299 18.54 -8.16 5.15
C GLU F 299 19.70 -7.79 6.08
N GLU F 300 20.92 -7.86 5.56
CA GLU F 300 22.12 -7.42 6.30
C GLU F 300 21.92 -5.99 6.81
N SER F 301 21.54 -5.10 5.88
CA SER F 301 21.31 -3.68 6.21
C SER F 301 20.28 -3.55 7.32
N MET F 302 19.20 -4.33 7.22
CA MET F 302 18.15 -4.26 8.24
C MET F 302 18.70 -4.66 9.61
N GLN F 303 19.50 -5.72 9.62
CA GLN F 303 20.11 -6.25 10.84
C GLN F 303 21.05 -5.24 11.49
N LYS F 304 21.92 -4.62 10.68
CA LYS F 304 22.86 -3.61 11.16
C LYS F 304 22.12 -2.42 11.75
N SER F 305 21.11 -1.95 11.00
CA SER F 305 20.28 -0.84 11.45
C SER F 305 19.63 -1.18 12.79
N ALA F 306 19.05 -2.38 12.86
CA ALA F 306 18.35 -2.80 14.07
C ALA F 306 19.30 -2.99 15.24
N SER F 307 20.47 -3.55 14.95
CA SER F 307 21.44 -3.81 15.98
C SER F 307 21.95 -2.54 16.65
N GLN F 308 22.44 -1.57 15.85
CA GLN F 308 22.91 -0.30 16.44
C GLN F 308 21.76 0.36 17.18
N LEU F 309 20.55 0.28 16.63
CA LEU F 309 19.38 0.87 17.26
C LEU F 309 19.09 0.26 18.62
N LYS F 310 19.19 -1.06 18.68
CA LYS F 310 18.88 -1.77 19.88
C LYS F 310 19.87 -1.57 20.95
N LYS F 311 21.16 -1.51 20.59
CA LYS F 311 22.19 -1.26 21.53
C LYS F 311 21.95 0.08 22.21
N VAL F 312 21.60 1.12 21.45
CA VAL F 312 21.34 2.44 22.01
C VAL F 312 20.14 2.42 22.99
N LEU F 313 19.08 1.71 22.61
CA LEU F 313 17.91 1.57 23.51
C LEU F 313 18.26 0.96 24.88
N THR F 314 18.94 -0.18 24.85
CA THR F 314 19.32 -0.90 26.05
C THR F 314 20.12 -0.01 26.98
N ASP F 315 21.17 0.59 26.44
CA ASP F 315 22.03 1.50 27.18
C ASP F 315 21.20 2.63 27.80
N ALA F 316 20.30 3.20 27.02
CA ALA F 316 19.46 4.30 27.49
C ALA F 316 18.53 3.92 28.64
N PHE F 317 18.05 2.69 28.64
CA PHE F 317 17.23 2.21 29.76
C PHE F 317 18.08 1.35 30.73
N ALA F 318 18.95 2.02 31.51
CA ALA F 318 19.80 1.37 32.51
C ALA F 318 20.37 2.40 33.47
#